data_2P64
# 
_entry.id   2P64 
# 
_audit_conform.dict_name       mmcif_pdbx.dic 
_audit_conform.dict_version    5.398 
_audit_conform.dict_location   http://mmcif.pdb.org/dictionaries/ascii/mmcif_pdbx.dic 
# 
loop_
_database_2.database_id 
_database_2.database_code 
_database_2.pdbx_database_accession 
_database_2.pdbx_DOI 
PDB   2P64         pdb_00002p64 10.2210/pdb2p64/pdb 
RCSB  RCSB042013   ?            ?                   
WWPDB D_1000042013 ?            ?                   
# 
loop_
_pdbx_audit_revision_history.ordinal 
_pdbx_audit_revision_history.data_content_type 
_pdbx_audit_revision_history.major_revision 
_pdbx_audit_revision_history.minor_revision 
_pdbx_audit_revision_history.revision_date 
1 'Structure model' 1 0 2007-06-19 
2 'Structure model' 1 1 2008-05-01 
3 'Structure model' 1 2 2011-07-13 
4 'Structure model' 1 3 2024-10-30 
# 
_pdbx_audit_revision_details.ordinal             1 
_pdbx_audit_revision_details.revision_ordinal    1 
_pdbx_audit_revision_details.data_content_type   'Structure model' 
_pdbx_audit_revision_details.provider            repository 
_pdbx_audit_revision_details.type                'Initial release' 
_pdbx_audit_revision_details.description         ? 
_pdbx_audit_revision_details.details             ? 
# 
loop_
_pdbx_audit_revision_group.ordinal 
_pdbx_audit_revision_group.revision_ordinal 
_pdbx_audit_revision_group.data_content_type 
_pdbx_audit_revision_group.group 
1 2 'Structure model' 'Version format compliance' 
2 3 'Structure model' Advisory                    
3 3 'Structure model' 'Version format compliance' 
4 4 'Structure model' 'Data collection'           
5 4 'Structure model' 'Database references'       
6 4 'Structure model' 'Derived calculations'      
7 4 'Structure model' 'Structure summary'         
# 
loop_
_pdbx_audit_revision_category.ordinal 
_pdbx_audit_revision_category.revision_ordinal 
_pdbx_audit_revision_category.data_content_type 
_pdbx_audit_revision_category.category 
1  4 'Structure model' chem_comp_atom            
2  4 'Structure model' chem_comp_bond            
3  4 'Structure model' database_2                
4  4 'Structure model' pdbx_entry_details        
5  4 'Structure model' pdbx_modification_feature 
6  4 'Structure model' pdbx_struct_conn_angle    
7  4 'Structure model' struct_conn               
8  4 'Structure model' struct_conn_type          
9  4 'Structure model' struct_ref_seq_dif        
10 4 'Structure model' struct_site               
# 
loop_
_pdbx_audit_revision_item.ordinal 
_pdbx_audit_revision_item.revision_ordinal 
_pdbx_audit_revision_item.data_content_type 
_pdbx_audit_revision_item.item 
1  4 'Structure model' '_database_2.pdbx_DOI'                        
2  4 'Structure model' '_database_2.pdbx_database_accession'         
3  4 'Structure model' '_pdbx_struct_conn_angle.ptnr1_auth_asym_id'  
4  4 'Structure model' '_pdbx_struct_conn_angle.ptnr1_auth_comp_id'  
5  4 'Structure model' '_pdbx_struct_conn_angle.ptnr1_auth_seq_id'   
6  4 'Structure model' '_pdbx_struct_conn_angle.ptnr1_label_asym_id' 
7  4 'Structure model' '_pdbx_struct_conn_angle.ptnr1_label_atom_id' 
8  4 'Structure model' '_pdbx_struct_conn_angle.ptnr1_label_comp_id' 
9  4 'Structure model' '_pdbx_struct_conn_angle.ptnr1_label_seq_id'  
10 4 'Structure model' '_pdbx_struct_conn_angle.ptnr3_auth_asym_id'  
11 4 'Structure model' '_pdbx_struct_conn_angle.ptnr3_auth_comp_id'  
12 4 'Structure model' '_pdbx_struct_conn_angle.ptnr3_auth_seq_id'   
13 4 'Structure model' '_pdbx_struct_conn_angle.ptnr3_label_asym_id' 
14 4 'Structure model' '_pdbx_struct_conn_angle.ptnr3_label_atom_id' 
15 4 'Structure model' '_pdbx_struct_conn_angle.ptnr3_label_comp_id' 
16 4 'Structure model' '_pdbx_struct_conn_angle.ptnr3_label_seq_id'  
17 4 'Structure model' '_pdbx_struct_conn_angle.value'               
18 4 'Structure model' '_struct_conn.conn_type_id'                   
19 4 'Structure model' '_struct_conn.id'                             
20 4 'Structure model' '_struct_conn.pdbx_dist_value'                
21 4 'Structure model' '_struct_conn.pdbx_leaving_atom_flag'         
22 4 'Structure model' '_struct_conn.ptnr1_auth_asym_id'             
23 4 'Structure model' '_struct_conn.ptnr1_auth_comp_id'             
24 4 'Structure model' '_struct_conn.ptnr1_auth_seq_id'              
25 4 'Structure model' '_struct_conn.ptnr1_label_asym_id'            
26 4 'Structure model' '_struct_conn.ptnr1_label_atom_id'            
27 4 'Structure model' '_struct_conn.ptnr1_label_comp_id'            
28 4 'Structure model' '_struct_conn.ptnr1_label_seq_id'             
29 4 'Structure model' '_struct_conn.ptnr2_auth_asym_id'             
30 4 'Structure model' '_struct_conn.ptnr2_auth_comp_id'             
31 4 'Structure model' '_struct_conn.ptnr2_auth_seq_id'              
32 4 'Structure model' '_struct_conn.ptnr2_label_asym_id'            
33 4 'Structure model' '_struct_conn.ptnr2_label_atom_id'            
34 4 'Structure model' '_struct_conn.ptnr2_label_comp_id'            
35 4 'Structure model' '_struct_conn.ptnr2_label_seq_id'             
36 4 'Structure model' '_struct_conn_type.id'                        
37 4 'Structure model' '_struct_ref_seq_dif.details'                 
38 4 'Structure model' '_struct_site.pdbx_auth_asym_id'              
39 4 'Structure model' '_struct_site.pdbx_auth_comp_id'              
40 4 'Structure model' '_struct_site.pdbx_auth_seq_id'               
# 
_pdbx_database_status.status_code                     REL 
_pdbx_database_status.entry_id                        2P64 
_pdbx_database_status.recvd_initial_deposition_date   2007-03-16 
_pdbx_database_status.deposit_site                    RCSB 
_pdbx_database_status.process_site                    RCSB 
_pdbx_database_status.status_code_sf                  REL 
_pdbx_database_status.status_code_mr                  ? 
_pdbx_database_status.SG_entry                        ? 
_pdbx_database_status.pdb_format_compatible           Y 
_pdbx_database_status.status_code_cs                  ? 
_pdbx_database_status.status_code_nmr_data            ? 
_pdbx_database_status.methods_development_category    ? 
# 
loop_
_audit_author.name 
_audit_author.pdbx_ordinal 
'Neculai, D.'    1 
'Orlicky, S.'    2 
'Ceccarelli, D.' 3 
# 
_citation.id                        primary 
_citation.title                     
'Suprafacial orientation of the SCFCdc4 dimer accommodates multiple geometries for substrate ubiquitination.' 
_citation.journal_abbrev            'Cell(Cambridge,Mass.)' 
_citation.journal_volume            129 
_citation.page_first                1165 
_citation.page_last                 1176 
_citation.year                      2007 
_citation.journal_id_ASTM           CELLB5 
_citation.country                   US 
_citation.journal_id_ISSN           0092-8674 
_citation.journal_id_CSD            0998 
_citation.book_publisher            ? 
_citation.pdbx_database_id_PubMed   17574027 
_citation.pdbx_database_id_DOI      10.1016/j.cell.2007.04.042 
# 
loop_
_citation_author.citation_id 
_citation_author.name 
_citation_author.ordinal 
_citation_author.identifier_ORCID 
primary 'Tang, X.'       1  ? 
primary 'Orlicky, S.'    2  ? 
primary 'Lin, Z.'        3  ? 
primary 'Willems, A.'    4  ? 
primary 'Neculai, D.'    5  ? 
primary 'Ceccarelli, D.' 6  ? 
primary 'Mercurio, F.'   7  ? 
primary 'Shilton, B.H.'  8  ? 
primary 'Sicheri, F.'    9  ? 
primary 'Tyers, M.'      10 ? 
# 
loop_
_entity.id 
_entity.type 
_entity.src_method 
_entity.pdbx_description 
_entity.formula_weight 
_entity.pdbx_number_of_molecules 
_entity.pdbx_ec 
_entity.pdbx_mutation 
_entity.pdbx_fragment 
_entity.details 
1 polymer     man 'F-box/WD repeat protein 1A' 6321.773 2  ? ? 'D domain' ? 
2 non-polymer syn 'CADMIUM ION'                112.411  1  ? ? ?          ? 
3 water       nat water                        18.015   11 ? ? ?          ? 
# 
_entity_name_com.entity_id   1 
_entity_name_com.name        'F-box and WD repeats protein beta-TrCP, E3RSIkappaB, pIkappaBalpha-E3 receptor subunit' 
# 
_entity_poly.entity_id                      1 
_entity_poly.type                           'polypeptide(L)' 
_entity_poly.nstd_linkage                   no 
_entity_poly.nstd_monomer                   yes 
_entity_poly.pdbx_seq_one_letter_code       'GAASYEKEKELCVKYFEQWSESDQVEFVEHLISQ(MSE)CHYQHGHINSYLKP(MSE)LQ' 
_entity_poly.pdbx_seq_one_letter_code_can   GAASYEKEKELCVKYFEQWSESDQVEFVEHLISQMCHYQHGHINSYLKPMLQ 
_entity_poly.pdbx_strand_id                 A,B 
_entity_poly.pdbx_target_identifier         ? 
# 
loop_
_pdbx_entity_nonpoly.entity_id 
_pdbx_entity_nonpoly.name 
_pdbx_entity_nonpoly.comp_id 
2 'CADMIUM ION' CD  
3 water         HOH 
# 
loop_
_entity_poly_seq.entity_id 
_entity_poly_seq.num 
_entity_poly_seq.mon_id 
_entity_poly_seq.hetero 
1 1  GLY n 
1 2  ALA n 
1 3  ALA n 
1 4  SER n 
1 5  TYR n 
1 6  GLU n 
1 7  LYS n 
1 8  GLU n 
1 9  LYS n 
1 10 GLU n 
1 11 LEU n 
1 12 CYS n 
1 13 VAL n 
1 14 LYS n 
1 15 TYR n 
1 16 PHE n 
1 17 GLU n 
1 18 GLN n 
1 19 TRP n 
1 20 SER n 
1 21 GLU n 
1 22 SER n 
1 23 ASP n 
1 24 GLN n 
1 25 VAL n 
1 26 GLU n 
1 27 PHE n 
1 28 VAL n 
1 29 GLU n 
1 30 HIS n 
1 31 LEU n 
1 32 ILE n 
1 33 SER n 
1 34 GLN n 
1 35 MSE n 
1 36 CYS n 
1 37 HIS n 
1 38 TYR n 
1 39 GLN n 
1 40 HIS n 
1 41 GLY n 
1 42 HIS n 
1 43 ILE n 
1 44 ASN n 
1 45 SER n 
1 46 TYR n 
1 47 LEU n 
1 48 LYS n 
1 49 PRO n 
1 50 MSE n 
1 51 LEU n 
1 52 GLN n 
# 
_entity_src_gen.entity_id                          1 
_entity_src_gen.pdbx_src_id                        1 
_entity_src_gen.pdbx_alt_source_flag               sample 
_entity_src_gen.pdbx_seq_type                      ? 
_entity_src_gen.pdbx_beg_seq_num                   ? 
_entity_src_gen.pdbx_end_seq_num                   ? 
_entity_src_gen.gene_src_common_name               human 
_entity_src_gen.gene_src_genus                     Homo 
_entity_src_gen.pdbx_gene_src_gene                 'BTRC, BTRCP, FBW1A, FBXW1A' 
_entity_src_gen.gene_src_species                   ? 
_entity_src_gen.gene_src_strain                    ? 
_entity_src_gen.gene_src_tissue                    ? 
_entity_src_gen.gene_src_tissue_fraction           ? 
_entity_src_gen.gene_src_details                   ? 
_entity_src_gen.pdbx_gene_src_fragment             ? 
_entity_src_gen.pdbx_gene_src_scientific_name      'Homo sapiens' 
_entity_src_gen.pdbx_gene_src_ncbi_taxonomy_id     9606 
_entity_src_gen.pdbx_gene_src_variant              ? 
_entity_src_gen.pdbx_gene_src_cell_line            ? 
_entity_src_gen.pdbx_gene_src_atcc                 ? 
_entity_src_gen.pdbx_gene_src_organ                ? 
_entity_src_gen.pdbx_gene_src_organelle            ? 
_entity_src_gen.pdbx_gene_src_cell                 ? 
_entity_src_gen.pdbx_gene_src_cellular_location    ? 
_entity_src_gen.host_org_common_name               ? 
_entity_src_gen.pdbx_host_org_scientific_name      'Escherichia coli BL21' 
_entity_src_gen.pdbx_host_org_ncbi_taxonomy_id     511693 
_entity_src_gen.host_org_genus                     Escherichia 
_entity_src_gen.pdbx_host_org_gene                 ? 
_entity_src_gen.pdbx_host_org_organ                ? 
_entity_src_gen.host_org_species                   'Escherichia coli' 
_entity_src_gen.pdbx_host_org_tissue               ? 
_entity_src_gen.pdbx_host_org_tissue_fraction      ? 
_entity_src_gen.pdbx_host_org_strain               BL21 
_entity_src_gen.pdbx_host_org_variant              ? 
_entity_src_gen.pdbx_host_org_cell_line            ? 
_entity_src_gen.pdbx_host_org_atcc                 ? 
_entity_src_gen.pdbx_host_org_culture_collection   ? 
_entity_src_gen.pdbx_host_org_cell                 ? 
_entity_src_gen.pdbx_host_org_organelle            ? 
_entity_src_gen.pdbx_host_org_cellular_location    ? 
_entity_src_gen.pdbx_host_org_vector_type          plasmid 
_entity_src_gen.pdbx_host_org_vector               ? 
_entity_src_gen.host_org_details                   ? 
_entity_src_gen.expression_system_id               ? 
_entity_src_gen.plasmid_name                       pGEX 
_entity_src_gen.plasmid_details                    ? 
_entity_src_gen.pdbx_description                   ? 
# 
loop_
_chem_comp.id 
_chem_comp.type 
_chem_comp.mon_nstd_flag 
_chem_comp.name 
_chem_comp.pdbx_synonyms 
_chem_comp.formula 
_chem_comp.formula_weight 
ALA 'L-peptide linking' y ALANINE          ? 'C3 H7 N O2'     89.093  
ASN 'L-peptide linking' y ASPARAGINE       ? 'C4 H8 N2 O3'    132.118 
ASP 'L-peptide linking' y 'ASPARTIC ACID'  ? 'C4 H7 N O4'     133.103 
CD  non-polymer         . 'CADMIUM ION'    ? 'Cd 2'           112.411 
CYS 'L-peptide linking' y CYSTEINE         ? 'C3 H7 N O2 S'   121.158 
GLN 'L-peptide linking' y GLUTAMINE        ? 'C5 H10 N2 O3'   146.144 
GLU 'L-peptide linking' y 'GLUTAMIC ACID'  ? 'C5 H9 N O4'     147.129 
GLY 'peptide linking'   y GLYCINE          ? 'C2 H5 N O2'     75.067  
HIS 'L-peptide linking' y HISTIDINE        ? 'C6 H10 N3 O2 1' 156.162 
HOH non-polymer         . WATER            ? 'H2 O'           18.015  
ILE 'L-peptide linking' y ISOLEUCINE       ? 'C6 H13 N O2'    131.173 
LEU 'L-peptide linking' y LEUCINE          ? 'C6 H13 N O2'    131.173 
LYS 'L-peptide linking' y LYSINE           ? 'C6 H15 N2 O2 1' 147.195 
MET 'L-peptide linking' y METHIONINE       ? 'C5 H11 N O2 S'  149.211 
MSE 'L-peptide linking' n SELENOMETHIONINE ? 'C5 H11 N O2 Se' 196.106 
PHE 'L-peptide linking' y PHENYLALANINE    ? 'C9 H11 N O2'    165.189 
PRO 'L-peptide linking' y PROLINE          ? 'C5 H9 N O2'     115.130 
SER 'L-peptide linking' y SERINE           ? 'C3 H7 N O3'     105.093 
TRP 'L-peptide linking' y TRYPTOPHAN       ? 'C11 H12 N2 O2'  204.225 
TYR 'L-peptide linking' y TYROSINE         ? 'C9 H11 N O3'    181.189 
VAL 'L-peptide linking' y VALINE           ? 'C5 H11 N O2'    117.146 
# 
loop_
_pdbx_poly_seq_scheme.asym_id 
_pdbx_poly_seq_scheme.entity_id 
_pdbx_poly_seq_scheme.seq_id 
_pdbx_poly_seq_scheme.mon_id 
_pdbx_poly_seq_scheme.ndb_seq_num 
_pdbx_poly_seq_scheme.pdb_seq_num 
_pdbx_poly_seq_scheme.auth_seq_num 
_pdbx_poly_seq_scheme.pdb_mon_id 
_pdbx_poly_seq_scheme.auth_mon_id 
_pdbx_poly_seq_scheme.pdb_strand_id 
_pdbx_poly_seq_scheme.pdb_ins_code 
_pdbx_poly_seq_scheme.hetero 
A 1 1  GLY 1  126 ?   ?   ?   A . n 
A 1 2  ALA 2  127 127 ALA ALA A . n 
A 1 3  ALA 3  128 128 ALA ALA A . n 
A 1 4  SER 4  129 129 SER SER A . n 
A 1 5  TYR 5  130 130 TYR TYR A . n 
A 1 6  GLU 6  131 131 GLU GLU A . n 
A 1 7  LYS 7  132 132 LYS LYS A . n 
A 1 8  GLU 8  133 133 GLU GLU A . n 
A 1 9  LYS 9  134 134 LYS LYS A . n 
A 1 10 GLU 10 135 135 GLU GLU A . n 
A 1 11 LEU 11 136 136 LEU LEU A . n 
A 1 12 CYS 12 137 137 CYS CYS A . n 
A 1 13 VAL 13 138 138 VAL VAL A . n 
A 1 14 LYS 14 139 139 LYS LYS A . n 
A 1 15 TYR 15 140 140 TYR TYR A . n 
A 1 16 PHE 16 141 141 PHE PHE A . n 
A 1 17 GLU 17 142 142 GLU GLU A . n 
A 1 18 GLN 18 143 143 GLN GLN A . n 
A 1 19 TRP 19 144 144 TRP TRP A . n 
A 1 20 SER 20 145 145 SER SER A . n 
A 1 21 GLU 21 146 146 GLU GLU A . n 
A 1 22 SER 22 147 147 SER SER A . n 
A 1 23 ASP 23 148 148 ASP ASP A . n 
A 1 24 GLN 24 149 149 GLN GLN A . n 
A 1 25 VAL 25 150 150 VAL VAL A . n 
A 1 26 GLU 26 151 151 GLU GLU A . n 
A 1 27 PHE 27 152 152 PHE PHE A . n 
A 1 28 VAL 28 153 153 VAL VAL A . n 
A 1 29 GLU 29 154 154 GLU GLU A . n 
A 1 30 HIS 30 155 155 HIS HIS A . n 
A 1 31 LEU 31 156 156 LEU LEU A . n 
A 1 32 ILE 32 157 157 ILE ILE A . n 
A 1 33 SER 33 158 158 SER SER A . n 
A 1 34 GLN 34 159 159 GLN GLN A . n 
A 1 35 MSE 35 160 160 MSE MSE A . n 
A 1 36 CYS 36 161 161 CYS CYS A . n 
A 1 37 HIS 37 162 162 HIS HIS A . n 
A 1 38 TYR 38 163 163 TYR TYR A . n 
A 1 39 GLN 39 164 164 GLN GLN A . n 
A 1 40 HIS 40 165 165 HIS HIS A . n 
A 1 41 GLY 41 166 166 GLY GLY A . n 
A 1 42 HIS 42 167 167 HIS HIS A . n 
A 1 43 ILE 43 168 168 ILE ILE A . n 
A 1 44 ASN 44 169 169 ASN ASN A . n 
A 1 45 SER 45 170 170 SER SER A . n 
A 1 46 TYR 46 171 171 TYR TYR A . n 
A 1 47 LEU 47 172 172 LEU LEU A . n 
A 1 48 LYS 48 173 173 LYS LYS A . n 
A 1 49 PRO 49 174 174 PRO PRO A . n 
A 1 50 MSE 50 175 175 MSE MSE A . n 
A 1 51 LEU 51 176 176 LEU LEU A . n 
A 1 52 GLN 52 177 177 GLN GLN A . n 
B 1 1  GLY 1  126 126 GLY GLY B . n 
B 1 2  ALA 2  127 127 ALA ALA B . n 
B 1 3  ALA 3  128 128 ALA ALA B . n 
B 1 4  SER 4  129 129 SER SER B . n 
B 1 5  TYR 5  130 130 TYR TYR B . n 
B 1 6  GLU 6  131 131 GLU GLU B . n 
B 1 7  LYS 7  132 132 LYS LYS B . n 
B 1 8  GLU 8  133 133 GLU GLU B . n 
B 1 9  LYS 9  134 134 LYS LYS B . n 
B 1 10 GLU 10 135 135 GLU GLU B . n 
B 1 11 LEU 11 136 136 LEU LEU B . n 
B 1 12 CYS 12 137 137 CYS CYS B . n 
B 1 13 VAL 13 138 138 VAL VAL B . n 
B 1 14 LYS 14 139 139 LYS LYS B . n 
B 1 15 TYR 15 140 140 TYR TYR B . n 
B 1 16 PHE 16 141 141 PHE PHE B . n 
B 1 17 GLU 17 142 142 GLU GLU B . n 
B 1 18 GLN 18 143 143 GLN GLN B . n 
B 1 19 TRP 19 144 144 TRP TRP B . n 
B 1 20 SER 20 145 145 SER SER B . n 
B 1 21 GLU 21 146 146 GLU GLU B . n 
B 1 22 SER 22 147 147 SER SER B . n 
B 1 23 ASP 23 148 148 ASP ASP B . n 
B 1 24 GLN 24 149 149 GLN GLN B . n 
B 1 25 VAL 25 150 150 VAL VAL B . n 
B 1 26 GLU 26 151 151 GLU GLU B . n 
B 1 27 PHE 27 152 152 PHE PHE B . n 
B 1 28 VAL 28 153 153 VAL VAL B . n 
B 1 29 GLU 29 154 154 GLU GLU B . n 
B 1 30 HIS 30 155 155 HIS HIS B . n 
B 1 31 LEU 31 156 156 LEU LEU B . n 
B 1 32 ILE 32 157 157 ILE ILE B . n 
B 1 33 SER 33 158 158 SER SER B . n 
B 1 34 GLN 34 159 159 GLN GLN B . n 
B 1 35 MSE 35 160 160 MSE MSE B . n 
B 1 36 CYS 36 161 161 CYS CYS B . n 
B 1 37 HIS 37 162 162 HIS HIS B . n 
B 1 38 TYR 38 163 163 TYR TYR B . n 
B 1 39 GLN 39 164 164 GLN GLN B . n 
B 1 40 HIS 40 165 165 HIS HIS B . n 
B 1 41 GLY 41 166 166 GLY GLY B . n 
B 1 42 HIS 42 167 167 HIS HIS B . n 
B 1 43 ILE 43 168 168 ILE ILE B . n 
B 1 44 ASN 44 169 169 ASN ASN B . n 
B 1 45 SER 45 170 170 SER SER B . n 
B 1 46 TYR 46 171 171 TYR TYR B . n 
B 1 47 LEU 47 172 172 LEU LEU B . n 
B 1 48 LYS 48 173 173 LYS LYS B . n 
B 1 49 PRO 49 174 174 PRO PRO B . n 
B 1 50 MSE 50 175 175 MSE MSE B . n 
B 1 51 LEU 51 176 176 LEU LEU B . n 
B 1 52 GLN 52 177 177 GLN GLN B . n 
# 
loop_
_pdbx_nonpoly_scheme.asym_id 
_pdbx_nonpoly_scheme.entity_id 
_pdbx_nonpoly_scheme.mon_id 
_pdbx_nonpoly_scheme.ndb_seq_num 
_pdbx_nonpoly_scheme.pdb_seq_num 
_pdbx_nonpoly_scheme.auth_seq_num 
_pdbx_nonpoly_scheme.pdb_mon_id 
_pdbx_nonpoly_scheme.auth_mon_id 
_pdbx_nonpoly_scheme.pdb_strand_id 
_pdbx_nonpoly_scheme.pdb_ins_code 
C 2 CD  1 100 2  CD  CD  A . 
D 3 HOH 1 2   2  HOH HOH A . 
D 3 HOH 2 4   4  HOH HOH A . 
D 3 HOH 3 8   8  HOH HOH A . 
D 3 HOH 4 10  10 HOH HOH A . 
D 3 HOH 5 11  11 HOH HOH A . 
E 3 HOH 1 3   3  HOH HOH B . 
E 3 HOH 2 5   5  HOH HOH B . 
E 3 HOH 3 6   6  HOH HOH B . 
E 3 HOH 4 7   7  HOH HOH B . 
E 3 HOH 5 9   9  HOH HOH B . 
E 3 HOH 6 12  12 HOH HOH B . 
# 
loop_
_software.name 
_software.classification 
_software.version 
_software.citation_id 
_software.pdbx_ordinal 
REFMAC   refinement        5.2.0019 ? 1 
CBASS    'data collection' .        ? 2 
HKL-2000 'data reduction'  .        ? 3 
HKL-2000 'data scaling'    .        ? 4 
SHELXD   phasing           .        ? 5 
# 
_cell.entry_id           2P64 
_cell.length_a           71.316 
_cell.length_b           71.316 
_cell.length_c           116.301 
_cell.angle_alpha        90.00 
_cell.angle_beta         90.00 
_cell.angle_gamma        90.00 
_cell.Z_PDB              16 
_cell.pdbx_unique_axis   ? 
_cell.length_a_esd       ? 
_cell.length_b_esd       ? 
_cell.length_c_esd       ? 
_cell.angle_alpha_esd    ? 
_cell.angle_beta_esd     ? 
_cell.angle_gamma_esd    ? 
# 
_symmetry.entry_id                         2P64 
_symmetry.space_group_name_H-M             'P 43 21 2' 
_symmetry.pdbx_full_space_group_name_H-M   ? 
_symmetry.cell_setting                     ? 
_symmetry.Int_Tables_number                96 
_symmetry.space_group_name_Hall            ? 
# 
_exptl.entry_id          2P64 
_exptl.method            'X-RAY DIFFRACTION' 
_exptl.crystals_number   1 
# 
_exptl_crystal.id                    1 
_exptl_crystal.density_meas          ? 
_exptl_crystal.density_Matthews      ? 
_exptl_crystal.density_percent_sol   ? 
_exptl_crystal.description           ? 
_exptl_crystal.F_000                 ? 
_exptl_crystal.preparation           ? 
# 
_exptl_crystal_grow.crystal_id      1 
_exptl_crystal_grow.method          'VAPOR DIFFUSION, HANGING DROP' 
_exptl_crystal_grow.temp            293 
_exptl_crystal_grow.temp_details    ? 
_exptl_crystal_grow.pH              7.5 
_exptl_crystal_grow.pdbx_details    '200 mM MgCl2, 5 mM CdCl2, pH 7.5, VAPOR DIFFUSION, HANGING DROP, temperature 293K' 
_exptl_crystal_grow.pdbx_pH_range   . 
# 
_diffrn.id                     1 
_diffrn.ambient_temp           100 
_diffrn.ambient_temp_details   ? 
_diffrn.crystal_id             1 
# 
_diffrn_detector.diffrn_id              1 
_diffrn_detector.detector               CCD 
_diffrn_detector.type                   'ADSC QUANTUM 315' 
_diffrn_detector.pdbx_collection_date   2005-11-05 
_diffrn_detector.details                mirrors 
# 
_diffrn_radiation.diffrn_id                        1 
_diffrn_radiation.wavelength_id                    1 
_diffrn_radiation.pdbx_monochromatic_or_laue_m_l   M 
_diffrn_radiation.monochromator                    'double-crystal monochromator SI(111)' 
_diffrn_radiation.pdbx_diffrn_protocol             'SINGLE WAVELENGTH' 
_diffrn_radiation.pdbx_scattering_type             x-ray 
# 
_diffrn_radiation_wavelength.id           1 
_diffrn_radiation_wavelength.wavelength   0.97906 
_diffrn_radiation_wavelength.wt           1.0 
# 
_diffrn_source.diffrn_id                   1 
_diffrn_source.source                      SYNCHROTRON 
_diffrn_source.type                        'APS BEAMLINE 8-BM' 
_diffrn_source.pdbx_synchrotron_site       APS 
_diffrn_source.pdbx_synchrotron_beamline   8-BM 
_diffrn_source.pdbx_wavelength             ? 
_diffrn_source.pdbx_wavelength_list        0.97906 
# 
_reflns.entry_id                     2P64 
_reflns.observed_criterion_sigma_F   ? 
_reflns.observed_criterion_sigma_I   3.0 
_reflns.d_resolution_high            2.4 
_reflns.d_resolution_low             30 
_reflns.number_all                   12340 
_reflns.number_obs                   11999 
_reflns.percent_possible_obs         97.2 
_reflns.pdbx_Rmerge_I_obs            0.246 
_reflns.pdbx_Rsym_value              ? 
_reflns.pdbx_netI_over_sigmaI        18.8 
_reflns.B_iso_Wilson_estimate        ? 
_reflns.pdbx_redundancy              ? 
_reflns.R_free_details               ? 
_reflns.limit_h_max                  ? 
_reflns.limit_h_min                  ? 
_reflns.limit_k_max                  ? 
_reflns.limit_k_min                  ? 
_reflns.limit_l_max                  ? 
_reflns.limit_l_min                  ? 
_reflns.observed_criterion_F_max     ? 
_reflns.observed_criterion_F_min     ? 
_reflns.pdbx_chi_squared             ? 
_reflns.pdbx_scaling_rejects         ? 
_reflns.pdbx_ordinal                 1 
_reflns.pdbx_diffrn_id               1 
# 
_reflns_shell.d_res_high             2.4 
_reflns_shell.d_res_low              2.5 
_reflns_shell.percent_possible_all   82.4 
_reflns_shell.Rmerge_I_obs           0.246 
_reflns_shell.pdbx_Rsym_value        ? 
_reflns_shell.meanI_over_sigI_obs    3.19 
_reflns_shell.pdbx_redundancy        ? 
_reflns_shell.percent_possible_obs   ? 
_reflns_shell.number_unique_all      1100 
_reflns_shell.number_measured_all    ? 
_reflns_shell.number_measured_obs    ? 
_reflns_shell.number_unique_obs      ? 
_reflns_shell.pdbx_chi_squared       ? 
_reflns_shell.pdbx_ordinal           1 
_reflns_shell.pdbx_diffrn_id         1 
# 
_refine.entry_id                                 2P64 
_refine.ls_number_reflns_obs                     10345 
_refine.ls_number_reflns_all                     ? 
_refine.pdbx_ls_sigma_I                          ? 
_refine.pdbx_ls_sigma_F                          ? 
_refine.pdbx_data_cutoff_high_absF               ? 
_refine.pdbx_data_cutoff_low_absF                ? 
_refine.pdbx_data_cutoff_high_rms_absF           ? 
_refine.ls_d_res_low                             19.78 
_refine.ls_d_res_high                            2.50 
_refine.ls_percent_reflns_obs                    100.00 
_refine.ls_R_factor_obs                          0.23986 
_refine.ls_R_factor_all                          ? 
_refine.ls_R_factor_R_work                       0.23854 
_refine.ls_R_factor_R_free                       0.26679 
_refine.ls_R_factor_R_free_error                 ? 
_refine.ls_R_factor_R_free_error_details         ? 
_refine.ls_percent_reflns_R_free                 4.9 
_refine.ls_number_reflns_R_free                  536 
_refine.ls_number_parameters                     ? 
_refine.ls_number_restraints                     ? 
_refine.occupancy_min                            ? 
_refine.occupancy_max                            ? 
_refine.correlation_coeff_Fo_to_Fc               0.935 
_refine.correlation_coeff_Fo_to_Fc_free          0.910 
_refine.B_iso_mean                               54.936 
_refine.aniso_B[1][1]                            -0.05 
_refine.aniso_B[2][2]                            -0.05 
_refine.aniso_B[3][3]                            0.10 
_refine.aniso_B[1][2]                            0.00 
_refine.aniso_B[1][3]                            0.00 
_refine.aniso_B[2][3]                            0.00 
_refine.solvent_model_details                    MASK 
_refine.solvent_model_param_ksol                 ? 
_refine.solvent_model_param_bsol                 ? 
_refine.pdbx_solvent_vdw_probe_radii             1.40 
_refine.pdbx_solvent_ion_probe_radii             0.80 
_refine.pdbx_solvent_shrinkage_radii             0.80 
_refine.pdbx_ls_cross_valid_method               THROUGHOUT 
_refine.details                                  ? 
_refine.pdbx_starting_model                      ? 
_refine.pdbx_method_to_determine_struct          SAD 
_refine.pdbx_isotropic_thermal_model             ? 
_refine.pdbx_stereochemistry_target_values       'MAXIMUM LIKELIHOOD' 
_refine.pdbx_stereochem_target_val_spec_case     ? 
_refine.pdbx_R_Free_selection_details            RANDOM 
_refine.pdbx_overall_ESU_R                       0.219 
_refine.pdbx_overall_ESU_R_Free                  0.199 
_refine.overall_SU_ML                            0.129 
_refine.overall_SU_B                             11.644 
_refine.ls_redundancy_reflns_obs                 ? 
_refine.B_iso_min                                ? 
_refine.B_iso_max                                ? 
_refine.overall_SU_R_Cruickshank_DPI             ? 
_refine.overall_SU_R_free                        ? 
_refine.ls_wR_factor_R_free                      ? 
_refine.ls_wR_factor_R_work                      ? 
_refine.overall_FOM_free_R_set                   ? 
_refine.overall_FOM_work_R_set                   ? 
_refine.pdbx_overall_phase_error                 ? 
_refine.pdbx_refine_id                           'X-RAY DIFFRACTION' 
_refine.pdbx_TLS_residual_ADP_flag               'LIKELY RESIDUAL' 
_refine.pdbx_diffrn_id                           1 
_refine.pdbx_overall_SU_R_free_Cruickshank_DPI   ? 
_refine.pdbx_overall_SU_R_Blow_DPI               ? 
_refine.pdbx_overall_SU_R_free_Blow_DPI          ? 
# 
_refine_hist.pdbx_refine_id                   'X-RAY DIFFRACTION' 
_refine_hist.cycle_id                         LAST 
_refine_hist.pdbx_number_atoms_protein        868 
_refine_hist.pdbx_number_atoms_nucleic_acid   0 
_refine_hist.pdbx_number_atoms_ligand         1 
_refine_hist.number_atoms_solvent             11 
_refine_hist.number_atoms_total               880 
_refine_hist.d_res_high                       2.50 
_refine_hist.d_res_low                        19.78 
# 
loop_
_refine_ls_restr.type 
_refine_ls_restr.dev_ideal 
_refine_ls_restr.dev_ideal_target 
_refine_ls_restr.weight 
_refine_ls_restr.number 
_refine_ls_restr.pdbx_refine_id 
_refine_ls_restr.pdbx_restraint_function 
r_bond_refined_d             0.016  0.021  ? 906  'X-RAY DIFFRACTION' ? 
r_angle_refined_deg          1.544  1.913  ? 1215 'X-RAY DIFFRACTION' ? 
r_dihedral_angle_1_deg       4.992  5.000  ? 103  'X-RAY DIFFRACTION' ? 
r_dihedral_angle_2_deg       43.342 25.490 ? 51   'X-RAY DIFFRACTION' ? 
r_dihedral_angle_3_deg       19.960 15.000 ? 163  'X-RAY DIFFRACTION' ? 
r_chiral_restr               0.116  0.200  ? 118  'X-RAY DIFFRACTION' ? 
r_gen_planes_refined         0.006  0.020  ? 698  'X-RAY DIFFRACTION' ? 
r_nbd_refined                0.208  0.200  ? 398  'X-RAY DIFFRACTION' ? 
r_nbtor_refined              0.302  0.200  ? 600  'X-RAY DIFFRACTION' ? 
r_xyhbond_nbd_refined        0.156  0.200  ? 16   'X-RAY DIFFRACTION' ? 
r_symmetry_vdw_refined       0.331  0.200  ? 25   'X-RAY DIFFRACTION' ? 
r_symmetry_hbond_refined     0.302  0.200  ? 4    'X-RAY DIFFRACTION' ? 
r_symmetry_metal_ion_refined 0.359  0.200  ? 2    'X-RAY DIFFRACTION' ? 
r_mcbond_it                  1.208  1.500  ? 536  'X-RAY DIFFRACTION' ? 
r_mcangle_it                 1.531  2.000  ? 830  'X-RAY DIFFRACTION' ? 
r_scbond_it                  2.696  3.000  ? 435  'X-RAY DIFFRACTION' ? 
r_scangle_it                 3.453  4.500  ? 385  'X-RAY DIFFRACTION' ? 
# 
_refine_ls_shell.pdbx_total_number_of_bins_used   20 
_refine_ls_shell.d_res_high                       2.500 
_refine_ls_shell.d_res_low                        2.564 
_refine_ls_shell.number_reflns_R_work             728 
_refine_ls_shell.R_factor_R_work                  0.303 
_refine_ls_shell.percent_reflns_obs               100.00 
_refine_ls_shell.R_factor_R_free                  0.356 
_refine_ls_shell.R_factor_R_free_error            ? 
_refine_ls_shell.percent_reflns_R_free            ? 
_refine_ls_shell.number_reflns_R_free             40 
_refine_ls_shell.number_reflns_all                ? 
_refine_ls_shell.R_factor_all                     ? 
_refine_ls_shell.number_reflns_obs                ? 
_refine_ls_shell.redundancy_reflns_obs            ? 
_refine_ls_shell.pdbx_refine_id                   'X-RAY DIFFRACTION' 
# 
_struct.entry_id                  2P64 
_struct.title                     'D domain of b-TrCP' 
_struct.pdbx_model_details        ? 
_struct.pdbx_CASP_flag            N 
_struct.pdbx_model_type_details   ? 
# 
_struct_keywords.entry_id        2P64 
_struct_keywords.pdbx_keywords   LIGASE 
_struct_keywords.text            'right handed super-helical bundle, LIGASE' 
# 
loop_
_struct_asym.id 
_struct_asym.pdbx_blank_PDB_chainid_flag 
_struct_asym.pdbx_modified 
_struct_asym.entity_id 
_struct_asym.details 
A N N 1 ? 
B N N 1 ? 
C N N 2 ? 
D N N 3 ? 
E N N 3 ? 
# 
_struct_ref.id                         1 
_struct_ref.db_name                    UNP 
_struct_ref.db_code                    FBW1A_HUMAN 
_struct_ref.pdbx_db_accession          Q9Y297 
_struct_ref.entity_id                  1 
_struct_ref.pdbx_seq_one_letter_code   ASYEKEKELCVKYFEQWSESDQVEFVEHLISQMCHYQHGHINSYLKPMLQ 
_struct_ref.pdbx_align_begin           128 
_struct_ref.pdbx_db_isoform            ? 
# 
loop_
_struct_ref_seq.align_id 
_struct_ref_seq.ref_id 
_struct_ref_seq.pdbx_PDB_id_code 
_struct_ref_seq.pdbx_strand_id 
_struct_ref_seq.seq_align_beg 
_struct_ref_seq.pdbx_seq_align_beg_ins_code 
_struct_ref_seq.seq_align_end 
_struct_ref_seq.pdbx_seq_align_end_ins_code 
_struct_ref_seq.pdbx_db_accession 
_struct_ref_seq.db_align_beg 
_struct_ref_seq.pdbx_db_align_beg_ins_code 
_struct_ref_seq.db_align_end 
_struct_ref_seq.pdbx_db_align_end_ins_code 
_struct_ref_seq.pdbx_auth_seq_align_beg 
_struct_ref_seq.pdbx_auth_seq_align_end 
1 1 2P64 A 3 ? 52 ? Q9Y297 128 ? 177 ? 128 177 
2 1 2P64 B 3 ? 52 ? Q9Y297 128 ? 177 ? 128 177 
# 
loop_
_struct_ref_seq_dif.align_id 
_struct_ref_seq_dif.pdbx_pdb_id_code 
_struct_ref_seq_dif.mon_id 
_struct_ref_seq_dif.pdbx_pdb_strand_id 
_struct_ref_seq_dif.seq_num 
_struct_ref_seq_dif.pdbx_pdb_ins_code 
_struct_ref_seq_dif.pdbx_seq_db_name 
_struct_ref_seq_dif.pdbx_seq_db_accession_code 
_struct_ref_seq_dif.db_mon_id 
_struct_ref_seq_dif.pdbx_seq_db_seq_num 
_struct_ref_seq_dif.details 
_struct_ref_seq_dif.pdbx_auth_seq_num 
_struct_ref_seq_dif.pdbx_ordinal 
1 2P64 GLY A 1  ? UNP Q9Y297 ?   ?   'cloning artifact' 126 1 
1 2P64 ALA A 2  ? UNP Q9Y297 ?   ?   'cloning artifact' 127 2 
1 2P64 MSE A 35 ? UNP Q9Y297 MET 160 'modified residue' 160 3 
1 2P64 MSE A 50 ? UNP Q9Y297 MET 175 'modified residue' 175 4 
2 2P64 GLY B 1  ? UNP Q9Y297 ?   ?   'cloning artifact' 126 5 
2 2P64 ALA B 2  ? UNP Q9Y297 ?   ?   'cloning artifact' 127 6 
2 2P64 MSE B 35 ? UNP Q9Y297 MET 160 'modified residue' 160 7 
2 2P64 MSE B 50 ? UNP Q9Y297 MET 175 'modified residue' 175 8 
# 
_pdbx_struct_assembly.id                   1 
_pdbx_struct_assembly.details              author_and_software_defined_assembly 
_pdbx_struct_assembly.method_details       PISA 
_pdbx_struct_assembly.oligomeric_details   dimeric 
_pdbx_struct_assembly.oligomeric_count     2 
# 
loop_
_pdbx_struct_assembly_prop.biol_id 
_pdbx_struct_assembly_prop.type 
_pdbx_struct_assembly_prop.value 
_pdbx_struct_assembly_prop.details 
1 'ABSA (A^2)' 3800 ? 
1 MORE         -37  ? 
1 'SSA (A^2)'  6230 ? 
# 
_pdbx_struct_assembly_gen.assembly_id       1 
_pdbx_struct_assembly_gen.oper_expression   1 
_pdbx_struct_assembly_gen.asym_id_list      A,B,C,D,E 
# 
_pdbx_struct_oper_list.id                   1 
_pdbx_struct_oper_list.type                 'identity operation' 
_pdbx_struct_oper_list.name                 1_555 
_pdbx_struct_oper_list.symmetry_operation   x,y,z 
_pdbx_struct_oper_list.matrix[1][1]         1.0000000000 
_pdbx_struct_oper_list.matrix[1][2]         0.0000000000 
_pdbx_struct_oper_list.matrix[1][3]         0.0000000000 
_pdbx_struct_oper_list.vector[1]            0.0000000000 
_pdbx_struct_oper_list.matrix[2][1]         0.0000000000 
_pdbx_struct_oper_list.matrix[2][2]         1.0000000000 
_pdbx_struct_oper_list.matrix[2][3]         0.0000000000 
_pdbx_struct_oper_list.vector[2]            0.0000000000 
_pdbx_struct_oper_list.matrix[3][1]         0.0000000000 
_pdbx_struct_oper_list.matrix[3][2]         0.0000000000 
_pdbx_struct_oper_list.matrix[3][3]         1.0000000000 
_pdbx_struct_oper_list.vector[3]            0.0000000000 
# 
_struct_biol.id   1 
# 
loop_
_struct_conf.conf_type_id 
_struct_conf.id 
_struct_conf.pdbx_PDB_helix_id 
_struct_conf.beg_label_comp_id 
_struct_conf.beg_label_asym_id 
_struct_conf.beg_label_seq_id 
_struct_conf.pdbx_beg_PDB_ins_code 
_struct_conf.end_label_comp_id 
_struct_conf.end_label_asym_id 
_struct_conf.end_label_seq_id 
_struct_conf.pdbx_end_PDB_ins_code 
_struct_conf.beg_auth_comp_id 
_struct_conf.beg_auth_asym_id 
_struct_conf.beg_auth_seq_id 
_struct_conf.end_auth_comp_id 
_struct_conf.end_auth_asym_id 
_struct_conf.end_auth_seq_id 
_struct_conf.pdbx_PDB_helix_class 
_struct_conf.details 
_struct_conf.pdbx_PDB_helix_length 
HELX_P HELX_P1 1 ALA A 3  ? GLU A 17 ? ALA A 128 GLU A 142 1 ? 15 
HELX_P HELX_P2 2 SER A 20 ? GLN A 34 ? SER A 145 GLN A 159 1 ? 15 
HELX_P HELX_P3 3 CYS A 36 ? LYS A 48 ? CYS A 161 LYS A 173 1 ? 13 
HELX_P HELX_P4 4 PRO A 49 ? LEU A 51 ? PRO A 174 LEU A 176 5 ? 3  
HELX_P HELX_P5 5 GLY B 1  ? ALA B 3  ? GLY B 126 ALA B 128 5 ? 3  
HELX_P HELX_P6 6 SER B 4  ? GLU B 17 ? SER B 129 GLU B 142 1 ? 14 
HELX_P HELX_P7 7 SER B 20 ? GLN B 34 ? SER B 145 GLN B 159 1 ? 15 
HELX_P HELX_P8 8 CYS B 36 ? LYS B 48 ? CYS B 161 LYS B 173 1 ? 13 
HELX_P HELX_P9 9 PRO B 49 ? GLN B 52 ? PRO B 174 GLN B 177 5 ? 4  
# 
_struct_conf_type.id          HELX_P 
_struct_conf_type.criteria    ? 
_struct_conf_type.reference   ? 
# 
loop_
_struct_conn.id 
_struct_conn.conn_type_id 
_struct_conn.pdbx_leaving_atom_flag 
_struct_conn.pdbx_PDB_id 
_struct_conn.ptnr1_label_asym_id 
_struct_conn.ptnr1_label_comp_id 
_struct_conn.ptnr1_label_seq_id 
_struct_conn.ptnr1_label_atom_id 
_struct_conn.pdbx_ptnr1_label_alt_id 
_struct_conn.pdbx_ptnr1_PDB_ins_code 
_struct_conn.pdbx_ptnr1_standard_comp_id 
_struct_conn.ptnr1_symmetry 
_struct_conn.ptnr2_label_asym_id 
_struct_conn.ptnr2_label_comp_id 
_struct_conn.ptnr2_label_seq_id 
_struct_conn.ptnr2_label_atom_id 
_struct_conn.pdbx_ptnr2_label_alt_id 
_struct_conn.pdbx_ptnr2_PDB_ins_code 
_struct_conn.ptnr1_auth_asym_id 
_struct_conn.ptnr1_auth_comp_id 
_struct_conn.ptnr1_auth_seq_id 
_struct_conn.ptnr2_auth_asym_id 
_struct_conn.ptnr2_auth_comp_id 
_struct_conn.ptnr2_auth_seq_id 
_struct_conn.ptnr2_symmetry 
_struct_conn.pdbx_ptnr3_label_atom_id 
_struct_conn.pdbx_ptnr3_label_seq_id 
_struct_conn.pdbx_ptnr3_label_comp_id 
_struct_conn.pdbx_ptnr3_label_asym_id 
_struct_conn.pdbx_ptnr3_label_alt_id 
_struct_conn.pdbx_ptnr3_PDB_ins_code 
_struct_conn.details 
_struct_conn.pdbx_dist_value 
_struct_conn.pdbx_value_order 
_struct_conn.pdbx_role 
covale1 covale both ? A GLN 34 C  ? ? ? 1_555 A MSE 35 N   ? ? A GLN 159 A MSE 160 1_555 ? ? ? ? ? ? ? 1.333 ? ? 
covale2 covale both ? A MSE 35 C  ? ? ? 1_555 A CYS 36 N   ? ? A MSE 160 A CYS 161 1_555 ? ? ? ? ? ? ? 1.345 ? ? 
covale3 covale both ? A PRO 49 C  ? ? ? 1_555 A MSE 50 N   ? ? A PRO 174 A MSE 175 1_555 ? ? ? ? ? ? ? 1.329 ? ? 
covale4 covale both ? A MSE 50 C  ? ? ? 1_555 A LEU 51 N   ? ? A MSE 175 A LEU 176 1_555 ? ? ? ? ? ? ? 1.331 ? ? 
covale5 covale both ? B GLN 34 C  ? ? ? 1_555 B MSE 35 N   ? ? B GLN 159 B MSE 160 1_555 ? ? ? ? ? ? ? 1.320 ? ? 
covale6 covale both ? B MSE 35 C  ? ? ? 1_555 B CYS 36 N   ? ? B MSE 160 B CYS 161 1_555 ? ? ? ? ? ? ? 1.323 ? ? 
covale7 covale both ? B PRO 49 C  ? ? ? 1_555 B MSE 50 N   ? ? B PRO 174 B MSE 175 1_555 ? ? ? ? ? ? ? 1.327 ? ? 
covale8 covale both ? B MSE 50 C  ? ? ? 1_555 B LEU 51 N   ? ? B MSE 175 B LEU 176 1_555 ? ? ? ? ? ? ? 1.325 ? ? 
metalc1 metalc ?    ? C CD  .  CD ? ? ? 1_555 A GLU 21 OE2 ? ? A CD  100 A GLU 146 1_555 ? ? ? ? ? ? ? 2.175 ? ? 
metalc2 metalc ?    ? C CD  .  CD ? ? ? 1_555 A CYS 36 SG  ? ? A CD  100 A CYS 161 4_565 ? ? ? ? ? ? ? 1.504 ? ? 
metalc3 metalc ?    ? C CD  .  CD ? ? ? 1_555 B GLU 21 OE2 ? ? A CD  100 B GLU 146 4_565 ? ? ? ? ? ? ? 1.715 ? ? 
metalc4 metalc ?    ? C CD  .  CD ? ? ? 1_555 B GLU 21 OE1 ? ? A CD  100 B GLU 146 4_565 ? ? ? ? ? ? ? 2.049 ? ? 
# 
loop_
_struct_conn_type.id 
_struct_conn_type.criteria 
_struct_conn_type.reference 
covale ? ? 
metalc ? ? 
# 
loop_
_pdbx_struct_conn_angle.id 
_pdbx_struct_conn_angle.ptnr1_label_atom_id 
_pdbx_struct_conn_angle.ptnr1_label_alt_id 
_pdbx_struct_conn_angle.ptnr1_label_asym_id 
_pdbx_struct_conn_angle.ptnr1_label_comp_id 
_pdbx_struct_conn_angle.ptnr1_label_seq_id 
_pdbx_struct_conn_angle.ptnr1_auth_atom_id 
_pdbx_struct_conn_angle.ptnr1_auth_asym_id 
_pdbx_struct_conn_angle.ptnr1_auth_comp_id 
_pdbx_struct_conn_angle.ptnr1_auth_seq_id 
_pdbx_struct_conn_angle.ptnr1_PDB_ins_code 
_pdbx_struct_conn_angle.ptnr1_symmetry 
_pdbx_struct_conn_angle.ptnr2_label_atom_id 
_pdbx_struct_conn_angle.ptnr2_label_alt_id 
_pdbx_struct_conn_angle.ptnr2_label_asym_id 
_pdbx_struct_conn_angle.ptnr2_label_comp_id 
_pdbx_struct_conn_angle.ptnr2_label_seq_id 
_pdbx_struct_conn_angle.ptnr2_auth_atom_id 
_pdbx_struct_conn_angle.ptnr2_auth_asym_id 
_pdbx_struct_conn_angle.ptnr2_auth_comp_id 
_pdbx_struct_conn_angle.ptnr2_auth_seq_id 
_pdbx_struct_conn_angle.ptnr2_PDB_ins_code 
_pdbx_struct_conn_angle.ptnr2_symmetry 
_pdbx_struct_conn_angle.ptnr3_label_atom_id 
_pdbx_struct_conn_angle.ptnr3_label_alt_id 
_pdbx_struct_conn_angle.ptnr3_label_asym_id 
_pdbx_struct_conn_angle.ptnr3_label_comp_id 
_pdbx_struct_conn_angle.ptnr3_label_seq_id 
_pdbx_struct_conn_angle.ptnr3_auth_atom_id 
_pdbx_struct_conn_angle.ptnr3_auth_asym_id 
_pdbx_struct_conn_angle.ptnr3_auth_comp_id 
_pdbx_struct_conn_angle.ptnr3_auth_seq_id 
_pdbx_struct_conn_angle.ptnr3_PDB_ins_code 
_pdbx_struct_conn_angle.ptnr3_symmetry 
_pdbx_struct_conn_angle.value 
_pdbx_struct_conn_angle.value_esd 
1 OE2 ? A GLU 21 ? A GLU 146 ? 1_555 CD ? C CD . ? A CD 100 ? 1_555 SG  ? A CYS 36 ? A CYS 161 ? 4_565 102.9 ? 
2 OE2 ? A GLU 21 ? A GLU 146 ? 1_555 CD ? C CD . ? A CD 100 ? 1_555 OE2 ? B GLU 21 ? B GLU 146 ? 4_565 162.6 ? 
3 SG  ? A CYS 36 ? A CYS 161 ? 4_565 CD ? C CD . ? A CD 100 ? 1_555 OE2 ? B GLU 21 ? B GLU 146 ? 4_565 61.5  ? 
4 OE2 ? A GLU 21 ? A GLU 146 ? 1_555 CD ? C CD . ? A CD 100 ? 1_555 OE1 ? B GLU 21 ? B GLU 146 ? 4_565 126.0 ? 
5 SG  ? A CYS 36 ? A CYS 161 ? 4_565 CD ? C CD . ? A CD 100 ? 1_555 OE1 ? B GLU 21 ? B GLU 146 ? 4_565 104.2 ? 
6 OE2 ? B GLU 21 ? B GLU 146 ? 4_565 CD ? C CD . ? A CD 100 ? 1_555 OE1 ? B GLU 21 ? B GLU 146 ? 4_565 68.5  ? 
# 
loop_
_pdbx_modification_feature.ordinal 
_pdbx_modification_feature.label_comp_id 
_pdbx_modification_feature.label_asym_id 
_pdbx_modification_feature.label_seq_id 
_pdbx_modification_feature.label_alt_id 
_pdbx_modification_feature.modified_residue_label_comp_id 
_pdbx_modification_feature.modified_residue_label_asym_id 
_pdbx_modification_feature.modified_residue_label_seq_id 
_pdbx_modification_feature.modified_residue_label_alt_id 
_pdbx_modification_feature.auth_comp_id 
_pdbx_modification_feature.auth_asym_id 
_pdbx_modification_feature.auth_seq_id 
_pdbx_modification_feature.PDB_ins_code 
_pdbx_modification_feature.symmetry 
_pdbx_modification_feature.modified_residue_auth_comp_id 
_pdbx_modification_feature.modified_residue_auth_asym_id 
_pdbx_modification_feature.modified_residue_auth_seq_id 
_pdbx_modification_feature.modified_residue_PDB_ins_code 
_pdbx_modification_feature.modified_residue_symmetry 
_pdbx_modification_feature.comp_id_linking_atom 
_pdbx_modification_feature.modified_residue_id_linking_atom 
_pdbx_modification_feature.modified_residue_id 
_pdbx_modification_feature.ref_pcm_id 
_pdbx_modification_feature.ref_comp_id 
_pdbx_modification_feature.type 
_pdbx_modification_feature.category 
1 MSE A 35 ? . . . . MSE A 160 ? 1_555 . . . . . . . MET 1 MSE Selenomethionine 'Named protein modification' 
2 MSE A 50 ? . . . . MSE A 175 ? 1_555 . . . . . . . MET 1 MSE Selenomethionine 'Named protein modification' 
3 MSE B 35 ? . . . . MSE B 160 ? 1_555 . . . . . . . MET 1 MSE Selenomethionine 'Named protein modification' 
4 MSE B 50 ? . . . . MSE B 175 ? 1_555 . . . . . . . MET 1 MSE Selenomethionine 'Named protein modification' 
# 
_struct_mon_prot_cis.pdbx_id                1 
_struct_mon_prot_cis.label_comp_id          ALA 
_struct_mon_prot_cis.label_seq_id           2 
_struct_mon_prot_cis.label_asym_id          A 
_struct_mon_prot_cis.label_alt_id           . 
_struct_mon_prot_cis.pdbx_PDB_ins_code      ? 
_struct_mon_prot_cis.auth_comp_id           ALA 
_struct_mon_prot_cis.auth_seq_id            127 
_struct_mon_prot_cis.auth_asym_id           A 
_struct_mon_prot_cis.pdbx_label_comp_id_2   ALA 
_struct_mon_prot_cis.pdbx_label_seq_id_2    3 
_struct_mon_prot_cis.pdbx_label_asym_id_2   A 
_struct_mon_prot_cis.pdbx_PDB_ins_code_2    ? 
_struct_mon_prot_cis.pdbx_auth_comp_id_2    ALA 
_struct_mon_prot_cis.pdbx_auth_seq_id_2     128 
_struct_mon_prot_cis.pdbx_auth_asym_id_2    A 
_struct_mon_prot_cis.pdbx_PDB_model_num     1 
_struct_mon_prot_cis.pdbx_omega_angle       5.74 
# 
_struct_site.id                   AC1 
_struct_site.pdbx_evidence_code   Software 
_struct_site.pdbx_auth_asym_id    A 
_struct_site.pdbx_auth_comp_id    CD 
_struct_site.pdbx_auth_seq_id     100 
_struct_site.pdbx_auth_ins_code   ? 
_struct_site.pdbx_num_residues    4 
_struct_site.details              'BINDING SITE FOR RESIDUE CD A 100' 
# 
loop_
_struct_site_gen.id 
_struct_site_gen.site_id 
_struct_site_gen.pdbx_num_res 
_struct_site_gen.label_comp_id 
_struct_site_gen.label_asym_id 
_struct_site_gen.label_seq_id 
_struct_site_gen.pdbx_auth_ins_code 
_struct_site_gen.auth_comp_id 
_struct_site_gen.auth_asym_id 
_struct_site_gen.auth_seq_id 
_struct_site_gen.label_atom_id 
_struct_site_gen.label_alt_id 
_struct_site_gen.symmetry 
_struct_site_gen.details 
1 AC1 4 GLU A 21 ? GLU A 146 . ? 1_555 ? 
2 AC1 4 CYS A 36 ? CYS A 161 . ? 4_565 ? 
3 AC1 4 GLU B 21 ? GLU B 146 . ? 4_565 ? 
4 AC1 4 CYS B 36 ? CYS B 161 . ? 1_555 ? 
# 
_pdbx_entry_details.entry_id                   2P64 
_pdbx_entry_details.compound_details           ? 
_pdbx_entry_details.source_details             ? 
_pdbx_entry_details.nonpolymer_details         ? 
_pdbx_entry_details.sequence_details           ? 
_pdbx_entry_details.has_ligand_of_interest     ? 
_pdbx_entry_details.has_protein_modification   Y 
# 
_pdbx_validate_close_contact.id               1 
_pdbx_validate_close_contact.PDB_model_num    1 
_pdbx_validate_close_contact.auth_atom_id_1   SG 
_pdbx_validate_close_contact.auth_asym_id_1   A 
_pdbx_validate_close_contact.auth_comp_id_1   CYS 
_pdbx_validate_close_contact.auth_seq_id_1    161 
_pdbx_validate_close_contact.PDB_ins_code_1   ? 
_pdbx_validate_close_contact.label_alt_id_1   ? 
_pdbx_validate_close_contact.auth_atom_id_2   OE2 
_pdbx_validate_close_contact.auth_asym_id_2   B 
_pdbx_validate_close_contact.auth_comp_id_2   GLU 
_pdbx_validate_close_contact.auth_seq_id_2    146 
_pdbx_validate_close_contact.PDB_ins_code_2   ? 
_pdbx_validate_close_contact.label_alt_id_2   ? 
_pdbx_validate_close_contact.dist             1.66 
# 
loop_
_pdbx_validate_rmsd_bond.id 
_pdbx_validate_rmsd_bond.PDB_model_num 
_pdbx_validate_rmsd_bond.auth_atom_id_1 
_pdbx_validate_rmsd_bond.auth_asym_id_1 
_pdbx_validate_rmsd_bond.auth_comp_id_1 
_pdbx_validate_rmsd_bond.auth_seq_id_1 
_pdbx_validate_rmsd_bond.PDB_ins_code_1 
_pdbx_validate_rmsd_bond.label_alt_id_1 
_pdbx_validate_rmsd_bond.auth_atom_id_2 
_pdbx_validate_rmsd_bond.auth_asym_id_2 
_pdbx_validate_rmsd_bond.auth_comp_id_2 
_pdbx_validate_rmsd_bond.auth_seq_id_2 
_pdbx_validate_rmsd_bond.PDB_ins_code_2 
_pdbx_validate_rmsd_bond.label_alt_id_2 
_pdbx_validate_rmsd_bond.bond_value 
_pdbx_validate_rmsd_bond.bond_target_value 
_pdbx_validate_rmsd_bond.bond_deviation 
_pdbx_validate_rmsd_bond.bond_standard_deviation 
_pdbx_validate_rmsd_bond.linker_flag 
1 1 CB B GLU 146 ? ? CG B GLU 146 ? ? 1.650 1.517 0.133 0.019 N 
2 1 CG B GLU 146 ? ? CD B GLU 146 ? ? 1.644 1.515 0.129 0.015 N 
# 
loop_
_pdbx_validate_rmsd_angle.id 
_pdbx_validate_rmsd_angle.PDB_model_num 
_pdbx_validate_rmsd_angle.auth_atom_id_1 
_pdbx_validate_rmsd_angle.auth_asym_id_1 
_pdbx_validate_rmsd_angle.auth_comp_id_1 
_pdbx_validate_rmsd_angle.auth_seq_id_1 
_pdbx_validate_rmsd_angle.PDB_ins_code_1 
_pdbx_validate_rmsd_angle.label_alt_id_1 
_pdbx_validate_rmsd_angle.auth_atom_id_2 
_pdbx_validate_rmsd_angle.auth_asym_id_2 
_pdbx_validate_rmsd_angle.auth_comp_id_2 
_pdbx_validate_rmsd_angle.auth_seq_id_2 
_pdbx_validate_rmsd_angle.PDB_ins_code_2 
_pdbx_validate_rmsd_angle.label_alt_id_2 
_pdbx_validate_rmsd_angle.auth_atom_id_3 
_pdbx_validate_rmsd_angle.auth_asym_id_3 
_pdbx_validate_rmsd_angle.auth_comp_id_3 
_pdbx_validate_rmsd_angle.auth_seq_id_3 
_pdbx_validate_rmsd_angle.PDB_ins_code_3 
_pdbx_validate_rmsd_angle.label_alt_id_3 
_pdbx_validate_rmsd_angle.angle_value 
_pdbx_validate_rmsd_angle.angle_target_value 
_pdbx_validate_rmsd_angle.angle_deviation 
_pdbx_validate_rmsd_angle.angle_standard_deviation 
_pdbx_validate_rmsd_angle.linker_flag 
1 1 CA  A CYS 161 ? ? CB A CYS 161 ? ? SG  A CYS 161 ? ? 127.33 114.20 13.13 1.10 N 
2 1 OE1 B GLU 146 ? ? CD B GLU 146 ? ? OE2 B GLU 146 ? ? 114.76 123.30 -8.54 1.20 N 
# 
loop_
_pdbx_struct_mod_residue.id 
_pdbx_struct_mod_residue.label_asym_id 
_pdbx_struct_mod_residue.label_comp_id 
_pdbx_struct_mod_residue.label_seq_id 
_pdbx_struct_mod_residue.auth_asym_id 
_pdbx_struct_mod_residue.auth_comp_id 
_pdbx_struct_mod_residue.auth_seq_id 
_pdbx_struct_mod_residue.PDB_ins_code 
_pdbx_struct_mod_residue.parent_comp_id 
_pdbx_struct_mod_residue.details 
1 A MSE 35 A MSE 160 ? MET SELENOMETHIONINE 
2 A MSE 50 A MSE 175 ? MET SELENOMETHIONINE 
3 B MSE 35 B MSE 160 ? MET SELENOMETHIONINE 
4 B MSE 50 B MSE 175 ? MET SELENOMETHIONINE 
# 
loop_
_pdbx_refine_tls.id 
_pdbx_refine_tls.details 
_pdbx_refine_tls.method 
_pdbx_refine_tls.origin_x 
_pdbx_refine_tls.origin_y 
_pdbx_refine_tls.origin_z 
_pdbx_refine_tls.T[1][1] 
_pdbx_refine_tls.T[2][2] 
_pdbx_refine_tls.T[3][3] 
_pdbx_refine_tls.T[1][2] 
_pdbx_refine_tls.T[1][3] 
_pdbx_refine_tls.T[2][3] 
_pdbx_refine_tls.L[1][1] 
_pdbx_refine_tls.L[2][2] 
_pdbx_refine_tls.L[3][3] 
_pdbx_refine_tls.L[1][2] 
_pdbx_refine_tls.L[1][3] 
_pdbx_refine_tls.L[2][3] 
_pdbx_refine_tls.S[1][1] 
_pdbx_refine_tls.S[1][2] 
_pdbx_refine_tls.S[1][3] 
_pdbx_refine_tls.S[2][1] 
_pdbx_refine_tls.S[2][2] 
_pdbx_refine_tls.S[2][3] 
_pdbx_refine_tls.S[3][1] 
_pdbx_refine_tls.S[3][2] 
_pdbx_refine_tls.S[3][3] 
_pdbx_refine_tls.pdbx_refine_id 
1 ? refined -0.1750 0.5825  1.2920  0.0243 -0.0852 0.0869 0.0532  0.0460  -0.0207 7.8882 5.3483 4.3942 0.9628  -1.5237 -0.9133 0.1397 -0.0794 0.5809  0.0888  -0.0043 0.3673 -0.0941 -0.3304 -0.1355 'X-RAY DIFFRACTION' 
2 ? refined 0.5303  -0.6869 -0.9950 0.0556 -0.0798 0.0705 -0.0038 -0.0471 -0.0136 5.1891 3.4224 3.3825 -1.3055 0.6949  -1.0416 0.1351 0.1243  -0.2558 -0.0043 -0.0743 0.3811 0.0764  -0.1314 -0.0609 'X-RAY DIFFRACTION' 
# 
loop_
_pdbx_refine_tls_group.id 
_pdbx_refine_tls_group.refine_tls_id 
_pdbx_refine_tls_group.beg_auth_asym_id 
_pdbx_refine_tls_group.beg_auth_seq_id 
_pdbx_refine_tls_group.beg_label_asym_id 
_pdbx_refine_tls_group.beg_label_seq_id 
_pdbx_refine_tls_group.end_auth_asym_id 
_pdbx_refine_tls_group.end_auth_seq_id 
_pdbx_refine_tls_group.end_label_asym_id 
_pdbx_refine_tls_group.end_label_seq_id 
_pdbx_refine_tls_group.selection 
_pdbx_refine_tls_group.pdbx_refine_id 
_pdbx_refine_tls_group.selection_details 
1 1 A 127 A 2 A 177 A 52 ? 'X-RAY DIFFRACTION' ? 
2 2 B 127 B 2 B 177 B 52 ? 'X-RAY DIFFRACTION' ? 
# 
_pdbx_unobs_or_zero_occ_residues.id               1 
_pdbx_unobs_or_zero_occ_residues.PDB_model_num    1 
_pdbx_unobs_or_zero_occ_residues.polymer_flag     Y 
_pdbx_unobs_or_zero_occ_residues.occupancy_flag   1 
_pdbx_unobs_or_zero_occ_residues.auth_asym_id     A 
_pdbx_unobs_or_zero_occ_residues.auth_comp_id     GLY 
_pdbx_unobs_or_zero_occ_residues.auth_seq_id      126 
_pdbx_unobs_or_zero_occ_residues.PDB_ins_code     ? 
_pdbx_unobs_or_zero_occ_residues.label_asym_id    A 
_pdbx_unobs_or_zero_occ_residues.label_comp_id    GLY 
_pdbx_unobs_or_zero_occ_residues.label_seq_id     1 
# 
loop_
_chem_comp_atom.comp_id 
_chem_comp_atom.atom_id 
_chem_comp_atom.type_symbol 
_chem_comp_atom.pdbx_aromatic_flag 
_chem_comp_atom.pdbx_stereo_config 
_chem_comp_atom.pdbx_ordinal 
ALA N    N  N N 1   
ALA CA   C  N S 2   
ALA C    C  N N 3   
ALA O    O  N N 4   
ALA CB   C  N N 5   
ALA OXT  O  N N 6   
ALA H    H  N N 7   
ALA H2   H  N N 8   
ALA HA   H  N N 9   
ALA HB1  H  N N 10  
ALA HB2  H  N N 11  
ALA HB3  H  N N 12  
ALA HXT  H  N N 13  
ASN N    N  N N 14  
ASN CA   C  N S 15  
ASN C    C  N N 16  
ASN O    O  N N 17  
ASN CB   C  N N 18  
ASN CG   C  N N 19  
ASN OD1  O  N N 20  
ASN ND2  N  N N 21  
ASN OXT  O  N N 22  
ASN H    H  N N 23  
ASN H2   H  N N 24  
ASN HA   H  N N 25  
ASN HB2  H  N N 26  
ASN HB3  H  N N 27  
ASN HD21 H  N N 28  
ASN HD22 H  N N 29  
ASN HXT  H  N N 30  
ASP N    N  N N 31  
ASP CA   C  N S 32  
ASP C    C  N N 33  
ASP O    O  N N 34  
ASP CB   C  N N 35  
ASP CG   C  N N 36  
ASP OD1  O  N N 37  
ASP OD2  O  N N 38  
ASP OXT  O  N N 39  
ASP H    H  N N 40  
ASP H2   H  N N 41  
ASP HA   H  N N 42  
ASP HB2  H  N N 43  
ASP HB3  H  N N 44  
ASP HD2  H  N N 45  
ASP HXT  H  N N 46  
CD  CD   CD N N 47  
CYS N    N  N N 48  
CYS CA   C  N R 49  
CYS C    C  N N 50  
CYS O    O  N N 51  
CYS CB   C  N N 52  
CYS SG   S  N N 53  
CYS OXT  O  N N 54  
CYS H    H  N N 55  
CYS H2   H  N N 56  
CYS HA   H  N N 57  
CYS HB2  H  N N 58  
CYS HB3  H  N N 59  
CYS HG   H  N N 60  
CYS HXT  H  N N 61  
GLN N    N  N N 62  
GLN CA   C  N S 63  
GLN C    C  N N 64  
GLN O    O  N N 65  
GLN CB   C  N N 66  
GLN CG   C  N N 67  
GLN CD   C  N N 68  
GLN OE1  O  N N 69  
GLN NE2  N  N N 70  
GLN OXT  O  N N 71  
GLN H    H  N N 72  
GLN H2   H  N N 73  
GLN HA   H  N N 74  
GLN HB2  H  N N 75  
GLN HB3  H  N N 76  
GLN HG2  H  N N 77  
GLN HG3  H  N N 78  
GLN HE21 H  N N 79  
GLN HE22 H  N N 80  
GLN HXT  H  N N 81  
GLU N    N  N N 82  
GLU CA   C  N S 83  
GLU C    C  N N 84  
GLU O    O  N N 85  
GLU CB   C  N N 86  
GLU CG   C  N N 87  
GLU CD   C  N N 88  
GLU OE1  O  N N 89  
GLU OE2  O  N N 90  
GLU OXT  O  N N 91  
GLU H    H  N N 92  
GLU H2   H  N N 93  
GLU HA   H  N N 94  
GLU HB2  H  N N 95  
GLU HB3  H  N N 96  
GLU HG2  H  N N 97  
GLU HG3  H  N N 98  
GLU HE2  H  N N 99  
GLU HXT  H  N N 100 
GLY N    N  N N 101 
GLY CA   C  N N 102 
GLY C    C  N N 103 
GLY O    O  N N 104 
GLY OXT  O  N N 105 
GLY H    H  N N 106 
GLY H2   H  N N 107 
GLY HA2  H  N N 108 
GLY HA3  H  N N 109 
GLY HXT  H  N N 110 
HIS N    N  N N 111 
HIS CA   C  N S 112 
HIS C    C  N N 113 
HIS O    O  N N 114 
HIS CB   C  N N 115 
HIS CG   C  Y N 116 
HIS ND1  N  Y N 117 
HIS CD2  C  Y N 118 
HIS CE1  C  Y N 119 
HIS NE2  N  Y N 120 
HIS OXT  O  N N 121 
HIS H    H  N N 122 
HIS H2   H  N N 123 
HIS HA   H  N N 124 
HIS HB2  H  N N 125 
HIS HB3  H  N N 126 
HIS HD1  H  N N 127 
HIS HD2  H  N N 128 
HIS HE1  H  N N 129 
HIS HE2  H  N N 130 
HIS HXT  H  N N 131 
HOH O    O  N N 132 
HOH H1   H  N N 133 
HOH H2   H  N N 134 
ILE N    N  N N 135 
ILE CA   C  N S 136 
ILE C    C  N N 137 
ILE O    O  N N 138 
ILE CB   C  N S 139 
ILE CG1  C  N N 140 
ILE CG2  C  N N 141 
ILE CD1  C  N N 142 
ILE OXT  O  N N 143 
ILE H    H  N N 144 
ILE H2   H  N N 145 
ILE HA   H  N N 146 
ILE HB   H  N N 147 
ILE HG12 H  N N 148 
ILE HG13 H  N N 149 
ILE HG21 H  N N 150 
ILE HG22 H  N N 151 
ILE HG23 H  N N 152 
ILE HD11 H  N N 153 
ILE HD12 H  N N 154 
ILE HD13 H  N N 155 
ILE HXT  H  N N 156 
LEU N    N  N N 157 
LEU CA   C  N S 158 
LEU C    C  N N 159 
LEU O    O  N N 160 
LEU CB   C  N N 161 
LEU CG   C  N N 162 
LEU CD1  C  N N 163 
LEU CD2  C  N N 164 
LEU OXT  O  N N 165 
LEU H    H  N N 166 
LEU H2   H  N N 167 
LEU HA   H  N N 168 
LEU HB2  H  N N 169 
LEU HB3  H  N N 170 
LEU HG   H  N N 171 
LEU HD11 H  N N 172 
LEU HD12 H  N N 173 
LEU HD13 H  N N 174 
LEU HD21 H  N N 175 
LEU HD22 H  N N 176 
LEU HD23 H  N N 177 
LEU HXT  H  N N 178 
LYS N    N  N N 179 
LYS CA   C  N S 180 
LYS C    C  N N 181 
LYS O    O  N N 182 
LYS CB   C  N N 183 
LYS CG   C  N N 184 
LYS CD   C  N N 185 
LYS CE   C  N N 186 
LYS NZ   N  N N 187 
LYS OXT  O  N N 188 
LYS H    H  N N 189 
LYS H2   H  N N 190 
LYS HA   H  N N 191 
LYS HB2  H  N N 192 
LYS HB3  H  N N 193 
LYS HG2  H  N N 194 
LYS HG3  H  N N 195 
LYS HD2  H  N N 196 
LYS HD3  H  N N 197 
LYS HE2  H  N N 198 
LYS HE3  H  N N 199 
LYS HZ1  H  N N 200 
LYS HZ2  H  N N 201 
LYS HZ3  H  N N 202 
LYS HXT  H  N N 203 
MET N    N  N N 204 
MET CA   C  N S 205 
MET C    C  N N 206 
MET O    O  N N 207 
MET CB   C  N N 208 
MET CG   C  N N 209 
MET SD   S  N N 210 
MET CE   C  N N 211 
MET OXT  O  N N 212 
MET H    H  N N 213 
MET H2   H  N N 214 
MET HA   H  N N 215 
MET HB2  H  N N 216 
MET HB3  H  N N 217 
MET HG2  H  N N 218 
MET HG3  H  N N 219 
MET HE1  H  N N 220 
MET HE2  H  N N 221 
MET HE3  H  N N 222 
MET HXT  H  N N 223 
MSE N    N  N N 224 
MSE CA   C  N S 225 
MSE C    C  N N 226 
MSE O    O  N N 227 
MSE OXT  O  N N 228 
MSE CB   C  N N 229 
MSE CG   C  N N 230 
MSE SE   SE N N 231 
MSE CE   C  N N 232 
MSE H    H  N N 233 
MSE H2   H  N N 234 
MSE HA   H  N N 235 
MSE HXT  H  N N 236 
MSE HB2  H  N N 237 
MSE HB3  H  N N 238 
MSE HG2  H  N N 239 
MSE HG3  H  N N 240 
MSE HE1  H  N N 241 
MSE HE2  H  N N 242 
MSE HE3  H  N N 243 
PHE N    N  N N 244 
PHE CA   C  N S 245 
PHE C    C  N N 246 
PHE O    O  N N 247 
PHE CB   C  N N 248 
PHE CG   C  Y N 249 
PHE CD1  C  Y N 250 
PHE CD2  C  Y N 251 
PHE CE1  C  Y N 252 
PHE CE2  C  Y N 253 
PHE CZ   C  Y N 254 
PHE OXT  O  N N 255 
PHE H    H  N N 256 
PHE H2   H  N N 257 
PHE HA   H  N N 258 
PHE HB2  H  N N 259 
PHE HB3  H  N N 260 
PHE HD1  H  N N 261 
PHE HD2  H  N N 262 
PHE HE1  H  N N 263 
PHE HE2  H  N N 264 
PHE HZ   H  N N 265 
PHE HXT  H  N N 266 
PRO N    N  N N 267 
PRO CA   C  N S 268 
PRO C    C  N N 269 
PRO O    O  N N 270 
PRO CB   C  N N 271 
PRO CG   C  N N 272 
PRO CD   C  N N 273 
PRO OXT  O  N N 274 
PRO H    H  N N 275 
PRO HA   H  N N 276 
PRO HB2  H  N N 277 
PRO HB3  H  N N 278 
PRO HG2  H  N N 279 
PRO HG3  H  N N 280 
PRO HD2  H  N N 281 
PRO HD3  H  N N 282 
PRO HXT  H  N N 283 
SER N    N  N N 284 
SER CA   C  N S 285 
SER C    C  N N 286 
SER O    O  N N 287 
SER CB   C  N N 288 
SER OG   O  N N 289 
SER OXT  O  N N 290 
SER H    H  N N 291 
SER H2   H  N N 292 
SER HA   H  N N 293 
SER HB2  H  N N 294 
SER HB3  H  N N 295 
SER HG   H  N N 296 
SER HXT  H  N N 297 
TRP N    N  N N 298 
TRP CA   C  N S 299 
TRP C    C  N N 300 
TRP O    O  N N 301 
TRP CB   C  N N 302 
TRP CG   C  Y N 303 
TRP CD1  C  Y N 304 
TRP CD2  C  Y N 305 
TRP NE1  N  Y N 306 
TRP CE2  C  Y N 307 
TRP CE3  C  Y N 308 
TRP CZ2  C  Y N 309 
TRP CZ3  C  Y N 310 
TRP CH2  C  Y N 311 
TRP OXT  O  N N 312 
TRP H    H  N N 313 
TRP H2   H  N N 314 
TRP HA   H  N N 315 
TRP HB2  H  N N 316 
TRP HB3  H  N N 317 
TRP HD1  H  N N 318 
TRP HE1  H  N N 319 
TRP HE3  H  N N 320 
TRP HZ2  H  N N 321 
TRP HZ3  H  N N 322 
TRP HH2  H  N N 323 
TRP HXT  H  N N 324 
TYR N    N  N N 325 
TYR CA   C  N S 326 
TYR C    C  N N 327 
TYR O    O  N N 328 
TYR CB   C  N N 329 
TYR CG   C  Y N 330 
TYR CD1  C  Y N 331 
TYR CD2  C  Y N 332 
TYR CE1  C  Y N 333 
TYR CE2  C  Y N 334 
TYR CZ   C  Y N 335 
TYR OH   O  N N 336 
TYR OXT  O  N N 337 
TYR H    H  N N 338 
TYR H2   H  N N 339 
TYR HA   H  N N 340 
TYR HB2  H  N N 341 
TYR HB3  H  N N 342 
TYR HD1  H  N N 343 
TYR HD2  H  N N 344 
TYR HE1  H  N N 345 
TYR HE2  H  N N 346 
TYR HH   H  N N 347 
TYR HXT  H  N N 348 
VAL N    N  N N 349 
VAL CA   C  N S 350 
VAL C    C  N N 351 
VAL O    O  N N 352 
VAL CB   C  N N 353 
VAL CG1  C  N N 354 
VAL CG2  C  N N 355 
VAL OXT  O  N N 356 
VAL H    H  N N 357 
VAL H2   H  N N 358 
VAL HA   H  N N 359 
VAL HB   H  N N 360 
VAL HG11 H  N N 361 
VAL HG12 H  N N 362 
VAL HG13 H  N N 363 
VAL HG21 H  N N 364 
VAL HG22 H  N N 365 
VAL HG23 H  N N 366 
VAL HXT  H  N N 367 
# 
loop_
_chem_comp_bond.comp_id 
_chem_comp_bond.atom_id_1 
_chem_comp_bond.atom_id_2 
_chem_comp_bond.value_order 
_chem_comp_bond.pdbx_aromatic_flag 
_chem_comp_bond.pdbx_stereo_config 
_chem_comp_bond.pdbx_ordinal 
ALA N   CA   sing N N 1   
ALA N   H    sing N N 2   
ALA N   H2   sing N N 3   
ALA CA  C    sing N N 4   
ALA CA  CB   sing N N 5   
ALA CA  HA   sing N N 6   
ALA C   O    doub N N 7   
ALA C   OXT  sing N N 8   
ALA CB  HB1  sing N N 9   
ALA CB  HB2  sing N N 10  
ALA CB  HB3  sing N N 11  
ALA OXT HXT  sing N N 12  
ASN N   CA   sing N N 13  
ASN N   H    sing N N 14  
ASN N   H2   sing N N 15  
ASN CA  C    sing N N 16  
ASN CA  CB   sing N N 17  
ASN CA  HA   sing N N 18  
ASN C   O    doub N N 19  
ASN C   OXT  sing N N 20  
ASN CB  CG   sing N N 21  
ASN CB  HB2  sing N N 22  
ASN CB  HB3  sing N N 23  
ASN CG  OD1  doub N N 24  
ASN CG  ND2  sing N N 25  
ASN ND2 HD21 sing N N 26  
ASN ND2 HD22 sing N N 27  
ASN OXT HXT  sing N N 28  
ASP N   CA   sing N N 29  
ASP N   H    sing N N 30  
ASP N   H2   sing N N 31  
ASP CA  C    sing N N 32  
ASP CA  CB   sing N N 33  
ASP CA  HA   sing N N 34  
ASP C   O    doub N N 35  
ASP C   OXT  sing N N 36  
ASP CB  CG   sing N N 37  
ASP CB  HB2  sing N N 38  
ASP CB  HB3  sing N N 39  
ASP CG  OD1  doub N N 40  
ASP CG  OD2  sing N N 41  
ASP OD2 HD2  sing N N 42  
ASP OXT HXT  sing N N 43  
CYS N   CA   sing N N 44  
CYS N   H    sing N N 45  
CYS N   H2   sing N N 46  
CYS CA  C    sing N N 47  
CYS CA  CB   sing N N 48  
CYS CA  HA   sing N N 49  
CYS C   O    doub N N 50  
CYS C   OXT  sing N N 51  
CYS CB  SG   sing N N 52  
CYS CB  HB2  sing N N 53  
CYS CB  HB3  sing N N 54  
CYS SG  HG   sing N N 55  
CYS OXT HXT  sing N N 56  
GLN N   CA   sing N N 57  
GLN N   H    sing N N 58  
GLN N   H2   sing N N 59  
GLN CA  C    sing N N 60  
GLN CA  CB   sing N N 61  
GLN CA  HA   sing N N 62  
GLN C   O    doub N N 63  
GLN C   OXT  sing N N 64  
GLN CB  CG   sing N N 65  
GLN CB  HB2  sing N N 66  
GLN CB  HB3  sing N N 67  
GLN CG  CD   sing N N 68  
GLN CG  HG2  sing N N 69  
GLN CG  HG3  sing N N 70  
GLN CD  OE1  doub N N 71  
GLN CD  NE2  sing N N 72  
GLN NE2 HE21 sing N N 73  
GLN NE2 HE22 sing N N 74  
GLN OXT HXT  sing N N 75  
GLU N   CA   sing N N 76  
GLU N   H    sing N N 77  
GLU N   H2   sing N N 78  
GLU CA  C    sing N N 79  
GLU CA  CB   sing N N 80  
GLU CA  HA   sing N N 81  
GLU C   O    doub N N 82  
GLU C   OXT  sing N N 83  
GLU CB  CG   sing N N 84  
GLU CB  HB2  sing N N 85  
GLU CB  HB3  sing N N 86  
GLU CG  CD   sing N N 87  
GLU CG  HG2  sing N N 88  
GLU CG  HG3  sing N N 89  
GLU CD  OE1  doub N N 90  
GLU CD  OE2  sing N N 91  
GLU OE2 HE2  sing N N 92  
GLU OXT HXT  sing N N 93  
GLY N   CA   sing N N 94  
GLY N   H    sing N N 95  
GLY N   H2   sing N N 96  
GLY CA  C    sing N N 97  
GLY CA  HA2  sing N N 98  
GLY CA  HA3  sing N N 99  
GLY C   O    doub N N 100 
GLY C   OXT  sing N N 101 
GLY OXT HXT  sing N N 102 
HIS N   CA   sing N N 103 
HIS N   H    sing N N 104 
HIS N   H2   sing N N 105 
HIS CA  C    sing N N 106 
HIS CA  CB   sing N N 107 
HIS CA  HA   sing N N 108 
HIS C   O    doub N N 109 
HIS C   OXT  sing N N 110 
HIS CB  CG   sing N N 111 
HIS CB  HB2  sing N N 112 
HIS CB  HB3  sing N N 113 
HIS CG  ND1  sing Y N 114 
HIS CG  CD2  doub Y N 115 
HIS ND1 CE1  doub Y N 116 
HIS ND1 HD1  sing N N 117 
HIS CD2 NE2  sing Y N 118 
HIS CD2 HD2  sing N N 119 
HIS CE1 NE2  sing Y N 120 
HIS CE1 HE1  sing N N 121 
HIS NE2 HE2  sing N N 122 
HIS OXT HXT  sing N N 123 
HOH O   H1   sing N N 124 
HOH O   H2   sing N N 125 
ILE N   CA   sing N N 126 
ILE N   H    sing N N 127 
ILE N   H2   sing N N 128 
ILE CA  C    sing N N 129 
ILE CA  CB   sing N N 130 
ILE CA  HA   sing N N 131 
ILE C   O    doub N N 132 
ILE C   OXT  sing N N 133 
ILE CB  CG1  sing N N 134 
ILE CB  CG2  sing N N 135 
ILE CB  HB   sing N N 136 
ILE CG1 CD1  sing N N 137 
ILE CG1 HG12 sing N N 138 
ILE CG1 HG13 sing N N 139 
ILE CG2 HG21 sing N N 140 
ILE CG2 HG22 sing N N 141 
ILE CG2 HG23 sing N N 142 
ILE CD1 HD11 sing N N 143 
ILE CD1 HD12 sing N N 144 
ILE CD1 HD13 sing N N 145 
ILE OXT HXT  sing N N 146 
LEU N   CA   sing N N 147 
LEU N   H    sing N N 148 
LEU N   H2   sing N N 149 
LEU CA  C    sing N N 150 
LEU CA  CB   sing N N 151 
LEU CA  HA   sing N N 152 
LEU C   O    doub N N 153 
LEU C   OXT  sing N N 154 
LEU CB  CG   sing N N 155 
LEU CB  HB2  sing N N 156 
LEU CB  HB3  sing N N 157 
LEU CG  CD1  sing N N 158 
LEU CG  CD2  sing N N 159 
LEU CG  HG   sing N N 160 
LEU CD1 HD11 sing N N 161 
LEU CD1 HD12 sing N N 162 
LEU CD1 HD13 sing N N 163 
LEU CD2 HD21 sing N N 164 
LEU CD2 HD22 sing N N 165 
LEU CD2 HD23 sing N N 166 
LEU OXT HXT  sing N N 167 
LYS N   CA   sing N N 168 
LYS N   H    sing N N 169 
LYS N   H2   sing N N 170 
LYS CA  C    sing N N 171 
LYS CA  CB   sing N N 172 
LYS CA  HA   sing N N 173 
LYS C   O    doub N N 174 
LYS C   OXT  sing N N 175 
LYS CB  CG   sing N N 176 
LYS CB  HB2  sing N N 177 
LYS CB  HB3  sing N N 178 
LYS CG  CD   sing N N 179 
LYS CG  HG2  sing N N 180 
LYS CG  HG3  sing N N 181 
LYS CD  CE   sing N N 182 
LYS CD  HD2  sing N N 183 
LYS CD  HD3  sing N N 184 
LYS CE  NZ   sing N N 185 
LYS CE  HE2  sing N N 186 
LYS CE  HE3  sing N N 187 
LYS NZ  HZ1  sing N N 188 
LYS NZ  HZ2  sing N N 189 
LYS NZ  HZ3  sing N N 190 
LYS OXT HXT  sing N N 191 
MET N   CA   sing N N 192 
MET N   H    sing N N 193 
MET N   H2   sing N N 194 
MET CA  C    sing N N 195 
MET CA  CB   sing N N 196 
MET CA  HA   sing N N 197 
MET C   O    doub N N 198 
MET C   OXT  sing N N 199 
MET CB  CG   sing N N 200 
MET CB  HB2  sing N N 201 
MET CB  HB3  sing N N 202 
MET CG  SD   sing N N 203 
MET CG  HG2  sing N N 204 
MET CG  HG3  sing N N 205 
MET SD  CE   sing N N 206 
MET CE  HE1  sing N N 207 
MET CE  HE2  sing N N 208 
MET CE  HE3  sing N N 209 
MET OXT HXT  sing N N 210 
MSE N   CA   sing N N 211 
MSE N   H    sing N N 212 
MSE N   H2   sing N N 213 
MSE CA  C    sing N N 214 
MSE CA  CB   sing N N 215 
MSE CA  HA   sing N N 216 
MSE C   O    doub N N 217 
MSE C   OXT  sing N N 218 
MSE OXT HXT  sing N N 219 
MSE CB  CG   sing N N 220 
MSE CB  HB2  sing N N 221 
MSE CB  HB3  sing N N 222 
MSE CG  SE   sing N N 223 
MSE CG  HG2  sing N N 224 
MSE CG  HG3  sing N N 225 
MSE SE  CE   sing N N 226 
MSE CE  HE1  sing N N 227 
MSE CE  HE2  sing N N 228 
MSE CE  HE3  sing N N 229 
PHE N   CA   sing N N 230 
PHE N   H    sing N N 231 
PHE N   H2   sing N N 232 
PHE CA  C    sing N N 233 
PHE CA  CB   sing N N 234 
PHE CA  HA   sing N N 235 
PHE C   O    doub N N 236 
PHE C   OXT  sing N N 237 
PHE CB  CG   sing N N 238 
PHE CB  HB2  sing N N 239 
PHE CB  HB3  sing N N 240 
PHE CG  CD1  doub Y N 241 
PHE CG  CD2  sing Y N 242 
PHE CD1 CE1  sing Y N 243 
PHE CD1 HD1  sing N N 244 
PHE CD2 CE2  doub Y N 245 
PHE CD2 HD2  sing N N 246 
PHE CE1 CZ   doub Y N 247 
PHE CE1 HE1  sing N N 248 
PHE CE2 CZ   sing Y N 249 
PHE CE2 HE2  sing N N 250 
PHE CZ  HZ   sing N N 251 
PHE OXT HXT  sing N N 252 
PRO N   CA   sing N N 253 
PRO N   CD   sing N N 254 
PRO N   H    sing N N 255 
PRO CA  C    sing N N 256 
PRO CA  CB   sing N N 257 
PRO CA  HA   sing N N 258 
PRO C   O    doub N N 259 
PRO C   OXT  sing N N 260 
PRO CB  CG   sing N N 261 
PRO CB  HB2  sing N N 262 
PRO CB  HB3  sing N N 263 
PRO CG  CD   sing N N 264 
PRO CG  HG2  sing N N 265 
PRO CG  HG3  sing N N 266 
PRO CD  HD2  sing N N 267 
PRO CD  HD3  sing N N 268 
PRO OXT HXT  sing N N 269 
SER N   CA   sing N N 270 
SER N   H    sing N N 271 
SER N   H2   sing N N 272 
SER CA  C    sing N N 273 
SER CA  CB   sing N N 274 
SER CA  HA   sing N N 275 
SER C   O    doub N N 276 
SER C   OXT  sing N N 277 
SER CB  OG   sing N N 278 
SER CB  HB2  sing N N 279 
SER CB  HB3  sing N N 280 
SER OG  HG   sing N N 281 
SER OXT HXT  sing N N 282 
TRP N   CA   sing N N 283 
TRP N   H    sing N N 284 
TRP N   H2   sing N N 285 
TRP CA  C    sing N N 286 
TRP CA  CB   sing N N 287 
TRP CA  HA   sing N N 288 
TRP C   O    doub N N 289 
TRP C   OXT  sing N N 290 
TRP CB  CG   sing N N 291 
TRP CB  HB2  sing N N 292 
TRP CB  HB3  sing N N 293 
TRP CG  CD1  doub Y N 294 
TRP CG  CD2  sing Y N 295 
TRP CD1 NE1  sing Y N 296 
TRP CD1 HD1  sing N N 297 
TRP CD2 CE2  doub Y N 298 
TRP CD2 CE3  sing Y N 299 
TRP NE1 CE2  sing Y N 300 
TRP NE1 HE1  sing N N 301 
TRP CE2 CZ2  sing Y N 302 
TRP CE3 CZ3  doub Y N 303 
TRP CE3 HE3  sing N N 304 
TRP CZ2 CH2  doub Y N 305 
TRP CZ2 HZ2  sing N N 306 
TRP CZ3 CH2  sing Y N 307 
TRP CZ3 HZ3  sing N N 308 
TRP CH2 HH2  sing N N 309 
TRP OXT HXT  sing N N 310 
TYR N   CA   sing N N 311 
TYR N   H    sing N N 312 
TYR N   H2   sing N N 313 
TYR CA  C    sing N N 314 
TYR CA  CB   sing N N 315 
TYR CA  HA   sing N N 316 
TYR C   O    doub N N 317 
TYR C   OXT  sing N N 318 
TYR CB  CG   sing N N 319 
TYR CB  HB2  sing N N 320 
TYR CB  HB3  sing N N 321 
TYR CG  CD1  doub Y N 322 
TYR CG  CD2  sing Y N 323 
TYR CD1 CE1  sing Y N 324 
TYR CD1 HD1  sing N N 325 
TYR CD2 CE2  doub Y N 326 
TYR CD2 HD2  sing N N 327 
TYR CE1 CZ   doub Y N 328 
TYR CE1 HE1  sing N N 329 
TYR CE2 CZ   sing Y N 330 
TYR CE2 HE2  sing N N 331 
TYR CZ  OH   sing N N 332 
TYR OH  HH   sing N N 333 
TYR OXT HXT  sing N N 334 
VAL N   CA   sing N N 335 
VAL N   H    sing N N 336 
VAL N   H2   sing N N 337 
VAL CA  C    sing N N 338 
VAL CA  CB   sing N N 339 
VAL CA  HA   sing N N 340 
VAL C   O    doub N N 341 
VAL C   OXT  sing N N 342 
VAL CB  CG1  sing N N 343 
VAL CB  CG2  sing N N 344 
VAL CB  HB   sing N N 345 
VAL CG1 HG11 sing N N 346 
VAL CG1 HG12 sing N N 347 
VAL CG1 HG13 sing N N 348 
VAL CG2 HG21 sing N N 349 
VAL CG2 HG22 sing N N 350 
VAL CG2 HG23 sing N N 351 
VAL OXT HXT  sing N N 352 
# 
_atom_sites.entry_id                    2P64 
_atom_sites.fract_transf_matrix[1][1]   -0.00972138 
_atom_sites.fract_transf_matrix[1][2]   0.00838435 
_atom_sites.fract_transf_matrix[1][3]   0.00564038 
_atom_sites.fract_transf_matrix[2][1]   0.01002811 
_atom_sites.fract_transf_matrix[2][2]   0.00704094 
_atom_sites.fract_transf_matrix[2][3]   0.00681752 
_atom_sites.fract_transf_matrix[3][1]   0.00076295 
_atom_sites.fract_transf_matrix[3][2]   0.00537169 
_atom_sites.fract_transf_matrix[3][3]   -0.00666997 
_atom_sites.fract_transf_vector[1]      0.930084 
_atom_sites.fract_transf_vector[2]      0.606873 
_atom_sites.fract_transf_vector[3]      0.482948 
# 
loop_
_atom_type.symbol 
C  
CD 
N  
O  
S  
SE 
# 
loop_
_atom_site.group_PDB 
_atom_site.id 
_atom_site.type_symbol 
_atom_site.label_atom_id 
_atom_site.label_alt_id 
_atom_site.label_comp_id 
_atom_site.label_asym_id 
_atom_site.label_entity_id 
_atom_site.label_seq_id 
_atom_site.pdbx_PDB_ins_code 
_atom_site.Cartn_x 
_atom_site.Cartn_y 
_atom_site.Cartn_z 
_atom_site.occupancy 
_atom_site.B_iso_or_equiv 
_atom_site.pdbx_formal_charge 
_atom_site.auth_seq_id 
_atom_site.auth_comp_id 
_atom_site.auth_asym_id 
_atom_site.auth_atom_id 
_atom_site.pdbx_PDB_model_num 
ATOM   1   N  N   . ALA A 1 2  ? 6.147   -0.346  16.037  1.00 20.00 ? 127 ALA A N   1 
ATOM   2   C  CA  . ALA A 1 2  ? 7.586   -0.126  15.951  1.00 20.00 ? 127 ALA A CA  1 
ATOM   3   C  C   . ALA A 1 2  ? 8.328   -0.903  17.033  1.00 20.00 ? 127 ALA A C   1 
ATOM   4   O  O   . ALA A 1 2  ? 7.736   -1.770  17.674  1.00 65.89 ? 127 ALA A O   1 
ATOM   5   C  CB  . ALA A 1 2  ? 7.904   1.359   16.051  1.00 20.00 ? 127 ALA A CB  1 
ATOM   6   N  N   . ALA A 1 3  ? 9.607   -0.582  17.258  1.00 65.37 ? 128 ALA A N   1 
ATOM   7   C  CA  . ALA A 1 3  ? 10.312  0.543   16.624  1.00 64.68 ? 128 ALA A CA  1 
ATOM   8   C  C   . ALA A 1 3  ? 10.951  0.216   15.256  1.00 64.10 ? 128 ALA A C   1 
ATOM   9   O  O   . ALA A 1 3  ? 11.055  1.092   14.387  1.00 64.00 ? 128 ALA A O   1 
ATOM   10  C  CB  . ALA A 1 3  ? 11.370  1.105   17.585  1.00 64.80 ? 128 ALA A CB  1 
ATOM   11  N  N   . SER A 1 4  ? 11.397  -1.033  15.102  1.00 63.00 ? 129 SER A N   1 
ATOM   12  C  CA  . SER A 1 4  ? 11.919  -1.568  13.844  1.00 61.88 ? 129 SER A CA  1 
ATOM   13  C  C   . SER A 1 4  ? 10.939  -1.343  12.675  1.00 60.94 ? 129 SER A C   1 
ATOM   14  O  O   . SER A 1 4  ? 11.330  -0.897  11.590  1.00 59.69 ? 129 SER A O   1 
ATOM   15  C  CB  . SER A 1 4  ? 12.225  -3.062  14.021  1.00 62.04 ? 129 SER A CB  1 
ATOM   16  O  OG  . SER A 1 4  ? 12.378  -3.727  12.781  1.00 62.94 ? 129 SER A OG  1 
ATOM   17  N  N   . TYR A 1 5  ? 9.663   -1.642  12.907  1.00 60.00 ? 130 TYR A N   1 
ATOM   18  C  CA  . TYR A 1 5  ? 8.639   -1.356  11.910  1.00 59.21 ? 130 TYR A CA  1 
ATOM   19  C  C   . TYR A 1 5  ? 8.539   0.143   11.642  1.00 58.35 ? 130 TYR A C   1 
ATOM   20  O  O   . TYR A 1 5  ? 8.389   0.549   10.495  1.00 57.59 ? 130 TYR A O   1 
ATOM   21  C  CB  . TYR A 1 5  ? 7.284   -1.953  12.309  1.00 59.40 ? 130 TYR A CB  1 
ATOM   22  C  CG  . TYR A 1 5  ? 6.079   -1.308  11.653  1.00 59.96 ? 130 TYR A CG  1 
ATOM   23  C  CD1 . TYR A 1 5  ? 5.815   -1.474  10.289  1.00 59.54 ? 130 TYR A CD1 1 
ATOM   24  C  CD2 . TYR A 1 5  ? 5.194   -0.533  12.403  1.00 59.54 ? 130 TYR A CD2 1 
ATOM   25  C  CE1 . TYR A 1 5  ? 4.705   -0.868  9.691   1.00 59.15 ? 130 TYR A CE1 1 
ATOM   26  C  CE2 . TYR A 1 5  ? 4.089   0.064   11.824  1.00 58.65 ? 130 TYR A CE2 1 
ATOM   27  C  CZ  . TYR A 1 5  ? 3.847   -0.103  10.472  1.00 60.52 ? 130 TYR A CZ  1 
ATOM   28  O  OH  . TYR A 1 5  ? 2.727   0.496   9.915   1.00 62.06 ? 130 TYR A OH  1 
ATOM   29  N  N   . GLU A 1 6  ? 8.661   0.956   12.695  1.00 57.92 ? 131 GLU A N   1 
ATOM   30  C  CA  . GLU A 1 6  ? 8.514   2.415   12.587  1.00 57.40 ? 131 GLU A CA  1 
ATOM   31  C  C   . GLU A 1 6  ? 9.687   3.065   11.823  1.00 56.11 ? 131 GLU A C   1 
ATOM   32  O  O   . GLU A 1 6  ? 9.474   3.960   11.000  1.00 55.11 ? 131 GLU A O   1 
ATOM   33  C  CB  . GLU A 1 6  ? 8.325   3.046   13.974  1.00 58.07 ? 131 GLU A CB  1 
ATOM   34  C  CG  . GLU A 1 6  ? 7.316   4.208   14.026  1.00 61.14 ? 131 GLU A CG  1 
ATOM   35  C  CD  . GLU A 1 6  ? 5.863   3.776   13.759  1.00 65.04 ? 131 GLU A CD  1 
ATOM   36  O  OE1 . GLU A 1 6  ? 5.358   2.863   14.457  1.00 66.12 ? 131 GLU A OE1 1 
ATOM   37  O  OE2 . GLU A 1 6  ? 5.223   4.362   12.851  1.00 67.26 ? 131 GLU A OE2 1 
ATOM   38  N  N   . LYS A 1 7  ? 10.908  2.597   12.100  1.00 55.02 ? 132 LYS A N   1 
ATOM   39  C  CA  . LYS A 1 7  ? 12.102  2.943   11.312  1.00 54.65 ? 132 LYS A CA  1 
ATOM   40  C  C   . LYS A 1 7  ? 11.903  2.602   9.820   1.00 53.49 ? 132 LYS A C   1 
ATOM   41  O  O   . LYS A 1 7  ? 12.096  3.456   8.950   1.00 53.18 ? 132 LYS A O   1 
ATOM   42  C  CB  . LYS A 1 7  ? 13.332  2.214   11.875  1.00 54.46 ? 132 LYS A CB  1 
ATOM   43  C  CG  . LYS A 1 7  ? 14.694  2.696   11.341  1.00 56.52 ? 132 LYS A CG  1 
ATOM   44  C  CD  . LYS A 1 7  ? 15.890  1.907   11.947  1.00 56.84 ? 132 LYS A CD  1 
ATOM   45  C  CE  . LYS A 1 7  ? 16.298  0.660   11.118  1.00 60.92 ? 132 LYS A CE  1 
ATOM   46  N  NZ  . LYS A 1 7  ? 15.229  -0.413  10.945  1.00 61.51 ? 132 LYS A NZ  1 
ATOM   47  N  N   . GLU A 1 8  ? 11.474  1.369   9.546   1.00 52.43 ? 133 GLU A N   1 
ATOM   48  C  CA  . GLU A 1 8  ? 11.301  0.872   8.184   1.00 51.75 ? 133 GLU A CA  1 
ATOM   49  C  C   . GLU A 1 8  ? 10.098  1.477   7.464   1.00 52.18 ? 133 GLU A C   1 
ATOM   50  O  O   . GLU A 1 8  ? 10.177  1.754   6.265   1.00 51.26 ? 133 GLU A O   1 
ATOM   51  C  CB  . GLU A 1 8  ? 11.220  -0.661  8.165   1.00 51.51 ? 133 GLU A CB  1 
ATOM   52  C  CG  . GLU A 1 8  ? 12.520  -1.367  8.563   1.00 49.89 ? 133 GLU A CG  1 
ATOM   53  C  CD  . GLU A 1 8  ? 12.325  -2.842  8.940   1.00 50.70 ? 133 GLU A CD  1 
ATOM   54  O  OE1 . GLU A 1 8  ? 11.229  -3.428  8.704   1.00 47.98 ? 133 GLU A OE1 1 
ATOM   55  O  OE2 . GLU A 1 8  ? 13.287  -3.430  9.483   1.00 51.04 ? 133 GLU A OE2 1 
ATOM   56  N  N   . LYS A 1 9  ? 8.997   1.676   8.195   1.00 53.10 ? 134 LYS A N   1 
ATOM   57  C  CA  . LYS A 1 9  ? 7.775   2.274   7.638   1.00 54.20 ? 134 LYS A CA  1 
ATOM   58  C  C   . LYS A 1 9  ? 8.082   3.676   7.159   1.00 54.00 ? 134 LYS A C   1 
ATOM   59  O  O   . LYS A 1 9  ? 7.679   4.055   6.060   1.00 53.97 ? 134 LYS A O   1 
ATOM   60  C  CB  . LYS A 1 9  ? 6.636   2.269   8.669   1.00 54.87 ? 134 LYS A CB  1 
ATOM   61  C  CG  . LYS A 1 9  ? 5.507   3.343   8.519   1.00 56.20 ? 134 LYS A CG  1 
ATOM   62  C  CD  . LYS A 1 9  ? 4.609   3.350   9.764   1.00 56.35 ? 134 LYS A CD  1 
ATOM   63  C  CE  . LYS A 1 9  ? 3.672   4.566   9.845   1.00 59.84 ? 134 LYS A CE  1 
ATOM   64  N  NZ  . LYS A 1 9  ? 2.341   4.291   9.183   1.00 62.18 ? 134 LYS A NZ  1 
ATOM   65  N  N   . GLU A 1 10 ? 8.835   4.422   7.967   1.00 53.87 ? 135 GLU A N   1 
ATOM   66  C  CA  . GLU A 1 10 ? 9.250   5.770   7.613   1.00 54.36 ? 135 GLU A CA  1 
ATOM   67  C  C   . GLU A 1 10 ? 10.104  5.807   6.349   1.00 53.95 ? 135 GLU A C   1 
ATOM   68  O  O   . GLU A 1 10 ? 9.902   6.690   5.522   1.00 53.62 ? 135 GLU A O   1 
ATOM   69  C  CB  . GLU A 1 10 ? 10.014  6.427   8.754   1.00 55.00 ? 135 GLU A CB  1 
ATOM   70  C  CG  . GLU A 1 10 ? 9.739   7.922   8.889   1.00 58.74 ? 135 GLU A CG  1 
ATOM   71  C  CD  . GLU A 1 10 ? 10.983  8.724   9.275   1.00 63.39 ? 135 GLU A CD  1 
ATOM   72  O  OE1 . GLU A 1 10 ? 12.004  8.619   8.555   1.00 66.53 ? 135 GLU A OE1 1 
ATOM   73  O  OE2 . GLU A 1 10 ? 10.938  9.473   10.277  1.00 63.88 ? 135 GLU A OE2 1 
ATOM   74  N  N   . LEU A 1 11 ? 11.039  4.856   6.196   1.00 53.36 ? 136 LEU A N   1 
ATOM   75  C  CA  . LEU A 1 11 ? 11.855  4.794   4.988   1.00 53.10 ? 136 LEU A CA  1 
ATOM   76  C  C   . LEU A 1 11 ? 10.971  4.504   3.791   1.00 52.49 ? 136 LEU A C   1 
ATOM   77  O  O   . LEU A 1 11 ? 11.129  5.121   2.734   1.00 51.81 ? 136 LEU A O   1 
ATOM   78  C  CB  . LEU A 1 11 ? 12.943  3.718   5.053   1.00 53.04 ? 136 LEU A CB  1 
ATOM   79  C  CG  . LEU A 1 11 ? 14.166  3.952   5.926   1.00 55.56 ? 136 LEU A CG  1 
ATOM   80  C  CD1 . LEU A 1 11 ? 14.965  2.651   6.084   1.00 56.16 ? 136 LEU A CD1 1 
ATOM   81  C  CD2 . LEU A 1 11 ? 15.043  5.081   5.386   1.00 56.44 ? 136 LEU A CD2 1 
ATOM   82  N  N   . CYS A 1 12 ? 10.050  3.562   3.966   1.00 51.74 ? 137 CYS A N   1 
ATOM   83  C  CA  . CYS A 1 12 ? 9.182   3.147   2.876   1.00 52.06 ? 137 CYS A CA  1 
ATOM   84  C  C   . CYS A 1 12 ? 8.339   4.328   2.394   1.00 51.78 ? 137 CYS A C   1 
ATOM   85  O  O   . CYS A 1 12 ? 8.261   4.584   1.197   1.00 51.09 ? 137 CYS A O   1 
ATOM   86  C  CB  . CYS A 1 12 ? 8.294   1.985   3.312   1.00 52.42 ? 137 CYS A CB  1 
ATOM   87  S  SG  . CYS A 1 12 ? 9.180   0.390   3.413   1.00 54.54 ? 137 CYS A SG  1 
ATOM   88  N  N   . VAL A 1 13 ? 7.758   5.058   3.346   1.00 51.75 ? 138 VAL A N   1 
ATOM   89  C  CA  . VAL A 1 13 ? 6.910   6.200   3.062   1.00 52.19 ? 138 VAL A CA  1 
ATOM   90  C  C   . VAL A 1 13 ? 7.682   7.242   2.270   1.00 52.70 ? 138 VAL A C   1 
ATOM   91  O  O   . VAL A 1 13 ? 7.181   7.781   1.289   1.00 53.54 ? 138 VAL A O   1 
ATOM   92  C  CB  . VAL A 1 13 ? 6.317   6.807   4.356   1.00 52.32 ? 138 VAL A CB  1 
ATOM   93  C  CG1 . VAL A 1 13 ? 5.601   8.116   4.061   1.00 51.73 ? 138 VAL A CG1 1 
ATOM   94  C  CG2 . VAL A 1 13 ? 5.350   5.820   5.029   1.00 51.50 ? 138 VAL A CG2 1 
ATOM   95  N  N   . LYS A 1 14 ? 8.916   7.492   2.673   1.00 52.64 ? 139 LYS A N   1 
ATOM   96  C  CA  . LYS A 1 14 ? 9.794   8.404   1.957   1.00 52.71 ? 139 LYS A CA  1 
ATOM   97  C  C   . LYS A 1 14 ? 10.107  7.986   0.519   1.00 51.59 ? 139 LYS A C   1 
ATOM   98  O  O   . LYS A 1 14 ? 10.061  8.815   -0.387  1.00 51.64 ? 139 LYS A O   1 
ATOM   99  C  CB  . LYS A 1 14 ? 11.105  8.587   2.724   1.00 53.41 ? 139 LYS A CB  1 
ATOM   100 C  CG  . LYS A 1 14 ? 11.261  9.930   3.350   1.00 56.11 ? 139 LYS A CG  1 
ATOM   101 C  CD  . LYS A 1 14 ? 10.886  9.928   4.819   1.00 61.29 ? 139 LYS A CD  1 
ATOM   102 C  CE  . LYS A 1 14 ? 11.199  11.301  5.457   1.00 63.30 ? 139 LYS A CE  1 
ATOM   103 N  NZ  . LYS A 1 14 ? 11.647  11.151  6.872   1.00 64.65 ? 139 LYS A NZ  1 
ATOM   104 N  N   . TYR A 1 15 ? 10.467  6.726   0.304   1.00 50.17 ? 140 TYR A N   1 
ATOM   105 C  CA  . TYR A 1 15 ? 10.654  6.244   -1.063  1.00 49.02 ? 140 TYR A CA  1 
ATOM   106 C  C   . TYR A 1 15 ? 9.361   6.429   -1.891  1.00 48.98 ? 140 TYR A C   1 
ATOM   107 O  O   . TYR A 1 15 ? 9.401   6.935   -3.019  1.00 48.39 ? 140 TYR A O   1 
ATOM   108 C  CB  . TYR A 1 15 ? 11.040  4.779   -1.081  1.00 48.34 ? 140 TYR A CB  1 
ATOM   109 C  CG  . TYR A 1 15 ? 12.449  4.451   -0.642  1.00 48.62 ? 140 TYR A CG  1 
ATOM   110 C  CD1 . TYR A 1 15 ? 12.698  3.346   0.166   1.00 46.25 ? 140 TYR A CD1 1 
ATOM   111 C  CD2 . TYR A 1 15 ? 13.537  5.224   -1.051  1.00 49.27 ? 140 TYR A CD2 1 
ATOM   112 C  CE1 . TYR A 1 15 ? 13.993  3.013   0.556   1.00 45.83 ? 140 TYR A CE1 1 
ATOM   113 C  CE2 . TYR A 1 15 ? 14.832  4.894   -0.666  1.00 48.57 ? 140 TYR A CE2 1 
ATOM   114 C  CZ  . TYR A 1 15 ? 15.046  3.789   0.129   1.00 47.08 ? 140 TYR A CZ  1 
ATOM   115 O  OH  . TYR A 1 15 ? 16.329  3.489   0.523   1.00 48.21 ? 140 TYR A OH  1 
ATOM   116 N  N   . PHE A 1 16 ? 8.238   6.018   -1.304  1.00 48.49 ? 141 PHE A N   1 
ATOM   117 C  CA  . PHE A 1 16 ? 6.923   6.025   -1.924  1.00 49.31 ? 141 PHE A CA  1 
ATOM   118 C  C   . PHE A 1 16 ? 6.540   7.416   -2.438  1.00 50.41 ? 141 PHE A C   1 
ATOM   119 O  O   . PHE A 1 16 ? 6.113   7.549   -3.582  1.00 50.88 ? 141 PHE A O   1 
ATOM   120 C  CB  . PHE A 1 16 ? 5.890   5.515   -0.902  1.00 48.72 ? 141 PHE A CB  1 
ATOM   121 C  CG  . PHE A 1 16 ? 4.445   5.567   -1.364  1.00 47.89 ? 141 PHE A CG  1 
ATOM   122 C  CD1 . PHE A 1 16 ? 3.886   4.510   -2.067  1.00 48.24 ? 141 PHE A CD1 1 
ATOM   123 C  CD2 . PHE A 1 16 ? 3.630   6.657   -1.044  1.00 48.84 ? 141 PHE A CD2 1 
ATOM   124 C  CE1 . PHE A 1 16 ? 2.547   4.531   -2.455  1.00 47.09 ? 141 PHE A CE1 1 
ATOM   125 C  CE2 . PHE A 1 16 ? 2.279   6.697   -1.437  1.00 46.70 ? 141 PHE A CE2 1 
ATOM   126 C  CZ  . PHE A 1 16 ? 1.741   5.627   -2.134  1.00 47.18 ? 141 PHE A CZ  1 
ATOM   127 N  N   . GLU A 1 17 ? 6.704   8.431   -1.588  1.00 51.08 ? 142 GLU A N   1 
ATOM   128 C  CA  . GLU A 1 17 ? 6.355   9.824   -1.882  1.00 52.30 ? 142 GLU A CA  1 
ATOM   129 C  C   . GLU A 1 17 ? 7.017   10.422  -3.118  1.00 52.04 ? 142 GLU A C   1 
ATOM   130 O  O   . GLU A 1 17 ? 6.585   11.488  -3.588  1.00 52.38 ? 142 GLU A O   1 
ATOM   131 C  CB  . GLU A 1 17 ? 6.698   10.723  -0.687  1.00 51.95 ? 142 GLU A CB  1 
ATOM   132 C  CG  . GLU A 1 17 ? 5.918   10.412  0.589   1.00 53.28 ? 142 GLU A CG  1 
ATOM   133 C  CD  . GLU A 1 17 ? 6.256   11.353  1.754   1.00 55.71 ? 142 GLU A CD  1 
ATOM   134 O  OE1 . GLU A 1 17 ? 7.347   12.004  1.752   1.00 58.69 ? 142 GLU A OE1 1 
ATOM   135 O  OE2 . GLU A 1 17 ? 5.407   11.444  2.677   1.00 61.20 ? 142 GLU A OE2 1 
ATOM   136 N  N   . GLN A 1 18 ? 8.079   9.771   -3.608  1.00 51.36 ? 143 GLN A N   1 
ATOM   137 C  CA  . GLN A 1 18 ? 8.798   10.225  -4.792  1.00 51.14 ? 143 GLN A CA  1 
ATOM   138 C  C   . GLN A 1 18 ? 8.476   9.371   -6.029  1.00 50.56 ? 143 GLN A C   1 
ATOM   139 O  O   . GLN A 1 18 ? 8.859   9.717   -7.144  1.00 50.96 ? 143 GLN A O   1 
ATOM   140 C  CB  . GLN A 1 18 ? 10.325  10.278  -4.548  1.00 51.78 ? 143 GLN A CB  1 
ATOM   141 C  CG  . GLN A 1 18 ? 10.796  11.278  -3.474  1.00 52.98 ? 143 GLN A CG  1 
ATOM   142 C  CD  . GLN A 1 18 ? 10.482  12.750  -3.813  1.00 56.48 ? 143 GLN A CD  1 
ATOM   143 O  OE1 . GLN A 1 18 ? 10.901  13.281  -4.854  1.00 56.16 ? 143 GLN A OE1 1 
ATOM   144 N  NE2 . GLN A 1 18 ? 9.763   13.417  -2.915  1.00 56.81 ? 143 GLN A NE2 1 
ATOM   145 N  N   . TRP A 1 19 ? 7.784   8.255   -5.850  1.00 49.22 ? 144 TRP A N   1 
ATOM   146 C  CA  . TRP A 1 19 ? 7.294   7.517   -7.001  1.00 48.24 ? 144 TRP A CA  1 
ATOM   147 C  C   . TRP A 1 19 ? 6.165   8.269   -7.723  1.00 48.23 ? 144 TRP A C   1 
ATOM   148 O  O   . TRP A 1 19 ? 5.464   9.090   -7.119  1.00 48.19 ? 144 TRP A O   1 
ATOM   149 C  CB  . TRP A 1 19 ? 6.839   6.125   -6.575  1.00 48.05 ? 144 TRP A CB  1 
ATOM   150 C  CG  . TRP A 1 19 ? 7.922   5.330   -5.867  1.00 48.66 ? 144 TRP A CG  1 
ATOM   151 C  CD1 . TRP A 1 19 ? 9.287   5.505   -5.980  1.00 46.74 ? 144 TRP A CD1 1 
ATOM   152 C  CD2 . TRP A 1 19 ? 7.733   4.221   -4.977  1.00 46.95 ? 144 TRP A CD2 1 
ATOM   153 N  NE1 . TRP A 1 19 ? 9.940   4.596   -5.191  1.00 48.14 ? 144 TRP A NE1 1 
ATOM   154 C  CE2 . TRP A 1 19 ? 9.020   3.787   -4.571  1.00 48.31 ? 144 TRP A CE2 1 
ATOM   155 C  CE3 . TRP A 1 19 ? 6.608   3.553   -4.486  1.00 47.53 ? 144 TRP A CE3 1 
ATOM   156 C  CZ2 . TRP A 1 19 ? 9.216   2.703   -3.686  1.00 47.57 ? 144 TRP A CZ2 1 
ATOM   157 C  CZ3 . TRP A 1 19 ? 6.804   2.460   -3.596  1.00 49.04 ? 144 TRP A CZ3 1 
ATOM   158 C  CH2 . TRP A 1 19 ? 8.103   2.062   -3.207  1.00 47.90 ? 144 TRP A CH2 1 
ATOM   159 N  N   . SER A 1 20 ? 5.995   7.993   -9.010  1.00 47.76 ? 145 SER A N   1 
ATOM   160 C  CA  . SER A 1 20 ? 4.887   8.561   -9.770  1.00 47.93 ? 145 SER A CA  1 
ATOM   161 C  C   . SER A 1 20 ? 3.545   7.979   -9.292  1.00 47.75 ? 145 SER A C   1 
ATOM   162 O  O   . SER A 1 20 ? 3.505   6.891   -8.668  1.00 48.04 ? 145 SER A O   1 
ATOM   163 C  CB  . SER A 1 20 ? 5.090   8.335   -11.277 1.00 47.77 ? 145 SER A CB  1 
ATOM   164 O  OG  . SER A 1 20 ? 4.959   6.957   -11.595 1.00 49.59 ? 145 SER A OG  1 
ATOM   165 N  N   . GLU A 1 21 ? 2.454   8.691   -9.578  1.00 47.08 ? 146 GLU A N   1 
ATOM   166 C  CA  . GLU A 1 21 ? 1.133   8.308   -9.074  1.00 47.11 ? 146 GLU A CA  1 
ATOM   167 C  C   . GLU A 1 21 ? 0.779   6.860   -9.504  1.00 47.47 ? 146 GLU A C   1 
ATOM   168 O  O   . GLU A 1 21 ? 0.178   6.098   -8.729  1.00 47.02 ? 146 GLU A O   1 
ATOM   169 C  CB  . GLU A 1 21 ? 0.026   9.344   -9.460  1.00 47.16 ? 146 GLU A CB  1 
ATOM   170 C  CG  . GLU A 1 21 ? 0.108   10.784  -8.784  1.00 45.96 ? 146 GLU A CG  1 
ATOM   171 C  CD  . GLU A 1 21 ? -1.299  11.434  -8.565  1.00 47.69 ? 146 GLU A CD  1 
ATOM   172 O  OE1 . GLU A 1 21 ? -1.454  12.690  -8.322  1.00 46.46 ? 146 GLU A OE1 1 
ATOM   173 O  OE2 . GLU A 1 21 ? -2.288  10.677  -8.667  1.00 43.70 ? 146 GLU A OE2 1 
ATOM   174 N  N   . SER A 1 22 ? 1.205   6.468   -10.711 1.00 47.94 ? 147 SER A N   1 
ATOM   175 C  CA  . SER A 1 22 ? 0.970   5.109   -11.219 1.00 48.28 ? 147 SER A CA  1 
ATOM   176 C  C   . SER A 1 22 ? 1.896   4.019   -10.649 1.00 48.51 ? 147 SER A C   1 
ATOM   177 O  O   . SER A 1 22 ? 1.493   2.860   -10.578 1.00 47.98 ? 147 SER A O   1 
ATOM   178 C  CB  . SER A 1 22 ? 0.956   5.070   -12.759 1.00 48.81 ? 147 SER A CB  1 
ATOM   179 O  OG  . SER A 1 22 ? 2.199   5.474   -13.318 1.00 50.04 ? 147 SER A OG  1 
ATOM   180 N  N   . ASP A 1 23 ? 3.127   4.373   -10.264 1.00 48.98 ? 148 ASP A N   1 
ATOM   181 C  CA  . ASP A 1 23 ? 4.019   3.420   -9.580  1.00 48.55 ? 148 ASP A CA  1 
ATOM   182 C  C   . ASP A 1 23 ? 3.521   3.237   -8.162  1.00 47.91 ? 148 ASP A C   1 
ATOM   183 O  O   . ASP A 1 23 ? 3.633   2.152   -7.591  1.00 47.63 ? 148 ASP A O   1 
ATOM   184 C  CB  . ASP A 1 23 ? 5.492   3.890   -9.551  1.00 48.79 ? 148 ASP A CB  1 
ATOM   185 C  CG  . ASP A 1 23 ? 6.198   3.772   -10.928 1.00 51.09 ? 148 ASP A CG  1 
ATOM   186 O  OD1 . ASP A 1 23 ? 5.693   3.008   -11.792 1.00 52.39 ? 148 ASP A OD1 1 
ATOM   187 O  OD2 . ASP A 1 23 ? 7.244   4.465   -11.149 1.00 51.64 ? 148 ASP A OD2 1 
ATOM   188 N  N   . GLN A 1 24 ? 2.968   4.306   -7.586  1.00 47.36 ? 149 GLN A N   1 
ATOM   189 C  CA  . GLN A 1 24 ? 2.379   4.219   -6.236  1.00 46.08 ? 149 GLN A CA  1 
ATOM   190 C  C   . GLN A 1 24 ? 1.240   3.213   -6.217  1.00 45.57 ? 149 GLN A C   1 
ATOM   191 O  O   . GLN A 1 24 ? 1.159   2.384   -5.320  1.00 45.38 ? 149 GLN A O   1 
ATOM   192 C  CB  . GLN A 1 24 ? 1.896   5.589   -5.752  1.00 45.16 ? 149 GLN A CB  1 
ATOM   193 C  CG  . GLN A 1 24 ? 3.006   6.509   -5.301  1.00 43.82 ? 149 GLN A CG  1 
ATOM   194 C  CD  . GLN A 1 24 ? 2.495   7.918   -4.978  1.00 45.45 ? 149 GLN A CD  1 
ATOM   195 O  OE1 . GLN A 1 24 ? 3.249   8.787   -4.534  1.00 43.03 ? 149 GLN A OE1 1 
ATOM   196 N  NE2 . GLN A 1 24 ? 1.212   8.146   -5.217  1.00 42.17 ? 149 GLN A NE2 1 
ATOM   197 N  N   . VAL A 1 25 ? 0.384   3.280   -7.226  1.00 45.88 ? 150 VAL A N   1 
ATOM   198 C  CA  . VAL A 1 25 ? -0.783  2.411   -7.333  1.00 47.24 ? 150 VAL A CA  1 
ATOM   199 C  C   . VAL A 1 25 ? -0.391  0.956   -7.588  1.00 48.55 ? 150 VAL A C   1 
ATOM   200 O  O   . VAL A 1 25 ? -0.920  0.034   -6.937  1.00 48.26 ? 150 VAL A O   1 
ATOM   201 C  CB  . VAL A 1 25 ? -1.723  2.905   -8.445  1.00 47.32 ? 150 VAL A CB  1 
ATOM   202 C  CG1 . VAL A 1 25 ? -2.668  1.794   -8.906  1.00 47.64 ? 150 VAL A CG1 1 
ATOM   203 C  CG2 . VAL A 1 25 ? -2.520  4.119   -7.960  1.00 46.80 ? 150 VAL A CG2 1 
ATOM   204 N  N   . GLU A 1 26 ? 0.543   0.761   -8.522  1.00 49.22 ? 151 GLU A N   1 
ATOM   205 C  CA  . GLU A 1 26 ? 1.043   -0.552  -8.863  1.00 51.19 ? 151 GLU A CA  1 
ATOM   206 C  C   . GLU A 1 26 ? 1.610   -1.205  -7.591  1.00 50.29 ? 151 GLU A C   1 
ATOM   207 O  O   . GLU A 1 26 ? 1.346   -2.382  -7.317  1.00 50.26 ? 151 GLU A O   1 
ATOM   208 C  CB  . GLU A 1 26 ? 2.075   -0.434  -9.999  1.00 50.89 ? 151 GLU A CB  1 
ATOM   209 C  CG  . GLU A 1 26 ? 2.715   -1.749  -10.500 1.00 54.94 ? 151 GLU A CG  1 
ATOM   210 C  CD  . GLU A 1 26 ? 3.831   -1.511  -11.574 1.00 56.27 ? 151 GLU A CD  1 
ATOM   211 O  OE1 . GLU A 1 26 ? 3.510   -1.004  -12.680 1.00 61.62 ? 151 GLU A OE1 1 
ATOM   212 O  OE2 . GLU A 1 26 ? 5.026   -1.835  -11.319 1.00 61.98 ? 151 GLU A OE2 1 
ATOM   213 N  N   . PHE A 1 27 ? 2.335   -0.415  -6.801  1.00 49.45 ? 152 PHE A N   1 
ATOM   214 C  CA  . PHE A 1 27 ? 2.917   -0.867  -5.545  1.00 49.05 ? 152 PHE A CA  1 
ATOM   215 C  C   . PHE A 1 27 ? 1.885   -1.284  -4.492  1.00 48.70 ? 152 PHE A C   1 
ATOM   216 O  O   . PHE A 1 27 ? 1.961   -2.391  -3.950  1.00 48.11 ? 152 PHE A O   1 
ATOM   217 C  CB  . PHE A 1 27 ? 3.820   0.219   -4.975  1.00 48.36 ? 152 PHE A CB  1 
ATOM   218 C  CG  . PHE A 1 27 ? 4.402   -0.098  -3.620  1.00 48.55 ? 152 PHE A CG  1 
ATOM   219 C  CD1 . PHE A 1 27 ? 5.445   -1.020  -3.482  1.00 49.87 ? 152 PHE A CD1 1 
ATOM   220 C  CD2 . PHE A 1 27 ? 3.974   0.581   -2.495  1.00 46.32 ? 152 PHE A CD2 1 
ATOM   221 C  CE1 . PHE A 1 27 ? 6.029   -1.273  -2.223  1.00 47.57 ? 152 PHE A CE1 1 
ATOM   222 C  CE2 . PHE A 1 27 ? 4.544   0.326   -1.250  1.00 48.59 ? 152 PHE A CE2 1 
ATOM   223 C  CZ  . PHE A 1 27 ? 5.564   -0.609  -1.112  1.00 46.28 ? 152 PHE A CZ  1 
ATOM   224 N  N   . VAL A 1 28 ? 0.956   -0.390  -4.167  1.00 48.34 ? 153 VAL A N   1 
ATOM   225 C  CA  . VAL A 1 28 ? -0.127  -0.732  -3.228  1.00 47.71 ? 153 VAL A CA  1 
ATOM   226 C  C   . VAL A 1 28 ? -0.848  -1.988  -3.703  1.00 47.97 ? 153 VAL A C   1 
ATOM   227 O  O   . VAL A 1 28 ? -1.093  -2.912  -2.910  1.00 48.78 ? 153 VAL A O   1 
ATOM   228 C  CB  . VAL A 1 28 ? -1.129  0.441   -3.058  1.00 47.74 ? 153 VAL A CB  1 
ATOM   229 C  CG1 . VAL A 1 28 ? -2.290  0.033   -2.155  1.00 46.38 ? 153 VAL A CG1 1 
ATOM   230 C  CG2 . VAL A 1 28 ? -0.404  1.662   -2.510  1.00 45.88 ? 153 VAL A CG2 1 
ATOM   231 N  N   . GLU A 1 29 ? -1.167  -2.039  -4.992  1.00 48.25 ? 154 GLU A N   1 
ATOM   232 C  CA  . GLU A 1 29 ? -1.869  -3.200  -5.575  1.00 49.59 ? 154 GLU A CA  1 
ATOM   233 C  C   . GLU A 1 29 ? -1.074  -4.468  -5.354  1.00 49.29 ? 154 GLU A C   1 
ATOM   234 O  O   . GLU A 1 29 ? -1.648  -5.513  -5.042  1.00 50.13 ? 154 GLU A O   1 
ATOM   235 C  CB  . GLU A 1 29 ? -2.138  -3.009  -7.067  1.00 49.43 ? 154 GLU A CB  1 
ATOM   236 C  CG  . GLU A 1 29 ? -3.235  -1.974  -7.338  1.00 50.90 ? 154 GLU A CG  1 
ATOM   237 C  CD  . GLU A 1 29 ? -3.620  -1.829  -8.809  1.00 51.78 ? 154 GLU A CD  1 
ATOM   238 O  OE1 . GLU A 1 29 ? -2.870  -2.266  -9.726  1.00 53.35 ? 154 GLU A OE1 1 
ATOM   239 O  OE2 . GLU A 1 29 ? -4.704  -1.247  -9.051  1.00 57.33 ? 154 GLU A OE2 1 
ATOM   240 N  N   . HIS A 1 30 ? 0.244   -4.374  -5.506  1.00 49.19 ? 155 HIS A N   1 
ATOM   241 C  CA  . HIS A 1 30 ? 1.124   -5.478  -5.175  1.00 49.42 ? 155 HIS A CA  1 
ATOM   242 C  C   . HIS A 1 30 ? 1.036   -5.869  -3.696  1.00 49.23 ? 155 HIS A C   1 
ATOM   243 O  O   . HIS A 1 30 ? 0.930   -7.052  -3.371  1.00 49.81 ? 155 HIS A O   1 
ATOM   244 C  CB  . HIS A 1 30 ? 2.570   -5.198  -5.555  1.00 49.29 ? 155 HIS A CB  1 
ATOM   245 C  CG  . HIS A 1 30 ? 3.448   -6.400  -5.416  1.00 53.20 ? 155 HIS A CG  1 
ATOM   246 N  ND1 . HIS A 1 30 ? 3.470   -7.412  -6.353  1.00 55.77 ? 155 HIS A ND1 1 
ATOM   247 C  CD2 . HIS A 1 30 ? 4.276   -6.792  -4.417  1.00 54.57 ? 155 HIS A CD2 1 
ATOM   248 C  CE1 . HIS A 1 30 ? 4.308   -8.355  -5.959  1.00 55.78 ? 155 HIS A CE1 1 
ATOM   249 N  NE2 . HIS A 1 30 ? 4.808   -8.006  -4.788  1.00 55.34 ? 155 HIS A NE2 1 
ATOM   250 N  N   . LEU A 1 31 ? 1.074   -4.895  -2.799  1.00 48.76 ? 156 LEU A N   1 
ATOM   251 C  CA  . LEU A 1 31 ? 0.978   -5.207  -1.374  1.00 48.98 ? 156 LEU A CA  1 
ATOM   252 C  C   . LEU A 1 31 ? -0.289  -6.004  -1.101  1.00 48.81 ? 156 LEU A C   1 
ATOM   253 O  O   . LEU A 1 31 ? -0.255  -7.028  -0.438  1.00 48.91 ? 156 LEU A O   1 
ATOM   254 C  CB  . LEU A 1 31 ? 0.985   -3.930  -0.526  1.00 48.36 ? 156 LEU A CB  1 
ATOM   255 C  CG  . LEU A 1 31 ? 2.283   -3.137  -0.633  1.00 49.09 ? 156 LEU A CG  1 
ATOM   256 C  CD1 . LEU A 1 31 ? 2.293   -1.973  0.372   1.00 46.74 ? 156 LEU A CD1 1 
ATOM   257 C  CD2 . LEU A 1 31 ? 3.537   -4.063  -0.501  1.00 44.44 ? 156 LEU A CD2 1 
ATOM   258 N  N   . ILE A 1 32 ? -1.393  -5.534  -1.664  1.00 49.25 ? 157 ILE A N   1 
ATOM   259 C  CA  . ILE A 1 32 ? -2.710  -6.114  -1.437  1.00 49.56 ? 157 ILE A CA  1 
ATOM   260 C  C   . ILE A 1 32 ? -2.782  -7.522  -1.957  1.00 50.00 ? 157 ILE A C   1 
ATOM   261 O  O   . ILE A 1 32 ? -3.405  -8.374  -1.319  1.00 49.49 ? 157 ILE A O   1 
ATOM   262 C  CB  . ILE A 1 32 ? -3.808  -5.250  -2.091  1.00 50.06 ? 157 ILE A CB  1 
ATOM   263 C  CG1 . ILE A 1 32 ? -3.918  -3.913  -1.343  1.00 48.92 ? 157 ILE A CG1 1 
ATOM   264 C  CG2 . ILE A 1 32 ? -5.148  -5.988  -2.135  1.00 49.86 ? 157 ILE A CG2 1 
ATOM   265 C  CD1 . ILE A 1 32 ? -4.683  -2.884  -2.085  1.00 49.58 ? 157 ILE A CD1 1 
ATOM   266 N  N   . SER A 1 33 ? -2.125  -7.785  -3.088  1.00 50.66 ? 158 SER A N   1 
ATOM   267 C  CA  . SER A 1 33 ? -2.184  -9.125  -3.694  1.00 51.76 ? 158 SER A CA  1 
ATOM   268 C  C   . SER A 1 33 ? -1.535  -10.160 -2.792  1.00 52.59 ? 158 SER A C   1 
ATOM   269 O  O   . SER A 1 33 ? -1.768  -11.357 -2.957  1.00 52.40 ? 158 SER A O   1 
ATOM   270 C  CB  . SER A 1 33 ? -1.546  -9.157  -5.097  1.00 51.14 ? 158 SER A CB  1 
ATOM   271 O  OG  . SER A 1 33 ? -0.131  -9.131  -5.019  1.00 50.83 ? 158 SER A OG  1 
ATOM   272 N  N   . GLN A 1 34 ? -0.737  -9.691  -1.834  1.00 54.41 ? 159 GLN A N   1 
ATOM   273 C  CA  . GLN A 1 34 ? 0.011   -10.581 -0.932  1.00 56.80 ? 159 GLN A CA  1 
ATOM   274 C  C   . GLN A 1 34 ? -0.678  -10.791 0.442   1.00 57.79 ? 159 GLN A C   1 
ATOM   275 O  O   . GLN A 1 34 ? -0.147  -11.491 1.310   1.00 58.37 ? 159 GLN A O   1 
ATOM   276 C  CB  . GLN A 1 34 ? 1.473   -10.099 -0.758  1.00 56.86 ? 159 GLN A CB  1 
ATOM   277 C  CG  . GLN A 1 34 ? 2.368   -10.156 -2.019  1.00 58.06 ? 159 GLN A CG  1 
ATOM   278 C  CD  . GLN A 1 34 ? 2.413   -11.568 -2.701  1.00 64.43 ? 159 GLN A CD  1 
ATOM   279 O  OE1 . GLN A 1 34 ? 2.854   -12.570 -2.095  1.00 63.46 ? 159 GLN A OE1 1 
ATOM   280 N  NE2 . GLN A 1 34 ? 1.969   -11.632 -3.979  1.00 64.33 ? 159 GLN A NE2 1 
HETATM 281 N  N   . MSE A 1 35 ? -1.863  -10.204 0.610   1.00 58.43 ? 160 MSE A N   1 
HETATM 282 C  CA  . MSE A 1 35 ? -2.577  -10.134 1.897   1.00 60.28 ? 160 MSE A CA  1 
HETATM 283 C  C   . MSE A 1 35 ? -3.709  -11.187 2.111   1.00 57.95 ? 160 MSE A C   1 
HETATM 284 O  O   . MSE A 1 35 ? -4.146  -11.827 1.158   1.00 57.09 ? 160 MSE A O   1 
HETATM 285 C  CB  . MSE A 1 35 ? -3.125  -8.693  2.079   1.00 59.65 ? 160 MSE A CB  1 
HETATM 286 C  CG  . MSE A 1 35 ? -2.074  -7.662  2.513   1.00 62.11 ? 160 MSE A CG  1 
HETATM 287 SE SE  . MSE A 1 35 ? -2.716  -5.764  2.644   1.00 72.61 ? 160 MSE A SE  1 
HETATM 288 C  CE  . MSE A 1 35 ? -2.126  -5.379  4.450   1.00 61.95 ? 160 MSE A CE  1 
ATOM   289 N  N   . CYS A 1 36 ? -4.129  -11.344 3.379   1.00 57.00 ? 161 CYS A N   1 
ATOM   290 C  CA  . CYS A 1 36 ? -5.304  -12.127 3.880   1.00 55.93 ? 161 CYS A CA  1 
ATOM   291 C  C   . CYS A 1 36 ? -6.583  -11.591 3.266   1.00 53.97 ? 161 CYS A C   1 
ATOM   292 O  O   . CYS A 1 36 ? -6.710  -10.372 3.058   1.00 53.98 ? 161 CYS A O   1 
ATOM   293 C  CB  . CYS A 1 36 ? -5.588  -11.792 5.386   1.00 55.12 ? 161 CYS A CB  1 
ATOM   294 S  SG  . CYS A 1 36 ? -4.895  -12.588 6.817   1.00 54.33 ? 161 CYS A SG  1 
ATOM   295 N  N   . HIS A 1 37 ? -7.572  -12.461 3.129   1.00 51.83 ? 162 HIS A N   1 
ATOM   296 C  CA  . HIS A 1 37 ? -8.968  -12.047 2.999   1.00 50.19 ? 162 HIS A CA  1 
ATOM   297 C  C   . HIS A 1 37 ? -9.405  -11.118 4.138   1.00 48.90 ? 162 HIS A C   1 
ATOM   298 O  O   . HIS A 1 37 ? -10.160 -10.173 3.913   1.00 48.59 ? 162 HIS A O   1 
ATOM   299 C  CB  . HIS A 1 37 ? -9.885  -13.283 2.929   1.00 50.40 ? 162 HIS A CB  1 
ATOM   300 C  CG  . HIS A 1 37 ? -11.342 -12.974 3.057   1.00 49.93 ? 162 HIS A CG  1 
ATOM   301 N  ND1 . HIS A 1 37 ? -12.058 -13.235 4.207   1.00 52.13 ? 162 HIS A ND1 1 
ATOM   302 C  CD2 . HIS A 1 37 ? -12.220 -12.419 2.186   1.00 50.30 ? 162 HIS A CD2 1 
ATOM   303 C  CE1 . HIS A 1 37 ? -13.318 -12.869 4.035   1.00 52.28 ? 162 HIS A CE1 1 
ATOM   304 N  NE2 . HIS A 1 37 ? -13.441 -12.366 2.818   1.00 51.96 ? 162 HIS A NE2 1 
ATOM   305 N  N   . TYR A 1 38 ? -8.917  -11.365 5.351   1.00 47.58 ? 163 TYR A N   1 
ATOM   306 C  CA  . TYR A 1 38 ? -9.229  -10.494 6.499   1.00 46.43 ? 163 TYR A CA  1 
ATOM   307 C  C   . TYR A 1 38 ? -8.580  -9.109  6.433   1.00 46.92 ? 163 TYR A C   1 
ATOM   308 O  O   . TYR A 1 38 ? -9.212  -8.106  6.778   1.00 48.19 ? 163 TYR A O   1 
ATOM   309 C  CB  . TYR A 1 38 ? -8.908  -11.203 7.814   1.00 45.37 ? 163 TYR A CB  1 
ATOM   310 C  CG  . TYR A 1 38 ? -9.769  -12.429 8.019   1.00 43.68 ? 163 TYR A CG  1 
ATOM   311 C  CD1 . TYR A 1 38 ? -11.138 -12.302 8.265   1.00 42.17 ? 163 TYR A CD1 1 
ATOM   312 C  CD2 . TYR A 1 38 ? -9.228  -13.715 7.924   1.00 40.82 ? 163 TYR A CD2 1 
ATOM   313 C  CE1 . TYR A 1 38 ? -11.940 -13.423 8.436   1.00 41.90 ? 163 TYR A CE1 1 
ATOM   314 C  CE2 . TYR A 1 38 ? -10.027 -14.846 8.094   1.00 39.72 ? 163 TYR A CE2 1 
ATOM   315 C  CZ  . TYR A 1 38 ? -11.378 -14.682 8.345   1.00 41.04 ? 163 TYR A CZ  1 
ATOM   316 O  OH  . TYR A 1 38 ? -12.185 -15.765 8.500   1.00 42.81 ? 163 TYR A OH  1 
ATOM   317 N  N   . GLN A 1 39 ? -7.330  -9.054  5.982   1.00 46.99 ? 164 GLN A N   1 
ATOM   318 C  CA  . GLN A 1 39 ? -6.632  -7.800  5.727   1.00 46.68 ? 164 GLN A CA  1 
ATOM   319 C  C   . GLN A 1 39 ? -7.359  -7.013  4.645   1.00 46.84 ? 164 GLN A C   1 
ATOM   320 O  O   . GLN A 1 39 ? -7.606  -5.813  4.794   1.00 46.72 ? 164 GLN A O   1 
ATOM   321 C  CB  . GLN A 1 39 ? -5.187  -8.066  5.298   1.00 46.12 ? 164 GLN A CB  1 
ATOM   322 C  CG  . GLN A 1 39 ? -4.304  -8.616  6.413   1.00 46.32 ? 164 GLN A CG  1 
ATOM   323 C  CD  . GLN A 1 39 ? -2.926  -9.066  5.911   1.00 46.65 ? 164 GLN A CD  1 
ATOM   324 O  OE1 . GLN A 1 39 ? -2.808  -9.991  5.092   1.00 46.49 ? 164 GLN A OE1 1 
ATOM   325 N  NE2 . GLN A 1 39 ? -1.883  -8.426  6.420   1.00 42.77 ? 164 GLN A NE2 1 
ATOM   326 N  N   . HIS A 1 40 ? -7.721  -7.701  3.568   1.00 47.12 ? 165 HIS A N   1 
ATOM   327 C  CA  . HIS A 1 40 ? -8.550  -7.112  2.523   1.00 47.64 ? 165 HIS A CA  1 
ATOM   328 C  C   . HIS A 1 40 ? -9.814  -6.456  3.044   1.00 48.23 ? 165 HIS A C   1 
ATOM   329 O  O   . HIS A 1 40 ? -10.178 -5.395  2.564   1.00 47.85 ? 165 HIS A O   1 
ATOM   330 C  CB  . HIS A 1 40 ? -8.919  -8.161  1.477   1.00 47.62 ? 165 HIS A CB  1 
ATOM   331 C  CG  . HIS A 1 40 ? -7.750  -8.628  0.671   1.00 48.39 ? 165 HIS A CG  1 
ATOM   332 N  ND1 . HIS A 1 40 ? -7.757  -9.808  -0.044  1.00 48.78 ? 165 HIS A ND1 1 
ATOM   333 C  CD2 . HIS A 1 40 ? -6.530  -8.076  0.481   1.00 47.58 ? 165 HIS A CD2 1 
ATOM   334 C  CE1 . HIS A 1 40 ? -6.594  -9.963  -0.645  1.00 49.37 ? 165 HIS A CE1 1 
ATOM   335 N  NE2 . HIS A 1 40 ? -5.832  -8.921  -0.346  1.00 52.12 ? 165 HIS A NE2 1 
ATOM   336 N  N   . GLY A 1 41 ? -10.480 -7.094  4.017   1.00 49.08 ? 166 GLY A N   1 
ATOM   337 C  CA  . GLY A 1 41 ? -11.700 -6.552  4.621   1.00 50.14 ? 166 GLY A CA  1 
ATOM   338 C  C   . GLY A 1 41 ? -11.460 -5.258  5.383   1.00 51.26 ? 166 GLY A C   1 
ATOM   339 O  O   . GLY A 1 41 ? -12.287 -4.353  5.348   1.00 50.97 ? 166 GLY A O   1 
ATOM   340 N  N   . HIS A 1 42 ? -10.324 -5.171  6.069   1.00 52.41 ? 167 HIS A N   1 
ATOM   341 C  CA  . HIS A 1 42 ? -9.927  -3.940  6.757   1.00 54.09 ? 167 HIS A CA  1 
ATOM   342 C  C   . HIS A 1 42 ? -9.649  -2.778  5.802   1.00 53.98 ? 167 HIS A C   1 
ATOM   343 O  O   . HIS A 1 42 ? -10.142 -1.667  6.027   1.00 54.06 ? 167 HIS A O   1 
ATOM   344 C  CB  . HIS A 1 42 ? -8.710  -4.188  7.647   1.00 54.60 ? 167 HIS A CB  1 
ATOM   345 C  CG  . HIS A 1 42 ? -9.015  -4.086  9.109   1.00 59.23 ? 167 HIS A CG  1 
ATOM   346 N  ND1 . HIS A 1 42 ? -8.441  -3.125  9.925   1.00 61.75 ? 167 HIS A ND1 1 
ATOM   347 C  CD2 . HIS A 1 42 ? -9.864  -4.797  9.895   1.00 61.22 ? 167 HIS A CD2 1 
ATOM   348 C  CE1 . HIS A 1 42 ? -8.908  -3.266  11.154  1.00 63.81 ? 167 HIS A CE1 1 
ATOM   349 N  NE2 . HIS A 1 42 ? -9.777  -4.267  11.161  1.00 64.53 ? 167 HIS A NE2 1 
ATOM   350 N  N   . ILE A 1 43 ? -8.867  -3.055  4.752   1.00 53.75 ? 168 ILE A N   1 
ATOM   351 C  CA  . ILE A 1 43 ? -8.529  -2.089  3.711   1.00 54.09 ? 168 ILE A CA  1 
ATOM   352 C  C   . ILE A 1 43 ? -9.806  -1.584  3.043   1.00 54.41 ? 168 ILE A C   1 
ATOM   353 O  O   . ILE A 1 43 ? -10.033 -0.376  2.967   1.00 54.33 ? 168 ILE A O   1 
ATOM   354 C  CB  . ILE A 1 43 ? -7.560  -2.691  2.637   1.00 54.25 ? 168 ILE A CB  1 
ATOM   355 C  CG1 . ILE A 1 43 ? -6.280  -3.233  3.280   1.00 54.35 ? 168 ILE A CG1 1 
ATOM   356 C  CG2 . ILE A 1 43 ? -7.221  -1.673  1.539   1.00 53.53 ? 168 ILE A CG2 1 
ATOM   357 C  CD1 . ILE A 1 43 ? -5.555  -2.243  4.206   1.00 55.48 ? 168 ILE A CD1 1 
ATOM   358 N  N   . ASN A 1 44 ? -10.647 -2.509  2.589   1.00 54.80 ? 169 ASN A N   1 
ATOM   359 C  CA  . ASN A 1 44 ? -11.957 -2.162  2.029   1.00 55.03 ? 169 ASN A CA  1 
ATOM   360 C  C   . ASN A 1 44 ? -12.770 -1.238  2.946   1.00 55.54 ? 169 ASN A C   1 
ATOM   361 O  O   . ASN A 1 44 ? -13.318 -0.238  2.474   1.00 55.45 ? 169 ASN A O   1 
ATOM   362 C  CB  . ASN A 1 44 ? -12.753 -3.423  1.662   1.00 54.63 ? 169 ASN A CB  1 
ATOM   363 C  CG  . ASN A 1 44 ? -14.036 -3.107  0.869   1.00 54.73 ? 169 ASN A CG  1 
ATOM   364 O  OD1 . ASN A 1 44 ? -13.979 -2.719  -0.306  1.00 53.77 ? 169 ASN A OD1 1 
ATOM   365 N  ND2 . ASN A 1 44 ? -15.192 -3.293  1.508   1.00 50.93 ? 169 ASN A ND2 1 
ATOM   366 N  N   . SER A 1 45 ? -12.823 -1.566  4.243   1.00 56.22 ? 170 SER A N   1 
ATOM   367 C  CA  . SER A 1 45 ? -13.566 -0.775  5.239   1.00 57.11 ? 170 SER A CA  1 
ATOM   368 C  C   . SER A 1 45 ? -12.996 0.628   5.417   1.00 57.91 ? 170 SER A C   1 
ATOM   369 O  O   . SER A 1 45 ? -13.722 1.570   5.691   1.00 58.22 ? 170 SER A O   1 
ATOM   370 C  CB  . SER A 1 45 ? -13.601 -1.478  6.601   1.00 56.95 ? 170 SER A CB  1 
ATOM   371 O  OG  . SER A 1 45 ? -14.450 -2.618  6.577   1.00 57.00 ? 170 SER A OG  1 
ATOM   372 N  N   . TYR A 1 46 ? -11.688 0.755   5.271   1.00 59.06 ? 171 TYR A N   1 
ATOM   373 C  CA  . TYR A 1 46 ? -11.025 2.033   5.385   1.00 60.16 ? 171 TYR A CA  1 
ATOM   374 C  C   . TYR A 1 46 ? -11.227 2.861   4.118   1.00 61.08 ? 171 TYR A C   1 
ATOM   375 O  O   . TYR A 1 46 ? -11.434 4.066   4.179   1.00 61.18 ? 171 TYR A O   1 
ATOM   376 C  CB  . TYR A 1 46 ? -9.540  1.802   5.637   1.00 60.16 ? 171 TYR A CB  1 
ATOM   377 C  CG  . TYR A 1 46 ? -8.747  3.060   5.831   1.00 59.80 ? 171 TYR A CG  1 
ATOM   378 C  CD1 . TYR A 1 46 ? -8.770  3.734   7.054   1.00 59.81 ? 171 TYR A CD1 1 
ATOM   379 C  CD2 . TYR A 1 46 ? -7.954  3.571   4.800   1.00 59.09 ? 171 TYR A CD2 1 
ATOM   380 C  CE1 . TYR A 1 46 ? -8.040  4.902   7.248   1.00 59.85 ? 171 TYR A CE1 1 
ATOM   381 C  CE2 . TYR A 1 46 ? -7.210  4.736   4.980   1.00 59.52 ? 171 TYR A CE2 1 
ATOM   382 C  CZ  . TYR A 1 46 ? -7.259  5.390   6.208   1.00 60.51 ? 171 TYR A CZ  1 
ATOM   383 O  OH  . TYR A 1 46 ? -6.532  6.531   6.405   1.00 61.11 ? 171 TYR A OH  1 
ATOM   384 N  N   . LEU A 1 47 ? -11.185 2.189   2.978   1.00 62.42 ? 172 LEU A N   1 
ATOM   385 C  CA  . LEU A 1 47 ? -11.235 2.839   1.688   1.00 64.03 ? 172 LEU A CA  1 
ATOM   386 C  C   . LEU A 1 47 ? -12.641 3.245   1.239   1.00 65.89 ? 172 LEU A C   1 
ATOM   387 O  O   . LEU A 1 47 ? -12.798 4.295   0.615   1.00 65.91 ? 172 LEU A O   1 
ATOM   388 C  CB  . LEU A 1 47 ? -10.587 1.933   0.641   1.00 63.62 ? 172 LEU A CB  1 
ATOM   389 C  CG  . LEU A 1 47 ? -10.495 2.435   -0.793  1.00 62.87 ? 172 LEU A CG  1 
ATOM   390 C  CD1 . LEU A 1 47 ? -9.633  3.682   -0.894  1.00 61.82 ? 172 LEU A CD1 1 
ATOM   391 C  CD2 . LEU A 1 47 ? -9.951  1.346   -1.653  1.00 62.54 ? 172 LEU A CD2 1 
ATOM   392 N  N   . LYS A 1 48 ? -13.659 2.436   1.548   1.00 68.36 ? 173 LYS A N   1 
ATOM   393 C  CA  . LYS A 1 48 ? -15.007 2.710   1.020   1.00 70.62 ? 173 LYS A CA  1 
ATOM   394 C  C   . LYS A 1 48 ? -15.650 4.039   1.481   1.00 72.30 ? 173 LYS A C   1 
ATOM   395 O  O   . LYS A 1 48 ? -16.285 4.712   0.670   1.00 72.43 ? 173 LYS A O   1 
ATOM   396 C  CB  . LYS A 1 48 ? -15.957 1.491   1.107   1.00 70.73 ? 173 LYS A CB  1 
ATOM   397 C  CG  . LYS A 1 48 ? -16.929 1.431   2.297   1.00 71.69 ? 173 LYS A CG  1 
ATOM   398 C  CD  . LYS A 1 48 ? -16.616 0.262   3.245   1.00 72.65 ? 173 LYS A CD  1 
ATOM   399 C  CE  . LYS A 1 48 ? -17.366 0.367   4.579   1.00 71.65 ? 173 LYS A CE  1 
ATOM   400 N  NZ  . LYS A 1 48 ? -18.833 0.243   4.414   1.00 71.43 ? 173 LYS A NZ  1 
ATOM   401 N  N   . PRO A 1 49 ? -15.467 4.438   2.760   1.00 74.11 ? 174 PRO A N   1 
ATOM   402 C  CA  . PRO A 1 49 ? -15.975 5.767   3.125   1.00 75.67 ? 174 PRO A CA  1 
ATOM   403 C  C   . PRO A 1 49 ? -15.247 6.917   2.425   1.00 77.53 ? 174 PRO A C   1 
ATOM   404 O  O   . PRO A 1 49 ? -15.833 7.978   2.218   1.00 77.75 ? 174 PRO A O   1 
ATOM   405 C  CB  . PRO A 1 49 ? -15.746 5.831   4.638   1.00 75.61 ? 174 PRO A CB  1 
ATOM   406 C  CG  . PRO A 1 49 ? -14.666 4.851   4.910   1.00 74.76 ? 174 PRO A CG  1 
ATOM   407 C  CD  . PRO A 1 49 ? -14.856 3.753   3.915   1.00 74.11 ? 174 PRO A CD  1 
HETATM 408 N  N   . MSE A 1 50 ? -13.992 6.698   2.044   1.00 79.64 ? 175 MSE A N   1 
HETATM 409 C  CA  . MSE A 1 50 ? -13.175 7.740   1.418   1.00 82.65 ? 175 MSE A CA  1 
HETATM 410 C  C   . MSE A 1 50 ? -13.487 8.037   -0.048  1.00 82.15 ? 175 MSE A C   1 
HETATM 411 O  O   . MSE A 1 50 ? -12.879 8.935   -0.635  1.00 82.27 ? 175 MSE A O   1 
HETATM 412 C  CB  . MSE A 1 50 ? -11.696 7.386   1.515   1.00 82.16 ? 175 MSE A CB  1 
HETATM 413 C  CG  . MSE A 1 50 ? -11.104 7.422   2.897   1.00 84.16 ? 175 MSE A CG  1 
HETATM 414 SE SE  . MSE A 1 50 ? -9.159  7.419   2.715   1.00 89.00 ? 175 MSE A SE  1 
HETATM 415 C  CE  . MSE A 1 50 ? -8.860  9.356   2.588   1.00 86.76 ? 175 MSE A CE  1 
ATOM   416 N  N   . LEU A 1 51 ? -14.412 7.288   -0.643  1.00 82.62 ? 176 LEU A N   1 
ATOM   417 C  CA  . LEU A 1 51 ? -14.705 7.439   -2.071  1.00 82.98 ? 176 LEU A CA  1 
ATOM   418 C  C   . LEU A 1 51 ? -15.642 8.605   -2.411  1.00 83.40 ? 176 LEU A C   1 
ATOM   419 O  O   . LEU A 1 51 ? -15.322 9.417   -3.282  1.00 83.40 ? 176 LEU A O   1 
ATOM   420 C  CB  . LEU A 1 51 ? -15.209 6.121   -2.671  1.00 82.82 ? 176 LEU A CB  1 
ATOM   421 C  CG  . LEU A 1 51 ? -14.169 4.992   -2.754  1.00 82.80 ? 176 LEU A CG  1 
ATOM   422 C  CD1 . LEU A 1 51 ? -14.854 3.645   -2.917  1.00 82.29 ? 176 LEU A CD1 1 
ATOM   423 C  CD2 . LEU A 1 51 ? -13.145 5.226   -3.868  1.00 81.91 ? 176 LEU A CD2 1 
ATOM   424 N  N   . GLN A 1 52 ? -16.785 8.695   -1.728  1.00 83.93 ? 177 GLN A N   1 
ATOM   425 C  CA  . GLN A 1 52 ? -17.729 9.809   -1.949  1.00 84.52 ? 177 GLN A CA  1 
ATOM   426 C  C   . GLN A 1 52 ? -17.577 10.921  -0.910  1.00 84.53 ? 177 GLN A C   1 
ATOM   427 O  O   . GLN A 1 52 ? -16.479 11.509  -0.781  1.00 84.59 ? 177 GLN A O   1 
ATOM   428 C  CB  . GLN A 1 52 ? -19.190 9.321   -2.019  1.00 84.67 ? 177 GLN A CB  1 
ATOM   429 C  CG  . GLN A 1 52 ? -19.528 8.105   -1.134  1.00 85.51 ? 177 GLN A CG  1 
ATOM   430 C  CD  . GLN A 1 52 ? -19.638 8.442   0.348   1.00 86.20 ? 177 GLN A CD  1 
ATOM   431 O  OE1 . GLN A 1 52 ? -18.814 7.997   1.161   1.00 86.37 ? 177 GLN A OE1 1 
ATOM   432 N  NE2 . GLN A 1 52 ? -20.659 9.225   0.708   1.00 85.84 ? 177 GLN A NE2 1 
ATOM   433 N  N   . GLY B 1 1  ? 16.460  9.603   -7.965  1.00 61.44 ? 126 GLY B N   1 
ATOM   434 C  CA  . GLY B 1 1  ? 17.072  8.399   -8.589  1.00 61.03 ? 126 GLY B CA  1 
ATOM   435 C  C   . GLY B 1 1  ? 16.019  7.498   -9.196  1.00 60.72 ? 126 GLY B C   1 
ATOM   436 O  O   . GLY B 1 1  ? 15.876  6.350   -8.754  1.00 61.24 ? 126 GLY B O   1 
ATOM   437 N  N   . ALA B 1 2  ? 15.293  8.013   -10.198 1.00 59.48 ? 127 ALA B N   1 
ATOM   438 C  CA  . ALA B 1 2  ? 14.195  7.288   -10.888 1.00 58.48 ? 127 ALA B CA  1 
ATOM   439 C  C   . ALA B 1 2  ? 14.571  5.949   -11.568 1.00 57.66 ? 127 ALA B C   1 
ATOM   440 O  O   . ALA B 1 2  ? 13.699  5.095   -11.807 1.00 57.41 ? 127 ALA B O   1 
ATOM   441 C  CB  . ALA B 1 2  ? 13.503  8.214   -11.910 1.00 58.68 ? 127 ALA B CB  1 
ATOM   442 N  N   . ALA B 1 3  ? 15.851  5.770   -11.895 1.00 56.13 ? 128 ALA B N   1 
ATOM   443 C  CA  . ALA B 1 3  ? 16.314  4.481   -12.405 1.00 55.13 ? 128 ALA B CA  1 
ATOM   444 C  C   . ALA B 1 3  ? 16.380  3.469   -11.243 1.00 54.30 ? 128 ALA B C   1 
ATOM   445 O  O   . ALA B 1 3  ? 16.509  2.260   -11.449 1.00 54.01 ? 128 ALA B O   1 
ATOM   446 C  CB  . ALA B 1 3  ? 17.682  4.629   -13.085 1.00 55.15 ? 128 ALA B CB  1 
ATOM   447 N  N   . SER B 1 4  ? 16.255  3.974   -10.018 1.00 52.90 ? 129 SER B N   1 
ATOM   448 C  CA  . SER B 1 4  ? 16.352  3.126   -8.838  1.00 51.81 ? 129 SER B CA  1 
ATOM   449 C  C   . SER B 1 4  ? 14.987  2.712   -8.297  1.00 51.28 ? 129 SER B C   1 
ATOM   450 O  O   . SER B 1 4  ? 14.900  1.957   -7.325  1.00 50.65 ? 129 SER B O   1 
ATOM   451 C  CB  . SER B 1 4  ? 17.218  3.800   -7.778  1.00 51.20 ? 129 SER B CB  1 
ATOM   452 O  OG  . SER B 1 4  ? 18.518  4.056   -8.301  1.00 50.60 ? 129 SER B OG  1 
ATOM   453 N  N   . TYR B 1 5  ? 13.917  3.151   -8.952  1.00 50.95 ? 130 TYR B N   1 
ATOM   454 C  CA  . TYR B 1 5  ? 12.593  2.889   -8.398  1.00 51.02 ? 130 TYR B CA  1 
ATOM   455 C  C   . TYR B 1 5  ? 12.237  1.407   -8.287  1.00 50.44 ? 130 TYR B C   1 
ATOM   456 O  O   . TYR B 1 5  ? 11.664  0.995   -7.267  1.00 50.65 ? 130 TYR B O   1 
ATOM   457 C  CB  . TYR B 1 5  ? 11.498  3.722   -9.070  1.00 52.19 ? 130 TYR B CB  1 
ATOM   458 C  CG  . TYR B 1 5  ? 11.594  5.241   -8.815  1.00 53.28 ? 130 TYR B CG  1 
ATOM   459 C  CD1 . TYR B 1 5  ? 12.481  5.784   -7.856  1.00 52.27 ? 130 TYR B CD1 1 
ATOM   460 C  CD2 . TYR B 1 5  ? 10.774  6.134   -9.540  1.00 54.60 ? 130 TYR B CD2 1 
ATOM   461 C  CE1 . TYR B 1 5  ? 12.548  7.187   -7.636  1.00 54.00 ? 130 TYR B CE1 1 
ATOM   462 C  CE2 . TYR B 1 5  ? 10.823  7.536   -9.334  1.00 53.95 ? 130 TYR B CE2 1 
ATOM   463 C  CZ  . TYR B 1 5  ? 11.703  8.058   -8.385  1.00 55.45 ? 130 TYR B CZ  1 
ATOM   464 O  OH  . TYR B 1 5  ? 11.738  9.440   -8.223  1.00 54.94 ? 130 TYR B OH  1 
ATOM   465 N  N   . GLU B 1 6  ? 12.592  0.589   -9.279  1.00 49.61 ? 131 GLU B N   1 
ATOM   466 C  CA  . GLU B 1 6  ? 12.299  -0.848  -9.171  1.00 49.90 ? 131 GLU B CA  1 
ATOM   467 C  C   . GLU B 1 6  ? 12.997  -1.446  -7.954  1.00 48.55 ? 131 GLU B C   1 
ATOM   468 O  O   . GLU B 1 6  ? 12.425  -2.276  -7.243  1.00 47.89 ? 131 GLU B O   1 
ATOM   469 C  CB  . GLU B 1 6  ? 12.702  -1.641  -10.421 1.00 50.77 ? 131 GLU B CB  1 
ATOM   470 C  CG  . GLU B 1 6  ? 11.716  -1.590  -11.603 1.00 56.70 ? 131 GLU B CG  1 
ATOM   471 C  CD  . GLU B 1 6  ? 10.245  -1.918  -11.245 1.00 64.02 ? 131 GLU B CD  1 
ATOM   472 O  OE1 . GLU B 1 6  ? 9.987   -2.856  -10.441 1.00 65.86 ? 131 GLU B OE1 1 
ATOM   473 O  OE2 . GLU B 1 6  ? 9.346   -1.230  -11.802 1.00 66.88 ? 131 GLU B OE2 1 
ATOM   474 N  N   . LYS B 1 7  ? 14.239  -1.025  -7.724  1.00 47.22 ? 132 LYS B N   1 
ATOM   475 C  CA  . LYS B 1 7  ? 14.993  -1.507  -6.571  1.00 46.25 ? 132 LYS B CA  1 
ATOM   476 C  C   . LYS B 1 7  ? 14.443  -0.981  -5.239  1.00 44.81 ? 132 LYS B C   1 
ATOM   477 O  O   . LYS B 1 7  ? 14.449  -1.698  -4.276  1.00 44.24 ? 132 LYS B O   1 
ATOM   478 C  CB  . LYS B 1 7  ? 16.492  -1.243  -6.741  1.00 46.65 ? 132 LYS B CB  1 
ATOM   479 C  CG  . LYS B 1 7  ? 17.129  -2.099  -7.877  1.00 47.49 ? 132 LYS B CG  1 
ATOM   480 C  CD  . LYS B 1 7  ? 17.086  -3.559  -7.484  1.00 50.63 ? 132 LYS B CD  1 
ATOM   481 C  CE  . LYS B 1 7  ? 17.496  -4.493  -8.591  1.00 52.94 ? 132 LYS B CE  1 
ATOM   482 N  NZ  . LYS B 1 7  ? 17.656  -5.857  -7.973  1.00 55.16 ? 132 LYS B NZ  1 
ATOM   483 N  N   . GLU B 1 8  ? 13.911  0.237   -5.214  1.00 44.13 ? 133 GLU B N   1 
ATOM   484 C  CA  . GLU B 1 8  ? 13.295  0.764   -4.007  1.00 43.56 ? 133 GLU B CA  1 
ATOM   485 C  C   . GLU B 1 8  ? 12.061  -0.059  -3.670  1.00 45.01 ? 133 GLU B C   1 
ATOM   486 O  O   . GLU B 1 8  ? 11.893  -0.528  -2.506  1.00 45.15 ? 133 GLU B O   1 
ATOM   487 C  CB  . GLU B 1 8  ? 12.997  2.276   -4.125  1.00 43.22 ? 133 GLU B CB  1 
ATOM   488 C  CG  . GLU B 1 8  ? 14.279  3.077   -4.206  1.00 40.10 ? 133 GLU B CG  1 
ATOM   489 C  CD  . GLU B 1 8  ? 14.151  4.571   -4.456  1.00 41.21 ? 133 GLU B CD  1 
ATOM   490 O  OE1 . GLU B 1 8  ? 13.052  5.047   -4.852  1.00 34.09 ? 133 GLU B OE1 1 
ATOM   491 O  OE2 . GLU B 1 8  ? 15.217  5.269   -4.277  1.00 38.52 ? 133 GLU B OE2 1 
ATOM   492 N  N   . LYS B 1 9  ? 11.264  -0.300  -4.706  1.00 45.53 ? 134 LYS B N   1 
ATOM   493 C  CA  . LYS B 1 9  ? 10.013  -1.028  -4.596  1.00 47.36 ? 134 LYS B CA  1 
ATOM   494 C  C   . LYS B 1 9  ? 10.273  -2.436  -4.106  1.00 47.51 ? 134 LYS B C   1 
ATOM   495 O  O   . LYS B 1 9  ? 9.579   -2.913  -3.208  1.00 49.01 ? 134 LYS B O   1 
ATOM   496 C  CB  . LYS B 1 9  ? 9.259   -1.008  -5.939  1.00 47.56 ? 134 LYS B CB  1 
ATOM   497 C  CG  . LYS B 1 9  ? 8.603   0.355   -6.193  1.00 51.41 ? 134 LYS B CG  1 
ATOM   498 C  CD  . LYS B 1 9  ? 8.612   0.864   -7.650  1.00 53.16 ? 134 LYS B CD  1 
ATOM   499 C  CE  . LYS B 1 9  ? 7.268   0.692   -8.335  1.00 53.02 ? 134 LYS B CE  1 
ATOM   500 N  NZ  . LYS B 1 9  ? 7.482   0.763   -9.845  1.00 53.24 ? 134 LYS B NZ  1 
ATOM   501 N  N   . GLU B 1 10 ? 11.298  -3.091  -4.637  1.00 46.62 ? 135 GLU B N   1 
ATOM   502 C  CA  . GLU B 1 10 ? 11.653  -4.422  -4.139  1.00 46.66 ? 135 GLU B CA  1 
ATOM   503 C  C   . GLU B 1 10 ? 12.077  -4.407  -2.663  1.00 46.19 ? 135 GLU B C   1 
ATOM   504 O  O   . GLU B 1 10 ? 11.796  -5.347  -1.927  1.00 46.69 ? 135 GLU B O   1 
ATOM   505 C  CB  . GLU B 1 10 ? 12.757  -5.067  -5.003  1.00 46.48 ? 135 GLU B CB  1 
ATOM   506 C  CG  . GLU B 1 10 ? 12.335  -5.416  -6.451  1.00 46.60 ? 135 GLU B CG  1 
ATOM   507 C  CD  . GLU B 1 10 ? 13.512  -5.881  -7.347  1.00 48.84 ? 135 GLU B CD  1 
ATOM   508 O  OE1 . GLU B 1 10 ? 14.522  -6.446  -6.831  1.00 50.76 ? 135 GLU B OE1 1 
ATOM   509 O  OE2 . GLU B 1 10 ? 13.416  -5.706  -8.592  1.00 53.01 ? 135 GLU B OE2 1 
ATOM   510 N  N   . LEU B 1 11 ? 12.755  -3.354  -2.205  1.00 45.01 ? 136 LEU B N   1 
ATOM   511 C  CA  . LEU B 1 11 ? 13.154  -3.336  -0.801  1.00 44.38 ? 136 LEU B CA  1 
ATOM   512 C  C   . LEU B 1 11 ? 11.930  -3.167  0.080   1.00 44.33 ? 136 LEU B C   1 
ATOM   513 O  O   . LEU B 1 11 ? 11.774  -3.897  1.063   1.00 44.15 ? 136 LEU B O   1 
ATOM   514 C  CB  . LEU B 1 11 ? 14.081  -2.179  -0.517  1.00 43.51 ? 136 LEU B CB  1 
ATOM   515 C  CG  . LEU B 1 11 ? 15.209  -2.258  0.461   1.00 43.46 ? 136 LEU B CG  1 
ATOM   516 C  CD1 . LEU B 1 11 ? 15.500  -0.856  0.937   1.00 42.19 ? 136 LEU B CD1 1 
ATOM   517 C  CD2 . LEU B 1 11 ? 15.100  -3.310  1.618   1.00 43.33 ? 136 LEU B CD2 1 
ATOM   518 N  N   . CYS B 1 12 ? 11.083  -2.191  -0.255  1.00 44.00 ? 137 CYS B N   1 
ATOM   519 C  CA  . CYS B 1 12 ? 9.883   -1.947  0.525   1.00 45.66 ? 137 CYS B CA  1 
ATOM   520 C  C   . CYS B 1 12 ? 9.017   -3.198  0.623   1.00 45.48 ? 137 CYS B C   1 
ATOM   521 O  O   . CYS B 1 12 ? 8.499   -3.489  1.693   1.00 45.27 ? 137 CYS B O   1 
ATOM   522 C  CB  . CYS B 1 12 ? 9.079   -0.758  -0.017  1.00 46.17 ? 137 CYS B CB  1 
ATOM   523 S  SG  . CYS B 1 12 ? 10.075  0.767   -0.005  1.00 50.01 ? 137 CYS B SG  1 
ATOM   524 N  N   . VAL B 1 13 ? 8.893   -3.941  -0.477  1.00 45.38 ? 138 VAL B N   1 
ATOM   525 C  CA  . VAL B 1 13 ? 8.111   -5.155  -0.482  1.00 45.30 ? 138 VAL B CA  1 
ATOM   526 C  C   . VAL B 1 13 ? 8.761   -6.120  0.507   1.00 46.18 ? 138 VAL B C   1 
ATOM   527 O  O   . VAL B 1 13 ? 8.073   -6.698  1.369   1.00 47.11 ? 138 VAL B O   1 
ATOM   528 C  CB  . VAL B 1 13 ? 8.040   -5.813  -1.886  1.00 45.73 ? 138 VAL B CB  1 
ATOM   529 C  CG1 . VAL B 1 13 ? 7.470   -7.207  -1.787  1.00 44.46 ? 138 VAL B CG1 1 
ATOM   530 C  CG2 . VAL B 1 13 ? 7.216   -4.987  -2.873  1.00 43.83 ? 138 VAL B CG2 1 
ATOM   531 N  N   . LYS B 1 14 ? 10.077  -6.294  0.391   1.00 45.72 ? 139 LYS B N   1 
ATOM   532 C  CA  . LYS B 1 14 ? 10.833  -7.103  1.348   1.00 45.63 ? 139 LYS B CA  1 
ATOM   533 C  C   . LYS B 1 14 ? 10.624  -6.714  2.819   1.00 45.53 ? 139 LYS B C   1 
ATOM   534 O  O   . LYS B 1 14 ? 10.496  -7.605  3.676   1.00 45.95 ? 139 LYS B O   1 
ATOM   535 C  CB  . LYS B 1 14 ? 12.335  -7.078  1.040   1.00 45.51 ? 139 LYS B CB  1 
ATOM   536 C  CG  . LYS B 1 14 ? 13.137  -8.155  1.821   1.00 48.69 ? 139 LYS B CG  1 
ATOM   537 C  CD  . LYS B 1 14 ? 12.580  -9.549  1.489   1.00 50.44 ? 139 LYS B CD  1 
ATOM   538 C  CE  . LYS B 1 14 ? 13.467  -10.671 1.940   1.00 53.54 ? 139 LYS B CE  1 
ATOM   539 N  NZ  . LYS B 1 14 ? 13.135  -11.914 1.163   1.00 55.19 ? 139 LYS B NZ  1 
ATOM   540 N  N   . TYR B 1 15 ? 10.632  -5.418  3.139   1.00 44.76 ? 140 TYR B N   1 
ATOM   541 C  CA  . TYR B 1 15 ? 10.483  -5.015  4.543   1.00 44.51 ? 140 TYR B CA  1 
ATOM   542 C  C   . TYR B 1 15 ? 9.085   -5.420  4.975   1.00 45.53 ? 140 TYR B C   1 
ATOM   543 O  O   . TYR B 1 15 ? 8.906   -6.110  5.978   1.00 46.35 ? 140 TYR B O   1 
ATOM   544 C  CB  . TYR B 1 15 ? 10.604  -3.496  4.726   1.00 44.36 ? 140 TYR B CB  1 
ATOM   545 C  CG  . TYR B 1 15 ? 12.009  -2.902  4.720   1.00 43.33 ? 140 TYR B CG  1 
ATOM   546 C  CD1 . TYR B 1 15 ? 13.106  -3.590  5.294   1.00 40.95 ? 140 TYR B CD1 1 
ATOM   547 C  CD2 . TYR B 1 15 ? 12.239  -1.632  4.160   1.00 39.42 ? 140 TYR B CD2 1 
ATOM   548 C  CE1 . TYR B 1 15 ? 14.382  -3.015  5.318   1.00 39.99 ? 140 TYR B CE1 1 
ATOM   549 C  CE2 . TYR B 1 15 ? 13.520  -1.045  4.172   1.00 37.44 ? 140 TYR B CE2 1 
ATOM   550 C  CZ  . TYR B 1 15 ? 14.566  -1.740  4.745   1.00 42.17 ? 140 TYR B CZ  1 
ATOM   551 O  OH  . TYR B 1 15 ? 15.807  -1.186  4.730   1.00 43.78 ? 140 TYR B OH  1 
ATOM   552 N  N   . PHE B 1 16 ? 8.109   -5.021  4.165   1.00 45.89 ? 141 PHE B N   1 
ATOM   553 C  CA  . PHE B 1 16 ? 6.707   -5.285  4.377   1.00 46.35 ? 141 PHE B CA  1 
ATOM   554 C  C   . PHE B 1 16 ? 6.436   -6.752  4.664   1.00 47.84 ? 141 PHE B C   1 
ATOM   555 O  O   . PHE B 1 16 ? 5.625   -7.068  5.542   1.00 48.31 ? 141 PHE B O   1 
ATOM   556 C  CB  . PHE B 1 16 ? 5.930   -4.810  3.151   1.00 45.26 ? 141 PHE B CB  1 
ATOM   557 C  CG  . PHE B 1 16 ? 4.453   -5.175  3.144   1.00 44.22 ? 141 PHE B CG  1 
ATOM   558 C  CD1 . PHE B 1 16 ? 4.019   -6.415  2.603   1.00 42.16 ? 141 PHE B CD1 1 
ATOM   559 C  CD2 . PHE B 1 16 ? 3.490   -4.261  3.607   1.00 40.90 ? 141 PHE B CD2 1 
ATOM   560 C  CE1 . PHE B 1 16 ? 2.654   -6.740  2.552   1.00 40.34 ? 141 PHE B CE1 1 
ATOM   561 C  CE2 . PHE B 1 16 ? 2.109   -4.573  3.560   1.00 39.87 ? 141 PHE B CE2 1 
ATOM   562 C  CZ  . PHE B 1 16 ? 1.687   -5.810  3.021   1.00 41.43 ? 141 PHE B CZ  1 
ATOM   563 N  N   . GLU B 1 17 ? 7.108   -7.646  3.940   1.00 48.68 ? 142 GLU B N   1 
ATOM   564 C  CA  . GLU B 1 17 ? 6.893   -9.089  4.110   1.00 49.60 ? 142 GLU B CA  1 
ATOM   565 C  C   . GLU B 1 17 ? 7.335   -9.590  5.480   1.00 49.62 ? 142 GLU B C   1 
ATOM   566 O  O   . GLU B 1 17 ? 6.986   -10.700 5.870   1.00 49.57 ? 142 GLU B O   1 
ATOM   567 C  CB  . GLU B 1 17 ? 7.622   -9.889  3.026   1.00 49.22 ? 142 GLU B CB  1 
ATOM   568 C  CG  . GLU B 1 17 ? 6.929   -9.896  1.674   1.00 50.51 ? 142 GLU B CG  1 
ATOM   569 C  CD  . GLU B 1 17 ? 7.759   -10.528 0.545   1.00 52.23 ? 142 GLU B CD  1 
ATOM   570 O  OE1 . GLU B 1 17 ? 8.948   -10.888 0.760   1.00 57.03 ? 142 GLU B OE1 1 
ATOM   571 O  OE2 . GLU B 1 17 ? 7.213   -10.667 -0.580  1.00 56.52 ? 142 GLU B OE2 1 
ATOM   572 N  N   . GLN B 1 18 ? 8.118   -8.785  6.202   1.00 50.01 ? 143 GLN B N   1 
ATOM   573 C  CA  . GLN B 1 18 ? 8.618   -9.204  7.514   1.00 50.02 ? 143 GLN B CA  1 
ATOM   574 C  C   . GLN B 1 18 ? 7.730   -8.673  8.648   1.00 48.94 ? 143 GLN B C   1 
ATOM   575 O  O   . GLN B 1 18 ? 7.873   -9.120  9.772   1.00 48.60 ? 143 GLN B O   1 
ATOM   576 C  CB  . GLN B 1 18 ? 10.097  -8.781  7.759   1.00 50.61 ? 143 GLN B CB  1 
ATOM   577 C  CG  . GLN B 1 18 ? 11.148  -9.062  6.659   1.00 52.06 ? 143 GLN B CG  1 
ATOM   578 C  CD  . GLN B 1 18 ? 11.005  -10.409 5.998   1.00 57.60 ? 143 GLN B CD  1 
ATOM   579 O  OE1 . GLN B 1 18 ? 11.353  -11.459 6.571   1.00 62.50 ? 143 GLN B OE1 1 
ATOM   580 N  NE2 . GLN B 1 18 ? 10.502  -10.401 4.773   1.00 59.88 ? 143 GLN B NE2 1 
ATOM   581 N  N   . TRP B 1 19 ? 6.840   -7.722  8.352   1.00 47.95 ? 144 TRP B N   1 
ATOM   582 C  CA  . TRP B 1 19 ? 5.908   -7.156  9.362   1.00 48.14 ? 144 TRP B CA  1 
ATOM   583 C  C   . TRP B 1 19 ? 4.744   -8.073  9.737   1.00 48.54 ? 144 TRP B C   1 
ATOM   584 O  O   . TRP B 1 19 ? 4.475   -9.051  9.052   1.00 49.90 ? 144 TRP B O   1 
ATOM   585 C  CB  . TRP B 1 19 ? 5.351   -5.773  8.935   1.00 46.48 ? 144 TRP B CB  1 
ATOM   586 C  CG  . TRP B 1 19 ? 6.402   -4.770  8.608   1.00 46.02 ? 144 TRP B CG  1 
ATOM   587 C  CD1 . TRP B 1 19 ? 7.697   -4.736  9.101   1.00 42.34 ? 144 TRP B CD1 1 
ATOM   588 C  CD2 . TRP B 1 19 ? 6.283   -3.651  7.696   1.00 44.47 ? 144 TRP B CD2 1 
ATOM   589 N  NE1 . TRP B 1 19 ? 8.373   -3.669  8.542   1.00 43.40 ? 144 TRP B NE1 1 
ATOM   590 C  CE2 . TRP B 1 19 ? 7.544   -2.985  7.689   1.00 42.73 ? 144 TRP B CE2 1 
ATOM   591 C  CE3 . TRP B 1 19 ? 5.243   -3.148  6.895   1.00 41.13 ? 144 TRP B CE3 1 
ATOM   592 C  CZ2 . TRP B 1 19 ? 7.792   -1.845  6.909   1.00 42.15 ? 144 TRP B CZ2 1 
ATOM   593 C  CZ3 . TRP B 1 19 ? 5.486   -2.028  6.106   1.00 43.31 ? 144 TRP B CZ3 1 
ATOM   594 C  CH2 . TRP B 1 19 ? 6.766   -1.377  6.125   1.00 43.89 ? 144 TRP B CH2 1 
ATOM   595 N  N   . SER B 1 20 ? 4.048   -7.746  10.824  1.00 48.86 ? 145 SER B N   1 
ATOM   596 C  CA  . SER B 1 20 ? 2.882   -8.521  11.285  1.00 48.75 ? 145 SER B CA  1 
ATOM   597 C  C   . SER B 1 20 ? 1.643   -8.160  10.445  1.00 48.13 ? 145 SER B C   1 
ATOM   598 O  O   . SER B 1 20 ? 1.629   -7.083  9.853   1.00 48.45 ? 145 SER B O   1 
ATOM   599 C  CB  . SER B 1 20 ? 2.627   -8.213  12.763  1.00 48.36 ? 145 SER B CB  1 
ATOM   600 O  OG  . SER B 1 20 ? 2.165   -6.878  12.881  1.00 50.15 ? 145 SER B OG  1 
ATOM   601 N  N   . GLU B 1 21 ? 0.622   -9.034  10.394  1.00 47.88 ? 146 GLU B N   1 
ATOM   602 C  CA  . GLU B 1 21 ? -0.569  -8.811  9.541   1.00 47.65 ? 146 GLU B CA  1 
ATOM   603 C  C   . GLU B 1 21 ? -1.122  -7.387  9.810   1.00 47.44 ? 146 GLU B C   1 
ATOM   604 O  O   . GLU B 1 21 ? -1.498  -6.690  8.864   1.00 47.47 ? 146 GLU B O   1 
ATOM   605 C  CB  . GLU B 1 21 ? -1.679  -9.970  9.561   1.00 47.60 ? 146 GLU B CB  1 
ATOM   606 C  CG  . GLU B 1 21 ? -1.457  -11.283 8.586   1.00 48.07 ? 146 GLU B CG  1 
ATOM   607 C  CD  . GLU B 1 21 ? -2.714  -12.261 8.179   1.00 48.39 ? 146 GLU B CD  1 
ATOM   608 O  OE1 . GLU B 1 21 ? -2.464  -13.469 7.953   1.00 46.50 ? 146 GLU B OE1 1 
ATOM   609 O  OE2 . GLU B 1 21 ? -3.934  -11.921 7.988   1.00 52.94 ? 146 GLU B OE2 1 
ATOM   610 N  N   . SER B 1 22 ? -1.092  -6.924  11.065  1.00 47.62 ? 147 SER B N   1 
ATOM   611 C  CA  . SER B 1 22 ? -1.676  -5.600  11.446  1.00 47.71 ? 147 SER B CA  1 
ATOM   612 C  C   . SER B 1 22 ? -0.805  -4.363  11.185  1.00 47.70 ? 147 SER B C   1 
ATOM   613 O  O   . SER B 1 22 ? -1.331  -3.305  10.908  1.00 48.16 ? 147 SER B O   1 
ATOM   614 C  CB  . SER B 1 22 ? -2.215  -5.575  12.895  1.00 48.02 ? 147 SER B CB  1 
ATOM   615 O  OG  . SER B 1 22 ? -1.169  -5.632  13.859  1.00 47.67 ? 147 SER B OG  1 
ATOM   616 N  N   . ASP B 1 23 ? 0.512   -4.477  11.279  1.00 48.09 ? 148 ASP B N   1 
ATOM   617 C  CA  . ASP B 1 23 ? 1.383   -3.418  10.760  1.00 48.33 ? 148 ASP B CA  1 
ATOM   618 C  C   . ASP B 1 23 ? 1.259   -3.292  9.230   1.00 48.65 ? 148 ASP B C   1 
ATOM   619 O  O   . ASP B 1 23 ? 1.165   -2.174  8.691   1.00 48.73 ? 148 ASP B O   1 
ATOM   620 C  CB  . ASP B 1 23 ? 2.843   -3.622  11.189  1.00 48.01 ? 148 ASP B CB  1 
ATOM   621 C  CG  . ASP B 1 23 ? 3.063   -3.379  12.698  1.00 49.02 ? 148 ASP B CG  1 
ATOM   622 O  OD1 . ASP B 1 23 ? 2.266   -2.640  13.338  1.00 49.46 ? 148 ASP B OD1 1 
ATOM   623 O  OD2 . ASP B 1 23 ? 4.045   -3.925  13.243  1.00 48.65 ? 148 ASP B OD2 1 
ATOM   624 N  N   . GLN B 1 24 ? 1.231   -4.432  8.538   1.00 48.06 ? 149 GLN B N   1 
ATOM   625 C  CA  . GLN B 1 24 ? 0.953   -4.433  7.095   1.00 47.39 ? 149 GLN B CA  1 
ATOM   626 C  C   . GLN B 1 24 ? -0.306  -3.629  6.765   1.00 47.17 ? 149 GLN B C   1 
ATOM   627 O  O   . GLN B 1 24 ? -0.263  -2.748  5.890   1.00 47.20 ? 149 GLN B O   1 
ATOM   628 C  CB  . GLN B 1 24 ? 0.828   -5.868  6.542   1.00 47.24 ? 149 GLN B CB  1 
ATOM   629 C  CG  . GLN B 1 24 ? 2.136   -6.642  6.551   1.00 45.40 ? 149 GLN B CG  1 
ATOM   630 C  CD  . GLN B 1 24 ? 2.007   -8.042  5.966   1.00 46.31 ? 149 GLN B CD  1 
ATOM   631 O  OE1 . GLN B 1 24 ? 3.013   -8.696  5.635   1.00 43.99 ? 149 GLN B OE1 1 
ATOM   632 N  NE2 . GLN B 1 24 ? 0.779   -8.521  5.857   1.00 44.57 ? 149 GLN B NE2 1 
ATOM   633 N  N   . VAL B 1 25 ? -1.413  -3.930  7.450   1.00 46.95 ? 150 VAL B N   1 
ATOM   634 C  CA  . VAL B 1 25 ? -2.684  -3.214  7.261   1.00 47.32 ? 150 VAL B CA  1 
ATOM   635 C  C   . VAL B 1 25 ? -2.533  -1.723  7.581   1.00 48.35 ? 150 VAL B C   1 
ATOM   636 O  O   . VAL B 1 25 ? -2.936  -0.859  6.789   1.00 49.09 ? 150 VAL B O   1 
ATOM   637 C  CB  . VAL B 1 25 ? -3.842  -3.834  8.109   1.00 47.44 ? 150 VAL B CB  1 
ATOM   638 C  CG1 . VAL B 1 25 ? -5.028  -2.833  8.295   1.00 46.00 ? 150 VAL B CG1 1 
ATOM   639 C  CG2 . VAL B 1 25 ? -4.345  -5.100  7.456   1.00 47.05 ? 150 VAL B CG2 1 
ATOM   640 N  N   . GLU B 1 26 ? -1.935  -1.418  8.725   1.00 48.63 ? 151 GLU B N   1 
ATOM   641 C  CA  . GLU B 1 26 ? -1.730  -0.035  9.097   1.00 50.89 ? 151 GLU B CA  1 
ATOM   642 C  C   . GLU B 1 26 ? -0.916  0.720   8.029   1.00 50.44 ? 151 GLU B C   1 
ATOM   643 O  O   . GLU B 1 26 ? -1.233  1.857   7.689   1.00 51.11 ? 151 GLU B O   1 
ATOM   644 C  CB  . GLU B 1 26 ? -1.061  0.065   10.469  1.00 51.47 ? 151 GLU B CB  1 
ATOM   645 C  CG  . GLU B 1 26 ? -1.173  1.442   11.083  1.00 56.87 ? 151 GLU B CG  1 
ATOM   646 C  CD  . GLU B 1 26 ? 0.187   1.978   11.518  1.00 64.94 ? 151 GLU B CD  1 
ATOM   647 O  OE1 . GLU B 1 26 ? 0.521   1.846   12.730  1.00 64.44 ? 151 GLU B OE1 1 
ATOM   648 O  OE2 . GLU B 1 26 ? 0.920   2.507   10.627  1.00 67.81 ? 151 GLU B OE2 1 
ATOM   649 N  N   . PHE B 1 27 ? 0.095   0.064   7.473   1.00 49.91 ? 152 PHE B N   1 
ATOM   650 C  CA  . PHE B 1 27 ? 0.908   0.663   6.421   1.00 49.84 ? 152 PHE B CA  1 
ATOM   651 C  C   . PHE B 1 27 ? 0.103   0.976   5.151   1.00 49.38 ? 152 PHE B C   1 
ATOM   652 O  O   . PHE B 1 27 ? 0.145   2.094   4.651   1.00 49.71 ? 152 PHE B O   1 
ATOM   653 C  CB  . PHE B 1 27 ? 2.119   -0.219  6.122   1.00 48.84 ? 152 PHE B CB  1 
ATOM   654 C  CG  . PHE B 1 27 ? 3.042   0.345   5.079   1.00 49.75 ? 152 PHE B CG  1 
ATOM   655 C  CD1 . PHE B 1 27 ? 3.863   1.432   5.363   1.00 49.49 ? 152 PHE B CD1 1 
ATOM   656 C  CD2 . PHE B 1 27 ? 3.125   -0.243  3.808   1.00 48.68 ? 152 PHE B CD2 1 
ATOM   657 C  CE1 . PHE B 1 27 ? 4.738   1.936   4.390   1.00 48.76 ? 152 PHE B CE1 1 
ATOM   658 C  CE2 . PHE B 1 27 ? 3.990   0.249   2.853   1.00 46.82 ? 152 PHE B CE2 1 
ATOM   659 C  CZ  . PHE B 1 27 ? 4.792   1.341   3.137   1.00 48.04 ? 152 PHE B CZ  1 
ATOM   660 N  N   . VAL B 1 28 ? -0.660  0.014   4.658   1.00 49.03 ? 153 VAL B N   1 
ATOM   661 C  CA  . VAL B 1 28 ? -1.398  0.213   3.416   1.00 48.64 ? 153 VAL B CA  1 
ATOM   662 C  C   . VAL B 1 28 ? -2.421  1.301   3.577   1.00 48.95 ? 153 VAL B C   1 
ATOM   663 O  O   . VAL B 1 28 ? -2.601  2.100   2.667   1.00 49.83 ? 153 VAL B O   1 
ATOM   664 C  CB  . VAL B 1 28 ? -2.058  -1.084  2.901   1.00 48.66 ? 153 VAL B CB  1 
ATOM   665 C  CG1 . VAL B 1 28 ? -2.999  -0.792  1.751   1.00 48.11 ? 153 VAL B CG1 1 
ATOM   666 C  CG2 . VAL B 1 28 ? -0.979  -2.108  2.492   1.00 47.17 ? 153 VAL B CG2 1 
ATOM   667 N  N   . GLU B 1 29 ? -3.069  1.363   4.733   1.00 49.61 ? 154 GLU B N   1 
ATOM   668 C  CA  . GLU B 1 29 ? -4.059  2.420   4.984   1.00 50.34 ? 154 GLU B CA  1 
ATOM   669 C  C   . GLU B 1 29 ? -3.421  3.798   5.052   1.00 50.65 ? 154 GLU B C   1 
ATOM   670 O  O   . GLU B 1 29 ? -4.014  4.778   4.612   1.00 51.14 ? 154 GLU B O   1 
ATOM   671 C  CB  . GLU B 1 29 ? -4.847  2.153   6.275   1.00 50.62 ? 154 GLU B CB  1 
ATOM   672 C  CG  . GLU B 1 29 ? -5.814  1.001   6.153   1.00 51.29 ? 154 GLU B CG  1 
ATOM   673 C  CD  . GLU B 1 29 ? -6.485  0.634   7.450   1.00 53.87 ? 154 GLU B CD  1 
ATOM   674 O  OE1 . GLU B 1 29 ? -6.082  1.147   8.525   1.00 54.08 ? 154 GLU B OE1 1 
ATOM   675 O  OE2 . GLU B 1 29 ? -7.431  -0.187  7.391   1.00 56.21 ? 154 GLU B OE2 1 
ATOM   676 N  N   . HIS B 1 30 ? -2.225  3.881   5.626   1.00 51.16 ? 155 HIS B N   1 
ATOM   677 C  CA  . HIS B 1 30 ? -1.488  5.135   5.628   1.00 51.66 ? 155 HIS B CA  1 
ATOM   678 C  C   . HIS B 1 30 ? -1.173  5.609   4.198   1.00 51.13 ? 155 HIS B C   1 
ATOM   679 O  O   . HIS B 1 30 ? -1.471  6.748   3.830   1.00 51.34 ? 155 HIS B O   1 
ATOM   680 C  CB  . HIS B 1 30 ? -0.227  5.015   6.454   1.00 51.92 ? 155 HIS B CB  1 
ATOM   681 C  CG  . HIS B 1 30 ? 0.497   6.308   6.613   1.00 55.09 ? 155 HIS B CG  1 
ATOM   682 N  ND1 . HIS B 1 30 ? 1.656   6.600   5.927   1.00 58.00 ? 155 HIS B ND1 1 
ATOM   683 C  CD2 . HIS B 1 30 ? 0.219   7.400   7.368   1.00 58.07 ? 155 HIS B CD2 1 
ATOM   684 C  CE1 . HIS B 1 30 ? 2.068   7.813   6.262   1.00 58.94 ? 155 HIS B CE1 1 
ATOM   685 N  NE2 . HIS B 1 30 ? 1.214   8.318   7.135   1.00 58.31 ? 155 HIS B NE2 1 
ATOM   686 N  N   . LEU B 1 31 ? -0.617  4.727   3.387   1.00 50.61 ? 156 LEU B N   1 
ATOM   687 C  CA  . LEU B 1 31 ? -0.403  5.016   1.969   1.00 50.95 ? 156 LEU B CA  1 
ATOM   688 C  C   . LEU B 1 31 ? -1.693  5.493   1.307   1.00 50.84 ? 156 LEU B C   1 
ATOM   689 O  O   . LEU B 1 31 ? -1.720  6.508   0.609   1.00 49.65 ? 156 LEU B O   1 
ATOM   690 C  CB  . LEU B 1 31 ? 0.054   3.751   1.276   1.00 50.77 ? 156 LEU B CB  1 
ATOM   691 C  CG  . LEU B 1 31 ? 1.533   3.438   1.071   1.00 52.53 ? 156 LEU B CG  1 
ATOM   692 C  CD1 . LEU B 1 31 ? 2.525   4.015   2.091   1.00 48.96 ? 156 LEU B CD1 1 
ATOM   693 C  CD2 . LEU B 1 31 ? 1.672   1.933   0.929   1.00 54.40 ? 156 LEU B CD2 1 
ATOM   694 N  N   . ILE B 1 32 ? -2.772  4.758   1.539   1.00 51.09 ? 157 ILE B N   1 
ATOM   695 C  CA  . ILE B 1 32 ? -4.056  5.132   0.971   1.00 51.44 ? 157 ILE B CA  1 
ATOM   696 C  C   . ILE B 1 32 ? -4.478  6.544   1.380   1.00 52.38 ? 157 ILE B C   1 
ATOM   697 O  O   . ILE B 1 32 ? -4.984  7.309   0.539   1.00 51.72 ? 157 ILE B O   1 
ATOM   698 C  CB  . ILE B 1 32 ? -5.118  4.101   1.298   1.00 51.33 ? 157 ILE B CB  1 
ATOM   699 C  CG1 . ILE B 1 32 ? -4.858  2.844   0.472   1.00 50.38 ? 157 ILE B CG1 1 
ATOM   700 C  CG2 . ILE B 1 32 ? -6.520  4.634   1.014   1.00 51.54 ? 157 ILE B CG2 1 
ATOM   701 C  CD1 . ILE B 1 32 ? -5.631  1.656   0.955   1.00 51.17 ? 157 ILE B CD1 1 
ATOM   702 N  N   . SER B 1 33 ? -4.234  6.912   2.640   1.00 53.29 ? 158 SER B N   1 
ATOM   703 C  CA  . SER B 1 33 ? -4.637  8.241   3.124   1.00 54.87 ? 158 SER B CA  1 
ATOM   704 C  C   . SER B 1 33 ? -3.900  9.380   2.408   1.00 55.98 ? 158 SER B C   1 
ATOM   705 O  O   . SER B 1 33 ? -4.357  10.514  2.412   1.00 56.91 ? 158 SER B O   1 
ATOM   706 C  CB  . SER B 1 33 ? -4.395  8.370   4.626   1.00 54.42 ? 158 SER B CB  1 
ATOM   707 O  OG  . SER B 1 33 ? -3.011  8.569   4.869   1.00 55.94 ? 158 SER B OG  1 
ATOM   708 N  N   . GLN B 1 34 ? -2.756  9.078   1.814   1.00 57.39 ? 159 GLN B N   1 
ATOM   709 C  CA  . GLN B 1 34 ? -1.936  10.064  1.125   1.00 59.26 ? 159 GLN B CA  1 
ATOM   710 C  C   . GLN B 1 34 ? -2.181  10.110  -0.377  1.00 59.41 ? 159 GLN B C   1 
ATOM   711 O  O   . GLN B 1 34 ? -1.577  10.908  -1.074  1.00 60.00 ? 159 GLN B O   1 
ATOM   712 C  CB  . GLN B 1 34 ? -0.450  9.777   1.377   1.00 59.45 ? 159 GLN B CB  1 
ATOM   713 C  CG  . GLN B 1 34 ? 0.058   10.365  2.698   1.00 64.96 ? 159 GLN B CG  1 
ATOM   714 C  CD  . GLN B 1 34 ? 1.420   9.813   3.085   1.00 70.02 ? 159 GLN B CD  1 
ATOM   715 O  OE1 . GLN B 1 34 ? 1.926   8.879   2.449   1.00 69.10 ? 159 GLN B OE1 1 
ATOM   716 N  NE2 . GLN B 1 34 ? 2.033   10.399  4.128   1.00 72.67 ? 159 GLN B NE2 1 
HETATM 717 N  N   . MSE B 1 35 ? -3.056  9.258   -0.882  1.00 59.33 ? 160 MSE B N   1 
HETATM 718 C  CA  . MSE B 1 35 ? -3.268  9.199   -2.313  1.00 61.34 ? 160 MSE B CA  1 
HETATM 719 C  C   . MSE B 1 35 ? -4.464  10.059  -2.714  1.00 57.93 ? 160 MSE B C   1 
HETATM 720 O  O   . MSE B 1 35 ? -5.245  10.480  -1.872  1.00 57.65 ? 160 MSE B O   1 
HETATM 721 C  CB  . MSE B 1 35 ? -3.442  7.735   -2.764  1.00 60.70 ? 160 MSE B CB  1 
HETATM 722 C  CG  . MSE B 1 35 ? -2.286  6.828   -2.334  1.00 63.68 ? 160 MSE B CG  1 
HETATM 723 SE SE  . MSE B 1 35 ? -2.346  4.930   -2.891  1.00 72.52 ? 160 MSE B SE  1 
HETATM 724 C  CE  . MSE B 1 35 ? -4.265  4.617   -3.134  1.00 68.54 ? 160 MSE B CE  1 
ATOM   725 N  N   . CYS B 1 36 ? -4.603  10.309  -4.006  1.00 55.98 ? 161 CYS B N   1 
ATOM   726 C  CA  . CYS B 1 36 ? -5.718  11.088  -4.524  1.00 53.92 ? 161 CYS B CA  1 
ATOM   727 C  C   . CYS B 1 36 ? -6.914  10.211  -4.927  1.00 53.35 ? 161 CYS B C   1 
ATOM   728 O  O   . CYS B 1 36 ? -6.809  8.975   -5.049  1.00 53.40 ? 161 CYS B O   1 
ATOM   729 C  CB  . CYS B 1 36 ? -5.256  11.885  -5.734  1.00 53.51 ? 161 CYS B CB  1 
ATOM   730 S  SG  . CYS B 1 36 ? -5.200  10.832  -7.212  1.00 51.21 ? 161 CYS B SG  1 
ATOM   731 N  N   . HIS B 1 37 ? -8.039  10.884  -5.155  1.00 52.70 ? 162 HIS B N   1 
ATOM   732 C  CA  . HIS B 1 37 ? -9.328  10.296  -5.531  1.00 51.80 ? 162 HIS B CA  1 
ATOM   733 C  C   . HIS B 1 37 ? -9.239  9.325   -6.709  1.00 50.72 ? 162 HIS B C   1 
ATOM   734 O  O   . HIS B 1 37 ? -9.902  8.291   -6.706  1.00 50.21 ? 162 HIS B O   1 
ATOM   735 C  CB  . HIS B 1 37 ? -10.317 11.433  -5.863  1.00 52.44 ? 162 HIS B CB  1 
ATOM   736 C  CG  . HIS B 1 37 ? -11.613 10.965  -6.462  1.00 54.32 ? 162 HIS B CG  1 
ATOM   737 N  ND1 . HIS B 1 37 ? -12.487 10.130  -5.796  1.00 55.64 ? 162 HIS B ND1 1 
ATOM   738 C  CD2 . HIS B 1 37 ? -12.185 11.224  -7.665  1.00 56.56 ? 162 HIS B CD2 1 
ATOM   739 C  CE1 . HIS B 1 37 ? -13.535 9.889   -6.564  1.00 56.74 ? 162 HIS B CE1 1 
ATOM   740 N  NE2 . HIS B 1 37 ? -13.382 10.546  -7.701  1.00 56.64 ? 162 HIS B NE2 1 
ATOM   741 N  N   . TYR B 1 38 ? -8.419  9.654   -7.711  1.00 49.27 ? 163 TYR B N   1 
ATOM   742 C  CA  . TYR B 1 38 ? -8.287  8.787   -8.866  1.00 48.20 ? 163 TYR B CA  1 
ATOM   743 C  C   . TYR B 1 38 ? -7.500  7.521   -8.521  1.00 49.36 ? 163 TYR B C   1 
ATOM   744 O  O   . TYR B 1 38 ? -7.909  6.425   -8.946  1.00 50.29 ? 163 TYR B O   1 
ATOM   745 C  CB  . TYR B 1 38 ? -7.705  9.537   -10.067 1.00 46.57 ? 163 TYR B CB  1 
ATOM   746 C  CG  . TYR B 1 38 ? -8.643  10.582  -10.575 1.00 44.01 ? 163 TYR B CG  1 
ATOM   747 C  CD1 . TYR B 1 38 ? -8.305  11.927  -10.535 1.00 41.43 ? 163 TYR B CD1 1 
ATOM   748 C  CD2 . TYR B 1 38 ? -9.921  10.226  -11.044 1.00 42.50 ? 163 TYR B CD2 1 
ATOM   749 C  CE1 . TYR B 1 38 ? -9.208  12.905  -10.989 1.00 40.50 ? 163 TYR B CE1 1 
ATOM   750 C  CE2 . TYR B 1 38 ? -10.821 11.180  -11.471 1.00 40.65 ? 163 TYR B CE2 1 
ATOM   751 C  CZ  . TYR B 1 38 ? -10.454 12.517  -11.457 1.00 41.15 ? 163 TYR B CZ  1 
ATOM   752 O  OH  . TYR B 1 38 ? -11.348 13.461  -11.895 1.00 42.01 ? 163 TYR B OH  1 
ATOM   753 N  N   . GLN B 1 39 ? -6.422  7.661   -7.733  1.00 48.81 ? 164 GLN B N   1 
ATOM   754 C  CA  . GLN B 1 39 ? -5.708  6.504   -7.188  1.00 49.56 ? 164 GLN B CA  1 
ATOM   755 C  C   . GLN B 1 39 ? -6.617  5.593   -6.379  1.00 50.01 ? 164 GLN B C   1 
ATOM   756 O  O   . GLN B 1 39 ? -6.605  4.375   -6.577  1.00 50.17 ? 164 GLN B O   1 
ATOM   757 C  CB  . GLN B 1 39 ? -4.490  6.909   -6.353  1.00 48.97 ? 164 GLN B CB  1 
ATOM   758 C  CG  . GLN B 1 39 ? -3.424  7.606   -7.185  1.00 48.91 ? 164 GLN B CG  1 
ATOM   759 C  CD  . GLN B 1 39 ? -2.289  8.103   -6.342  1.00 48.70 ? 164 GLN B CD  1 
ATOM   760 O  OE1 . GLN B 1 39 ? -2.475  8.934   -5.438  1.00 50.87 ? 164 GLN B OE1 1 
ATOM   761 N  NE2 . GLN B 1 39 ? -1.103  7.594   -6.614  1.00 44.05 ? 164 GLN B NE2 1 
ATOM   762 N  N   . HIS B 1 40 ? -7.408  6.191   -5.492  1.00 50.86 ? 165 HIS B N   1 
ATOM   763 C  CA  . HIS B 1 40 ? -8.388  5.453   -4.689  1.00 51.62 ? 165 HIS B CA  1 
ATOM   764 C  C   . HIS B 1 40 ? -9.331  4.646   -5.545  1.00 51.96 ? 165 HIS B C   1 
ATOM   765 O  O   . HIS B 1 40 ? -9.740  3.565   -5.146  1.00 52.37 ? 165 HIS B O   1 
ATOM   766 C  CB  . HIS B 1 40 ? -9.233  6.410   -3.841  1.00 51.72 ? 165 HIS B CB  1 
ATOM   767 C  CG  . HIS B 1 40 ? -8.466  7.089   -2.754  1.00 52.19 ? 165 HIS B CG  1 
ATOM   768 N  ND1 . HIS B 1 40 ? -8.927  8.218   -2.109  1.00 55.10 ? 165 HIS B ND1 1 
ATOM   769 C  CD2 . HIS B 1 40 ? -7.270  6.800   -2.195  1.00 53.25 ? 165 HIS B CD2 1 
ATOM   770 C  CE1 . HIS B 1 40 ? -8.047  8.596   -1.198  1.00 54.21 ? 165 HIS B CE1 1 
ATOM   771 N  NE2 . HIS B 1 40 ? -7.035  7.748   -1.229  1.00 55.94 ? 165 HIS B NE2 1 
ATOM   772 N  N   . GLY B 1 41 ? -9.697  5.189   -6.708  1.00 52.44 ? 166 GLY B N   1 
ATOM   773 C  CA  . GLY B 1 41 ? -10.624 4.528   -7.621  1.00 52.75 ? 166 GLY B CA  1 
ATOM   774 C  C   . GLY B 1 41 ? -10.032 3.269   -8.221  1.00 53.20 ? 166 GLY B C   1 
ATOM   775 O  O   . GLY B 1 41 ? -10.708 2.243   -8.320  1.00 53.31 ? 166 GLY B O   1 
ATOM   776 N  N   A HIS B 1 42 ? -8.760  3.323   -8.609  0.50 53.48 ? 167 HIS B N   1 
ATOM   777 N  N   B HIS B 1 42 ? -8.770  3.365   -8.629  0.50 53.32 ? 167 HIS B N   1 
ATOM   778 C  CA  A HIS B 1 42 ? -8.127  2.165   -9.248  0.50 54.01 ? 167 HIS B CA  1 
ATOM   779 C  CA  B HIS B 1 42 ? -8.069  2.244   -9.226  0.50 53.69 ? 167 HIS B CA  1 
ATOM   780 C  C   A HIS B 1 42 ? -7.697  1.059   -8.275  0.50 54.43 ? 167 HIS B C   1 
ATOM   781 C  C   B HIS B 1 42 ? -7.990  1.109   -8.206  0.50 54.19 ? 167 HIS B C   1 
ATOM   782 O  O   A HIS B 1 42 ? -7.584  -0.099  -8.672  0.50 54.61 ? 167 HIS B O   1 
ATOM   783 O  O   B HIS B 1 42 ? -8.452  0.000   -8.485  0.50 54.02 ? 167 HIS B O   1 
ATOM   784 C  CB  A HIS B 1 42 ? -6.976  2.583   -10.166 0.50 53.99 ? 167 HIS B CB  1 
ATOM   785 C  CB  B HIS B 1 42 ? -6.671  2.671   -9.682  0.50 53.57 ? 167 HIS B CB  1 
ATOM   786 C  CG  A HIS B 1 42 ? -7.430  3.013   -11.526 0.50 54.45 ? 167 HIS B CG  1 
ATOM   787 C  CG  B HIS B 1 42 ? -6.171  1.932   -10.884 0.50 53.41 ? 167 HIS B CG  1 
ATOM   788 N  ND1 A HIS B 1 42 ? -7.507  4.336   -11.901 0.50 54.81 ? 167 HIS B ND1 1 
ATOM   789 N  ND1 B HIS B 1 42 ? -5.580  0.690   -10.803 0.50 54.31 ? 167 HIS B ND1 1 
ATOM   790 C  CD2 A HIS B 1 42 ? -7.868  2.294   -12.586 0.50 55.11 ? 167 HIS B CD2 1 
ATOM   791 C  CD2 B HIS B 1 42 ? -6.163  2.266   -12.197 0.50 53.17 ? 167 HIS B CD2 1 
ATOM   792 C  CE1 A HIS B 1 42 ? -7.955  4.413   -13.142 0.50 55.31 ? 167 HIS B CE1 1 
ATOM   793 C  CE1 B HIS B 1 42 ? -5.233  0.288   -12.014 0.50 53.38 ? 167 HIS B CE1 1 
ATOM   794 N  NE2 A HIS B 1 42 ? -8.181  3.188   -13.581 0.50 55.11 ? 167 HIS B NE2 1 
ATOM   795 N  NE2 B HIS B 1 42 ? -5.574  1.227   -12.877 0.50 52.80 ? 167 HIS B NE2 1 
ATOM   796 N  N   . ILE B 1 43 ? -7.465  1.402   -7.011  1.00 54.42 ? 168 ILE B N   1 
ATOM   797 C  CA  . ILE B 1 43 ? -7.246  0.363   -6.021  1.00 55.78 ? 168 ILE B CA  1 
ATOM   798 C  C   . ILE B 1 43 ? -8.595  -0.296  -5.596  1.00 56.60 ? 168 ILE B C   1 
ATOM   799 O  O   . ILE B 1 43 ? -8.696  -1.525  -5.520  1.00 56.30 ? 168 ILE B O   1 
ATOM   800 C  CB  . ILE B 1 43 ? -6.218  0.729   -4.853  1.00 56.24 ? 168 ILE B CB  1 
ATOM   801 C  CG1 . ILE B 1 43 ? -6.918  1.121   -3.569  1.00 57.38 ? 168 ILE B CG1 1 
ATOM   802 C  CG2 . ILE B 1 43 ? -5.120  1.714   -5.277  1.00 54.64 ? 168 ILE B CG2 1 
ATOM   803 C  CD1 . ILE B 1 43 ? -7.046  -0.083  -2.652  1.00 58.76 ? 168 ILE B CD1 1 
ATOM   804 N  N   . ASN B 1 44 ? -9.631  0.513   -5.387  1.00 57.17 ? 169 ASN B N   1 
ATOM   805 C  CA  . ASN B 1 44 ? -10.955 -0.027  -5.112  1.00 57.84 ? 169 ASN B CA  1 
ATOM   806 C  C   . ASN B 1 44 ? -11.409 -1.022  -6.183  1.00 58.59 ? 169 ASN B C   1 
ATOM   807 O  O   . ASN B 1 44 ? -11.856 -2.135  -5.874  1.00 58.51 ? 169 ASN B O   1 
ATOM   808 C  CB  . ASN B 1 44 ? -11.974 1.098   -4.966  1.00 57.74 ? 169 ASN B CB  1 
ATOM   809 C  CG  . ASN B 1 44 ? -13.408 0.582   -4.848  1.00 57.71 ? 169 ASN B CG  1 
ATOM   810 O  OD1 . ASN B 1 44 ? -13.806 0.051   -3.811  1.00 57.84 ? 169 ASN B OD1 1 
ATOM   811 N  ND2 . ASN B 1 44 ? -14.186 0.740   -5.915  1.00 56.47 ? 169 ASN B ND2 1 
ATOM   812 N  N   . SER B 1 45 ? -11.269 -0.621  -7.442  1.00 59.48 ? 170 SER B N   1 
ATOM   813 C  CA  . SER B 1 45 ? -11.635 -1.460  -8.581  1.00 60.41 ? 170 SER B CA  1 
ATOM   814 C  C   . SER B 1 45 ? -10.759 -2.721  -8.723  1.00 61.04 ? 170 SER B C   1 
ATOM   815 O  O   . SER B 1 45 ? -11.108 -3.661  -9.428  1.00 61.17 ? 170 SER B O   1 
ATOM   816 C  CB  . SER B 1 45 ? -11.654 -0.608  -9.856  1.00 60.44 ? 170 SER B CB  1 
ATOM   817 O  OG  . SER B 1 45 ? -10.831 -1.152  -10.863 1.00 61.52 ? 170 SER B OG  1 
ATOM   818 N  N   . TYR B 1 46 ? -9.636  -2.742  -8.023  1.00 62.18 ? 171 TYR B N   1 
ATOM   819 C  CA  . TYR B 1 46 ? -8.756  -3.894  -7.991  1.00 62.99 ? 171 TYR B CA  1 
ATOM   820 C  C   . TYR B 1 46 ? -9.104  -4.800  -6.810  1.00 64.03 ? 171 TYR B C   1 
ATOM   821 O  O   . TYR B 1 46 ? -9.104  -6.024  -6.926  1.00 64.06 ? 171 TYR B O   1 
ATOM   822 C  CB  . TYR B 1 46 ? -7.320  -3.406  -7.868  1.00 62.94 ? 171 TYR B CB  1 
ATOM   823 C  CG  . TYR B 1 46 ? -6.316  -4.497  -7.652  1.00 62.20 ? 171 TYR B CG  1 
ATOM   824 C  CD1 . TYR B 1 46 ? -5.814  -5.218  -8.735  1.00 62.38 ? 171 TYR B CD1 1 
ATOM   825 C  CD2 . TYR B 1 46 ? -5.857  -4.805  -6.373  1.00 59.25 ? 171 TYR B CD2 1 
ATOM   826 C  CE1 . TYR B 1 46 ? -4.891  -6.232  -8.554  1.00 62.81 ? 171 TYR B CE1 1 
ATOM   827 C  CE2 . TYR B 1 46 ? -4.926  -5.812  -6.179  1.00 59.85 ? 171 TYR B CE2 1 
ATOM   828 C  CZ  . TYR B 1 46 ? -4.450  -6.522  -7.270  1.00 62.13 ? 171 TYR B CZ  1 
ATOM   829 O  OH  . TYR B 1 46 ? -3.524  -7.525  -7.106  1.00 62.96 ? 171 TYR B OH  1 
ATOM   830 N  N   . LEU B 1 47 ? -9.394  -4.175  -5.675  1.00 65.47 ? 172 LEU B N   1 
ATOM   831 C  CA  . LEU B 1 47 ? -9.758  -4.867  -4.451  1.00 66.84 ? 172 LEU B CA  1 
ATOM   832 C  C   . LEU B 1 47 ? -11.110 -5.564  -4.553  1.00 68.37 ? 172 LEU B C   1 
ATOM   833 O  O   . LEU B 1 47 ? -11.284 -6.663  -4.031  1.00 68.19 ? 172 LEU B O   1 
ATOM   834 C  CB  . LEU B 1 47 ? -9.833  -3.862  -3.309  1.00 66.13 ? 172 LEU B CB  1 
ATOM   835 C  CG  . LEU B 1 47 ? -9.155  -4.175  -1.979  1.00 66.06 ? 172 LEU B CG  1 
ATOM   836 C  CD1 . LEU B 1 47 ? -9.918  -3.485  -0.872  1.00 65.05 ? 172 LEU B CD1 1 
ATOM   837 C  CD2 . LEU B 1 47 ? -9.020  -5.667  -1.699  1.00 62.89 ? 172 LEU B CD2 1 
ATOM   838 N  N   . LYS B 1 48 ? -12.066 -4.907  -5.210  1.00 70.68 ? 173 LYS B N   1 
ATOM   839 C  CA  . LYS B 1 48 ? -13.462 -5.353  -5.231  1.00 72.92 ? 173 LYS B CA  1 
ATOM   840 C  C   . LYS B 1 48 ? -13.702 -6.763  -5.814  1.00 74.43 ? 173 LYS B C   1 
ATOM   841 O  O   . LYS B 1 48 ? -14.444 -7.542  -5.212  1.00 74.60 ? 173 LYS B O   1 
ATOM   842 C  CB  . LYS B 1 48 ? -14.355 -4.301  -5.903  1.00 73.08 ? 173 LYS B CB  1 
ATOM   843 C  CG  . LYS B 1 48 ? -15.850 -4.446  -5.612  1.00 74.33 ? 173 LYS B CG  1 
ATOM   844 C  CD  . LYS B 1 48 ? -16.601 -3.116  -5.809  1.00 76.74 ? 173 LYS B CD  1 
ATOM   845 C  CE  . LYS B 1 48 ? -16.712 -2.694  -7.288  1.00 77.24 ? 173 LYS B CE  1 
ATOM   846 N  NZ  . LYS B 1 48 ? -17.500 -3.671  -8.099  1.00 77.48 ? 173 LYS B NZ  1 
ATOM   847 N  N   . PRO B 1 49 ? -13.087 -7.101  -6.972  1.00 76.07 ? 174 PRO B N   1 
ATOM   848 C  CA  . PRO B 1 49 ? -13.230 -8.469  -7.492  1.00 77.65 ? 174 PRO B CA  1 
ATOM   849 C  C   . PRO B 1 49 ? -12.638 -9.515  -6.557  1.00 79.25 ? 174 PRO B C   1 
ATOM   850 O  O   . PRO B 1 49 ? -13.020 -10.686 -6.610  1.00 79.45 ? 174 PRO B O   1 
ATOM   851 C  CB  . PRO B 1 49 ? -12.403 -8.447  -8.782  1.00 77.62 ? 174 PRO B CB  1 
ATOM   852 C  CG  . PRO B 1 49 ? -12.287 -7.023  -9.149  1.00 77.03 ? 174 PRO B CG  1 
ATOM   853 C  CD  . PRO B 1 49 ? -12.259 -6.275  -7.867  1.00 76.15 ? 174 PRO B CD  1 
HETATM 854 N  N   . MSE B 1 50 ? -11.721 -9.075  -5.704  1.00 81.03 ? 175 MSE B N   1 
HETATM 855 C  CA  . MSE B 1 50 ? -10.903 -9.961  -4.894  1.00 83.53 ? 175 MSE B CA  1 
HETATM 856 C  C   . MSE B 1 50 ? -11.510 -10.279 -3.530  1.00 82.96 ? 175 MSE B C   1 
HETATM 857 O  O   . MSE B 1 50 ? -10.969 -11.081 -2.772  1.00 82.94 ? 175 MSE B O   1 
HETATM 858 C  CB  . MSE B 1 50 ? -9.529  -9.333  -4.717  1.00 83.29 ? 175 MSE B CB  1 
HETATM 859 C  CG  . MSE B 1 50 ? -8.409  -10.314 -4.850  1.00 84.99 ? 175 MSE B CG  1 
HETATM 860 SE SE  . MSE B 1 50 ? -6.686  -9.423  -4.742  1.00 88.84 ? 175 MSE B SE  1 
HETATM 861 C  CE  . MSE B 1 50 ? -5.567  -10.952 -5.287  1.00 86.79 ? 175 MSE B CE  1 
ATOM   862 N  N   . LEU B 1 51 ? -12.629 -9.642  -3.218  1.00 83.32 ? 176 LEU B N   1 
ATOM   863 C  CA  . LEU B 1 51 ? -13.314 -9.879  -1.957  1.00 83.67 ? 176 LEU B CA  1 
ATOM   864 C  C   . LEU B 1 51 ? -14.269 -11.073 -2.032  1.00 83.92 ? 176 LEU B C   1 
ATOM   865 O  O   . LEU B 1 51 ? -14.954 -11.387 -1.056  1.00 83.98 ? 176 LEU B O   1 
ATOM   866 C  CB  . LEU B 1 51 ? -14.068 -8.619  -1.520  1.00 83.60 ? 176 LEU B CB  1 
ATOM   867 C  CG  . LEU B 1 51 ? -13.217 -7.410  -1.127  1.00 83.54 ? 176 LEU B CG  1 
ATOM   868 C  CD1 . LEU B 1 51 ? -14.013 -6.125  -1.314  1.00 83.84 ? 176 LEU B CD1 1 
ATOM   869 C  CD2 . LEU B 1 51 ? -12.722 -7.542  0.303   1.00 83.21 ? 176 LEU B CD2 1 
ATOM   870 N  N   . GLN B 1 52 ? -14.298 -11.742 -3.185  1.00 84.27 ? 177 GLN B N   1 
ATOM   871 C  CA  . GLN B 1 52 ? -15.241 -12.836 -3.433  1.00 84.67 ? 177 GLN B CA  1 
ATOM   872 C  C   . GLN B 1 52 ? -14.562 -14.142 -3.866  1.00 84.60 ? 177 GLN B C   1 
ATOM   873 O  O   . GLN B 1 52 ? -13.342 -14.201 -4.050  1.00 84.45 ? 177 GLN B O   1 
ATOM   874 C  CB  . GLN B 1 52 ? -16.286 -12.400 -4.470  1.00 84.85 ? 177 GLN B CB  1 
ATOM   875 C  CG  . GLN B 1 52 ? -17.275 -11.328 -3.976  1.00 85.40 ? 177 GLN B CG  1 
ATOM   876 C  CD  . GLN B 1 52 ? -18.512 -11.919 -3.293  1.00 86.46 ? 177 GLN B CD  1 
ATOM   877 O  OE1 . GLN B 1 52 ? -19.644 -11.667 -3.713  1.00 85.89 ? 177 GLN B OE1 1 
ATOM   878 N  NE2 . GLN B 1 52 ? -18.297 -12.712 -2.243  1.00 86.71 ? 177 GLN B NE2 1 
HETATM 879 CD CD  . CD  C 2 .  ? -3.829  12.210  -8.746  0.50 27.16 ? 100 CD  A CD  1 
HETATM 880 O  O   . HOH D 3 .  ? 1.643   11.609  -11.749 1.00 62.06 ? 2   HOH A O   1 
HETATM 881 O  O   . HOH D 3 .  ? 2.295   8.544   -13.037 1.00 70.71 ? 4   HOH A O   1 
HETATM 882 O  O   . HOH D 3 .  ? 12.565  -2.530  17.295  1.00 79.51 ? 8   HOH A O   1 
HETATM 883 O  O   . HOH D 3 .  ? 5.296   -3.065  -7.823  1.00 66.48 ? 10  HOH A O   1 
HETATM 884 O  O   . HOH D 3 .  ? 4.846   -0.067  -8.970  1.00 84.75 ? 11  HOH A O   1 
HETATM 885 O  O   . HOH E 3 .  ? 11.965  6.935   -4.106  1.00 54.13 ? 3   HOH B O   1 
HETATM 886 O  O   . HOH E 3 .  ? 15.440  0.117   -10.154 1.00 52.89 ? 5   HOH B O   1 
HETATM 887 O  O   . HOH E 3 .  ? 18.621  7.453   -11.476 1.00 74.66 ? 6   HOH B O   1 
HETATM 888 O  O   . HOH E 3 .  ? 15.868  -3.658  -4.345  0.50 24.09 ? 7   HOH B O   1 
HETATM 889 O  O   . HOH E 3 .  ? -8.153  14.215  -4.489  1.00 53.03 ? 9   HOH B O   1 
HETATM 890 O  O   . HOH E 3 .  ? 0.239   -13.939 8.370   1.00 67.57 ? 12  HOH B O   1 
# 
